data_4GYY
#
_entry.id   4GYY
#
_cell.length_a   98.520
_cell.length_b   136.480
_cell.length_c   152.770
_cell.angle_alpha   90.00
_cell.angle_beta   103.51
_cell.angle_gamma   90.00
#
_symmetry.space_group_name_H-M   'I 1 2 1'
#
loop_
_entity.id
_entity.type
_entity.pdbx_description
1 polymer 'UDP-N-acetylglucosamine--peptide N-acetylglucosaminyltransferase 110 kDa subunit'
2 polymer 'Casein kinase II subunit alpha'
3 non-polymer '(2S,3R,4R,5S,6R)-3-(acetylamino)-4,5-dihydroxy-6-(hydroxymethyl)tetrahydro-2H-thiopyran-2-yl [(2R,3S,4R,5R)-5-(2,4-dioxo-3,4-dihydropyrimidin-1(2H)-yl)-3,4-dihydroxytetrahydrofuran-2-yl]methyl dihydrogen diphosphate'
4 non-polymer 'SULFATE ION'
5 water water
#
loop_
_entity_poly.entity_id
_entity_poly.type
_entity_poly.pdbx_seq_one_letter_code
_entity_poly.pdbx_strand_id
1 'polypeptide(L)'
;GPGSCPTHADSLNNLANIKREQGNIEEAVRLYRKALEVFPEFAAAHSNLASVLQQQGKLQEALMHYKEAIRISPTFADAY
SNMGNTLKEMQDVQGALQCYTRAIQINPAFADAHSNLASIHKDSGNIPEAIASYRTALKLKPDFPDAYCNLAHCLQIVCD
WTDYDERMKKLVSIVADQLEKNRLPSVHPHHSMLYPLSHGFRKAIAERHGNLCLDKINVLHKPPYEHPKDLKLSDGRLRV
GYVSSDFGNHPTSHLMQSIPGMHNPDKFEVFCYALSPDDGTNFRVKVMAEANHFIDLSQIPCNGKAADRIHQDGIHILVN
MNGYTKGARNELFALRPAPIQAMWLGYPGTSGALFMDYIITDQETSPAEVAEQYSEKLAYMPHTFFIGDHANMFPHLKKK
AVIDFKSNGHIYDNRIVLNGIDLKAFLDSLPDVKIVKMKCPDGGDNADSSNTALNMPVIPMNTIAEAVIEMINRGQIQIT
INGFSISNGLATTQINNKAATGEEVPRTIIVTTRSQYGLPEDAIVYCNFNQLYKIDPSTLQMWANILKRVPNSVLWLLRF
PAVGEPNIQQYAQNMGLPQNRIIFSPVAPKEEHVRRGQLADVCLDTPLCNGHTTGMDVLWAGTPMVTMPGETLASRVAAS
QLTCLGCLELIAKNRQEYEDIAVKLGTDLEYLKKVRGKVWKQRISSPLFNTKQYTMELERLYLQMWEHYAAGNKPDHMIK
PVE
;
A,C
2 'polypeptide(L)' YPGGSTPVSSANMM B,D
#
loop_
_chem_comp.id
_chem_comp.type
_chem_comp.name
_chem_comp.formula
12V non-polymer '(2S,3R,4R,5S,6R)-3-(acetylamino)-4,5-dihydroxy-6-(hydroxymethyl)tetrahydro-2H-thiopyran-2-yl [(2R,3S,4R,5R)-5-(2,4-dioxo-3,4-dihydropyrimidin-1(2H)-yl)-3,4-dihydroxytetrahydrofuran-2-yl]methyl dihydrogen diphosphate' 'C17 H27 N3 O16 P2 S'
SO4 non-polymer 'SULFATE ION' 'O4 S -2'
#
# COMPACT_ATOMS: atom_id res chain seq x y z
N PRO A 6 9.32 -16.17 63.44
CA PRO A 6 10.42 -17.14 63.24
C PRO A 6 9.90 -18.55 63.03
N THR A 7 9.63 -19.27 64.10
CA THR A 7 9.15 -20.64 64.03
C THR A 7 7.76 -20.69 63.39
N HIS A 8 6.91 -19.73 63.76
CA HIS A 8 5.58 -19.62 63.19
C HIS A 8 5.65 -19.33 61.69
N ALA A 9 6.57 -18.44 61.32
CA ALA A 9 6.73 -18.06 59.92
C ALA A 9 7.24 -19.24 59.08
N ASP A 10 8.15 -20.02 59.65
CA ASP A 10 8.68 -21.20 58.99
C ASP A 10 7.55 -22.17 58.64
N SER A 11 6.65 -22.37 59.60
N SER A 11 6.65 -22.37 59.60
CA SER A 11 5.52 -23.27 59.41
CA SER A 11 5.51 -23.27 59.41
C SER A 11 4.58 -22.76 58.32
C SER A 11 4.58 -22.76 58.32
N LEU A 12 4.34 -21.45 58.31
CA LEU A 12 3.48 -20.83 57.29
C LEU A 12 4.08 -20.96 55.88
N ASN A 13 5.39 -20.77 55.78
CA ASN A 13 6.08 -20.93 54.51
C ASN A 13 6.00 -22.37 54.02
N ASN A 14 6.08 -23.31 54.96
CA ASN A 14 5.94 -24.72 54.65
C ASN A 14 4.55 -25.04 54.09
N LEU A 15 3.51 -24.55 54.77
CA LEU A 15 2.13 -24.78 54.35
C LEU A 15 1.86 -24.17 52.98
N ALA A 16 2.47 -23.02 52.72
CA ALA A 16 2.35 -22.38 51.43
C ALA A 16 3.00 -23.24 50.35
N ASN A 17 4.16 -23.80 50.68
CA ASN A 17 4.84 -24.74 49.79
C ASN A 17 3.99 -25.99 49.58
N ILE A 18 3.39 -26.46 50.67
CA ILE A 18 2.47 -27.60 50.61
C ILE A 18 1.32 -27.30 49.65
N LYS A 19 0.68 -26.16 49.85
CA LYS A 19 -0.43 -25.74 49.02
C LYS A 19 0.03 -25.43 47.59
N ARG A 20 1.31 -25.10 47.45
CA ARG A 20 1.90 -24.82 46.14
C ARG A 20 1.96 -26.09 45.29
N GLU A 21 2.37 -27.19 45.92
CA GLU A 21 2.49 -28.47 45.23
C GLU A 21 1.12 -29.06 44.91
N GLN A 22 0.13 -28.74 45.74
CA GLN A 22 -1.23 -29.21 45.52
C GLN A 22 -1.82 -28.62 44.25
N GLY A 23 -1.43 -27.39 43.95
CA GLY A 23 -1.95 -26.68 42.79
C GLY A 23 -2.71 -25.44 43.20
N ASN A 24 -3.06 -25.36 44.48
CA ASN A 24 -3.76 -24.19 45.00
C ASN A 24 -2.79 -23.01 45.13
N ILE A 25 -2.61 -22.30 44.02
CA ILE A 25 -1.62 -21.24 43.93
C ILE A 25 -2.00 -19.99 44.72
N GLU A 26 -3.29 -19.63 44.69
CA GLU A 26 -3.76 -18.46 45.41
C GLU A 26 -3.67 -18.63 46.93
N GLU A 27 -3.92 -19.84 47.40
CA GLU A 27 -3.76 -20.14 48.82
C GLU A 27 -2.29 -20.07 49.21
N ALA A 28 -1.42 -20.49 48.30
CA ALA A 28 0.02 -20.41 48.52
C ALA A 28 0.45 -18.96 48.69
N VAL A 29 -0.03 -18.10 47.80
CA VAL A 29 0.26 -16.68 47.88
C VAL A 29 -0.23 -16.09 49.20
N ARG A 30 -1.47 -16.43 49.56
CA ARG A 30 -2.07 -15.98 50.81
C ARG A 30 -1.24 -16.40 52.03
N LEU A 31 -0.76 -17.64 52.01
CA LEU A 31 0.02 -18.17 53.13
C LEU A 31 1.45 -17.59 53.18
N TYR A 32 2.04 -17.33 52.01
CA TYR A 32 3.35 -16.69 51.94
C TYR A 32 3.28 -15.29 52.56
N ARG A 33 2.22 -14.56 52.23
CA ARG A 33 2.03 -13.21 52.76
C ARG A 33 1.85 -13.23 54.28
N LYS A 34 1.19 -14.26 54.78
CA LYS A 34 0.97 -14.39 56.21
C LYS A 34 2.29 -14.68 56.93
N ALA A 35 3.17 -15.41 56.27
CA ALA A 35 4.50 -15.68 56.78
C ALA A 35 5.29 -14.38 56.90
N LEU A 36 5.19 -13.55 55.87
CA LEU A 36 5.85 -12.25 55.86
C LEU A 36 5.25 -11.34 56.92
N GLU A 37 3.96 -11.52 57.20
CA GLU A 37 3.29 -10.74 58.23
C GLU A 37 3.85 -11.08 59.61
N VAL A 38 4.15 -12.37 59.82
CA VAL A 38 4.71 -12.83 61.09
C VAL A 38 6.19 -12.46 61.21
N PHE A 39 6.95 -12.77 60.17
CA PHE A 39 8.38 -12.48 60.15
C PHE A 39 8.76 -11.82 58.83
N PRO A 40 8.72 -10.48 58.78
CA PRO A 40 8.98 -9.66 57.58
C PRO A 40 10.32 -9.97 56.91
N GLU A 41 11.35 -10.25 57.69
CA GLU A 41 12.69 -10.48 57.15
C GLU A 41 12.93 -11.95 56.81
N PHE A 42 12.02 -12.54 56.06
CA PHE A 42 12.11 -13.95 55.70
C PHE A 42 12.49 -14.10 54.24
N ALA A 43 13.79 -14.24 53.98
CA ALA A 43 14.32 -14.32 52.62
C ALA A 43 13.69 -15.45 51.79
N ALA A 44 13.57 -16.62 52.40
CA ALA A 44 13.02 -17.79 51.71
C ALA A 44 11.57 -17.57 51.30
N ALA A 45 10.80 -16.90 52.15
CA ALA A 45 9.39 -16.62 51.88
C ALA A 45 9.24 -15.63 50.73
N HIS A 46 10.06 -14.60 50.73
CA HIS A 46 10.08 -13.63 49.63
C HIS A 46 10.44 -14.32 48.32
N SER A 47 11.45 -15.18 48.38
CA SER A 47 11.95 -15.86 47.19
C SER A 47 10.90 -16.83 46.64
N ASN A 48 10.19 -17.52 47.52
CA ASN A 48 9.15 -18.45 47.11
C ASN A 48 7.94 -17.75 46.52
N LEU A 49 7.51 -16.68 47.18
CA LEU A 49 6.37 -15.89 46.70
C LEU A 49 6.69 -15.26 45.35
N ALA A 50 7.94 -14.81 45.19
CA ALA A 50 8.37 -14.22 43.93
C ALA A 50 8.29 -15.24 42.80
N SER A 51 8.75 -16.45 43.07
CA SER A 51 8.71 -17.51 42.08
C SER A 51 7.28 -17.83 41.67
N VAL A 52 6.39 -17.86 42.66
CA VAL A 52 4.97 -18.15 42.42
C VAL A 52 4.32 -17.05 41.60
N LEU A 53 4.63 -15.80 41.92
CA LEU A 53 4.10 -14.66 41.18
C LEU A 53 4.64 -14.67 39.75
N GLN A 54 5.92 -15.02 39.60
CA GLN A 54 6.55 -15.10 38.29
C GLN A 54 5.87 -16.15 37.41
N GLN A 55 5.51 -17.28 38.04
CA GLN A 55 4.80 -18.34 37.33
C GLN A 55 3.40 -17.90 36.92
N GLN A 56 2.80 -17.03 37.72
CA GLN A 56 1.46 -16.50 37.42
C GLN A 56 1.53 -15.42 36.35
N GLY A 57 2.74 -15.00 36.00
CA GLY A 57 2.93 -13.96 35.00
C GLY A 57 2.93 -12.57 35.60
N LYS A 58 2.86 -12.49 36.91
CA LYS A 58 2.88 -11.21 37.62
C LYS A 58 4.33 -10.78 37.87
N LEU A 59 4.99 -10.33 36.81
CA LEU A 59 6.44 -10.10 36.83
C LEU A 59 6.88 -8.91 37.68
N GLN A 60 6.16 -7.80 37.61
CA GLN A 60 6.50 -6.62 38.40
C GLN A 60 6.41 -6.91 39.89
N GLU A 61 5.39 -7.68 40.27
CA GLU A 61 5.17 -8.02 41.67
C GLU A 61 6.23 -9.02 42.14
N ALA A 62 6.61 -9.93 41.25
CA ALA A 62 7.64 -10.90 41.57
C ALA A 62 8.96 -10.20 41.84
N LEU A 63 9.25 -9.19 41.02
CA LEU A 63 10.47 -8.39 41.15
C LEU A 63 10.60 -7.73 42.53
N MET A 64 9.49 -7.25 43.07
CA MET A 64 9.48 -6.66 44.41
C MET A 64 10.07 -7.61 45.44
N HIS A 65 9.62 -8.86 45.39
CA HIS A 65 10.00 -9.84 46.39
C HIS A 65 11.40 -10.39 46.20
N TYR A 66 11.84 -10.47 44.95
CA TYR A 66 13.23 -10.82 44.68
C TYR A 66 14.16 -9.78 45.28
N LYS A 67 13.80 -8.51 45.13
CA LYS A 67 14.61 -7.43 45.68
C LYS A 67 14.68 -7.51 47.21
N GLU A 68 13.61 -7.96 47.84
CA GLU A 68 13.59 -8.17 49.28
C GLU A 68 14.55 -9.29 49.67
N ALA A 69 14.42 -10.43 48.98
CA ALA A 69 15.23 -11.61 49.27
C ALA A 69 16.72 -11.32 49.22
N ILE A 70 17.16 -10.62 48.16
CA ILE A 70 18.60 -10.36 47.98
C ILE A 70 19.17 -9.42 49.04
N ARG A 71 18.34 -8.52 49.55
CA ARG A 71 18.78 -7.62 50.62
CA ARG A 71 18.76 -7.61 50.62
C ARG A 71 18.96 -8.38 51.93
N ILE A 72 17.95 -9.15 52.30
CA ILE A 72 17.98 -9.91 53.55
C ILE A 72 19.15 -10.90 53.54
N SER A 73 19.36 -11.57 52.42
CA SER A 73 20.44 -12.54 52.28
CA SER A 73 20.44 -12.54 52.28
C SER A 73 21.34 -12.18 51.10
N PRO A 74 22.45 -11.49 51.37
CA PRO A 74 23.39 -11.04 50.33
C PRO A 74 24.12 -12.20 49.63
N THR A 75 24.08 -13.39 50.21
CA THR A 75 24.72 -14.54 49.60
C THR A 75 23.71 -15.43 48.89
N PHE A 76 22.49 -14.94 48.74
CA PHE A 76 21.41 -15.68 48.11
C PHE A 76 21.57 -15.66 46.59
N ALA A 77 22.57 -16.39 46.10
CA ALA A 77 22.84 -16.44 44.66
C ALA A 77 21.63 -16.91 43.85
N ASP A 78 20.90 -17.87 44.39
CA ASP A 78 19.74 -18.43 43.72
C ASP A 78 18.68 -17.36 43.47
N ALA A 79 18.52 -16.45 44.43
CA ALA A 79 17.59 -15.35 44.28
C ALA A 79 17.99 -14.41 43.16
N TYR A 80 19.28 -14.08 43.10
CA TYR A 80 19.80 -13.25 42.01
C TYR A 80 19.54 -13.91 40.65
N SER A 81 19.76 -15.22 40.59
CA SER A 81 19.57 -15.97 39.35
C SER A 81 18.11 -15.94 38.91
N ASN A 82 17.22 -16.26 39.84
CA ASN A 82 15.78 -16.26 39.52
C ASN A 82 15.27 -14.86 39.19
N MET A 83 15.83 -13.85 39.87
CA MET A 83 15.48 -12.47 39.56
C MET A 83 15.93 -12.13 38.13
N GLY A 84 17.06 -12.69 37.72
CA GLY A 84 17.54 -12.50 36.37
C GLY A 84 16.56 -13.10 35.37
N ASN A 85 16.07 -14.29 35.66
CA ASN A 85 15.08 -14.95 34.81
C ASN A 85 13.84 -14.09 34.63
N THR A 86 13.42 -13.44 35.71
CA THR A 86 12.26 -12.56 35.66
C THR A 86 12.50 -11.34 34.78
N LEU A 87 13.66 -10.70 34.97
CA LEU A 87 14.03 -9.55 34.14
C LEU A 87 14.12 -9.91 32.66
N LYS A 88 14.65 -11.09 32.38
CA LYS A 88 14.73 -11.58 31.00
C LYS A 88 13.34 -11.64 30.38
N GLU A 89 12.38 -12.14 31.15
CA GLU A 89 11.01 -12.27 30.68
C GLU A 89 10.34 -10.90 30.51
N MET A 90 10.79 -9.93 31.32
CA MET A 90 10.32 -8.56 31.21
C MET A 90 11.04 -7.80 30.10
N GLN A 91 11.90 -8.52 29.39
CA GLN A 91 12.69 -7.98 28.29
C GLN A 91 13.69 -6.91 28.74
N ASP A 92 14.19 -7.06 29.97
CA ASP A 92 15.28 -6.23 30.46
C ASP A 92 16.54 -7.08 30.40
N VAL A 93 17.13 -7.19 29.22
CA VAL A 93 18.28 -8.07 29.00
C VAL A 93 19.50 -7.62 29.80
N GLN A 94 19.74 -6.32 29.86
CA GLN A 94 20.88 -5.81 30.61
C GLN A 94 20.74 -6.09 32.10
N GLY A 95 19.53 -5.89 32.63
CA GLY A 95 19.27 -6.16 34.03
C GLY A 95 19.42 -7.63 34.37
N ALA A 96 18.96 -8.49 33.47
CA ALA A 96 19.08 -9.93 33.67
C ALA A 96 20.53 -10.35 33.73
N LEU A 97 21.33 -9.82 32.80
CA LEU A 97 22.75 -10.13 32.77
C LEU A 97 23.44 -9.68 34.06
N GLN A 98 23.05 -8.52 34.59
CA GLN A 98 23.60 -8.05 35.86
C GLN A 98 23.32 -9.04 36.98
N CYS A 99 22.10 -9.56 37.01
CA CYS A 99 21.71 -10.50 38.06
C CYS A 99 22.44 -11.82 37.95
N TYR A 100 22.57 -12.32 36.72
CA TYR A 100 23.32 -13.55 36.51
C TYR A 100 24.78 -13.35 36.87
N THR A 101 25.33 -12.21 36.49
CA THR A 101 26.73 -11.90 36.76
C THR A 101 27.00 -11.86 38.27
N ARG A 102 26.07 -11.25 39.01
CA ARG A 102 26.22 -11.20 40.47
C ARG A 102 26.11 -12.59 41.09
N ALA A 103 25.18 -13.40 40.60
CA ALA A 103 25.02 -14.76 41.09
C ALA A 103 26.32 -15.55 40.96
N ILE A 104 27.01 -15.36 39.84
CA ILE A 104 28.28 -16.05 39.58
C ILE A 104 29.42 -15.50 40.44
N GLN A 105 29.40 -14.20 40.71
CA GLN A 105 30.37 -13.59 41.61
C GLN A 105 30.19 -14.10 43.03
N ILE A 106 28.94 -14.19 43.46
CA ILE A 106 28.62 -14.71 44.79
C ILE A 106 29.02 -16.19 44.91
N ASN A 107 28.68 -16.98 43.90
CA ASN A 107 29.00 -18.41 43.88
C ASN A 107 29.52 -18.86 42.51
N PRO A 108 30.86 -18.88 42.35
CA PRO A 108 31.48 -19.24 41.07
C PRO A 108 31.12 -20.65 40.58
N ALA A 109 30.66 -21.50 41.48
CA ALA A 109 30.36 -22.89 41.15
C ALA A 109 28.87 -23.12 40.87
N PHE A 110 28.10 -22.03 40.85
CA PHE A 110 26.67 -22.08 40.61
C PHE A 110 26.40 -22.38 39.14
N ALA A 111 26.25 -23.66 38.81
CA ALA A 111 26.08 -24.10 37.42
C ALA A 111 24.90 -23.46 36.68
N ASP A 112 23.76 -23.36 37.36
CA ASP A 112 22.54 -22.81 36.76
C ASP A 112 22.72 -21.36 36.27
N ALA A 113 23.46 -20.56 37.03
CA ALA A 113 23.67 -19.16 36.70
C ALA A 113 24.51 -19.01 35.43
N HIS A 114 25.51 -19.88 35.30
CA HIS A 114 26.35 -19.89 34.10
C HIS A 114 25.53 -20.25 32.88
N SER A 115 24.61 -21.19 33.05
CA SER A 115 23.73 -21.61 31.96
C SER A 115 22.77 -20.47 31.61
N ASN A 116 22.25 -19.78 32.62
CA ASN A 116 21.35 -18.67 32.36
C ASN A 116 22.07 -17.53 31.64
N LEU A 117 23.32 -17.28 32.01
CA LEU A 117 24.13 -16.26 31.35
C LEU A 117 24.43 -16.63 29.90
N ALA A 118 24.73 -17.91 29.69
CA ALA A 118 24.93 -18.43 28.34
C ALA A 118 23.74 -18.15 27.44
N SER A 119 22.52 -18.33 27.98
CA SER A 119 21.30 -18.14 27.20
C SER A 119 21.05 -16.68 26.78
N ILE A 120 21.50 -15.73 27.60
CA ILE A 120 21.44 -14.32 27.24
C ILE A 120 22.37 -14.06 26.07
N HIS A 121 23.58 -14.60 26.15
CA HIS A 121 24.54 -14.50 25.06
C HIS A 121 23.98 -15.11 23.79
N LYS A 122 23.39 -16.30 23.91
CA LYS A 122 22.79 -17.00 22.77
C LYS A 122 21.67 -16.18 22.14
N ASP A 123 20.76 -15.68 22.98
CA ASP A 123 19.63 -14.90 22.48
C ASP A 123 20.10 -13.57 21.89
N SER A 124 21.26 -13.11 22.33
CA SER A 124 21.82 -11.85 21.85
C SER A 124 22.66 -12.06 20.60
N GLY A 125 22.76 -13.30 20.14
CA GLY A 125 23.49 -13.62 18.93
C GLY A 125 24.99 -13.80 19.14
N ASN A 126 25.42 -13.87 20.39
CA ASN A 126 26.82 -14.06 20.72
C ASN A 126 27.10 -15.54 21.01
N ILE A 127 27.19 -16.34 19.95
CA ILE A 127 27.33 -17.78 20.10
C ILE A 127 28.63 -18.26 20.77
N PRO A 128 29.80 -17.74 20.33
CA PRO A 128 31.04 -18.19 20.97
C PRO A 128 31.06 -17.95 22.48
N GLU A 129 30.42 -16.87 22.91
CA GLU A 129 30.35 -16.57 24.34
C GLU A 129 29.32 -17.46 25.05
N ALA A 130 28.22 -17.74 24.35
CA ALA A 130 27.21 -18.66 24.85
C ALA A 130 27.81 -20.05 25.08
N ILE A 131 28.50 -20.54 24.07
CA ILE A 131 29.19 -21.83 24.14
C ILE A 131 30.15 -21.91 25.33
N ALA A 132 30.94 -20.86 25.51
CA ALA A 132 31.91 -20.80 26.61
C ALA A 132 31.23 -20.94 27.96
N SER A 133 30.13 -20.22 28.16
CA SER A 133 29.40 -20.26 29.43
C SER A 133 28.67 -21.60 29.65
N TYR A 134 28.11 -22.17 28.59
CA TYR A 134 27.50 -23.51 28.68
C TYR A 134 28.52 -24.58 29.07
N ARG A 135 29.73 -24.45 28.53
CA ARG A 135 30.76 -25.44 28.83
C ARG A 135 31.22 -25.33 30.29
N THR A 136 31.21 -24.11 30.83
CA THR A 136 31.53 -23.91 32.23
C THR A 136 30.46 -24.55 33.12
N ALA A 137 29.20 -24.35 32.76
CA ALA A 137 28.08 -24.96 33.47
C ALA A 137 28.24 -26.48 33.51
N LEU A 138 28.57 -27.07 32.37
CA LEU A 138 28.72 -28.52 32.25
C LEU A 138 29.96 -29.05 32.94
N LYS A 139 30.97 -28.21 33.11
CA LYS A 139 32.17 -28.61 33.84
C LYS A 139 31.83 -28.70 35.33
N LEU A 140 31.02 -27.76 35.79
CA LEU A 140 30.58 -27.71 37.19
C LEU A 140 29.56 -28.81 37.46
N LYS A 141 28.64 -29.00 36.52
CA LYS A 141 27.60 -30.01 36.65
C LYS A 141 27.46 -30.80 35.37
N PRO A 142 28.19 -31.93 35.28
CA PRO A 142 28.21 -32.78 34.09
C PRO A 142 26.82 -33.27 33.69
N ASP A 143 25.96 -33.49 34.68
CA ASP A 143 24.59 -33.92 34.43
C ASP A 143 23.65 -32.71 34.45
N PHE A 144 23.52 -32.06 33.29
CA PHE A 144 22.77 -30.81 33.20
C PHE A 144 22.10 -30.74 31.83
N PRO A 145 20.91 -31.36 31.71
CA PRO A 145 20.18 -31.47 30.44
C PRO A 145 19.94 -30.13 29.74
N ASP A 146 19.52 -29.11 30.49
CA ASP A 146 19.25 -27.81 29.87
C ASP A 146 20.50 -27.24 29.20
N ALA A 147 21.62 -27.27 29.90
CA ALA A 147 22.87 -26.73 29.37
C ALA A 147 23.42 -27.58 28.22
N TYR A 148 23.31 -28.90 28.33
CA TYR A 148 23.83 -29.76 27.27
C TYR A 148 23.05 -29.55 25.97
N CYS A 149 21.72 -29.48 26.07
CA CYS A 149 20.87 -29.35 24.89
C CYS A 149 20.95 -27.96 24.26
N ASN A 150 21.04 -26.93 25.11
CA ASN A 150 21.21 -25.58 24.58
C ASN A 150 22.58 -25.42 23.92
N LEU A 151 23.60 -26.06 24.48
CA LEU A 151 24.93 -26.07 23.89
C LEU A 151 24.89 -26.75 22.52
N ALA A 152 24.16 -27.87 22.44
CA ALA A 152 24.06 -28.62 21.20
C ALA A 152 23.45 -27.77 20.10
N HIS A 153 22.48 -26.94 20.46
CA HIS A 153 21.85 -26.08 19.46
C HIS A 153 22.80 -24.96 19.03
N CYS A 154 23.57 -24.42 19.97
CA CYS A 154 24.62 -23.46 19.64
C CYS A 154 25.60 -24.04 18.62
N LEU A 155 26.03 -25.27 18.87
CA LEU A 155 26.97 -25.92 17.99
C LEU A 155 26.34 -26.17 16.62
N GLN A 156 25.03 -26.46 16.63
CA GLN A 156 24.30 -26.66 15.37
C GLN A 156 24.26 -25.37 14.56
N ILE A 157 23.99 -24.25 15.23
CA ILE A 157 23.93 -22.93 14.59
C ILE A 157 25.23 -22.58 13.86
N VAL A 158 26.37 -22.94 14.43
CA VAL A 158 27.65 -22.57 13.82
C VAL A 158 28.32 -23.71 13.07
N CYS A 159 27.60 -24.82 12.91
CA CYS A 159 28.10 -25.99 12.19
C CYS A 159 29.40 -26.51 12.81
N ASP A 160 29.42 -26.56 14.14
CA ASP A 160 30.47 -27.26 14.85
C ASP A 160 30.00 -28.69 15.06
N TRP A 161 30.66 -29.63 14.39
CA TRP A 161 30.22 -31.01 14.36
C TRP A 161 31.20 -31.92 15.08
N THR A 162 31.97 -31.36 16.01
CA THR A 162 32.90 -32.16 16.82
C THR A 162 32.12 -33.20 17.60
N ASP A 163 32.51 -34.47 17.46
CA ASP A 163 31.86 -35.58 18.16
C ASP A 163 30.36 -35.61 17.91
N TYR A 164 29.96 -35.30 16.68
CA TYR A 164 28.55 -35.14 16.31
C TYR A 164 27.69 -36.37 16.63
N ASP A 165 28.13 -37.54 16.19
CA ASP A 165 27.35 -38.77 16.35
C ASP A 165 27.08 -39.08 17.82
N GLU A 166 28.09 -38.89 18.66
CA GLU A 166 27.97 -39.10 20.09
C GLU A 166 27.07 -38.04 20.70
N ARG A 167 27.15 -36.83 20.17
CA ARG A 167 26.32 -35.73 20.66
C ARG A 167 24.85 -36.02 20.43
N MET A 168 24.53 -36.52 19.24
CA MET A 168 23.15 -36.86 18.90
C MET A 168 22.62 -37.98 19.78
N LYS A 169 23.45 -39.00 19.99
CA LYS A 169 23.06 -40.12 20.85
C LYS A 169 22.74 -39.64 22.27
N LYS A 170 23.58 -38.74 22.79
CA LYS A 170 23.38 -38.22 24.14
C LYS A 170 22.10 -37.41 24.23
N LEU A 171 21.83 -36.62 23.20
CA LEU A 171 20.62 -35.80 23.15
C LEU A 171 19.36 -36.64 23.19
N VAL A 172 19.36 -37.73 22.42
CA VAL A 172 18.24 -38.66 22.40
C VAL A 172 18.08 -39.31 23.78
N SER A 173 19.22 -39.67 24.37
CA SER A 173 19.21 -40.31 25.68
CA SER A 173 19.21 -40.30 25.68
C SER A 173 18.63 -39.39 26.74
N ILE A 174 19.01 -38.11 26.70
CA ILE A 174 18.54 -37.12 27.66
C ILE A 174 17.03 -36.93 27.55
N VAL A 175 16.54 -36.78 26.32
CA VAL A 175 15.11 -36.62 26.08
C VAL A 175 14.33 -37.85 26.55
N ALA A 176 14.86 -39.03 26.23
CA ALA A 176 14.22 -40.28 26.64
C ALA A 176 14.07 -40.34 28.16
N ASP A 177 15.08 -39.85 28.86
CA ASP A 177 15.09 -39.85 30.32
C ASP A 177 14.14 -38.81 30.90
N GLN A 178 14.14 -37.62 30.31
CA GLN A 178 13.27 -36.55 30.78
C GLN A 178 11.80 -36.88 30.59
N LEU A 179 11.47 -37.45 29.43
CA LEU A 179 10.11 -37.87 29.14
C LEU A 179 9.66 -38.96 30.10
N GLU A 180 10.58 -39.86 30.43
CA GLU A 180 10.30 -40.97 31.34
C GLU A 180 10.05 -40.47 32.76
N LYS A 181 10.84 -39.48 33.19
CA LYS A 181 10.73 -38.96 34.54
C LYS A 181 9.73 -37.81 34.63
N ASN A 182 8.90 -37.68 33.60
CA ASN A 182 7.84 -36.68 33.57
C ASN A 182 8.34 -35.25 33.79
N ARG A 183 9.39 -34.88 33.06
CA ARG A 183 9.91 -33.52 33.15
C ARG A 183 9.89 -32.86 31.77
N LEU A 184 10.00 -31.54 31.76
CA LEU A 184 10.01 -30.79 30.52
C LEU A 184 11.32 -30.99 29.78
N PRO A 185 11.27 -31.61 28.59
CA PRO A 185 12.47 -31.92 27.82
C PRO A 185 13.31 -30.67 27.51
N SER A 186 14.62 -30.81 27.51
CA SER A 186 15.52 -29.68 27.31
C SER A 186 15.71 -29.34 25.84
N VAL A 187 15.17 -30.19 24.96
CA VAL A 187 15.15 -29.89 23.54
C VAL A 187 13.83 -29.20 23.21
N HIS A 188 13.92 -28.05 22.57
CA HIS A 188 12.75 -27.29 22.18
C HIS A 188 12.07 -27.97 20.99
N PRO A 189 10.73 -28.03 20.99
CA PRO A 189 10.01 -28.71 19.91
C PRO A 189 10.29 -28.12 18.52
N HIS A 190 10.62 -26.84 18.46
CA HIS A 190 10.91 -26.22 17.16
C HIS A 190 12.26 -26.67 16.63
N HIS A 191 13.06 -27.29 17.50
CA HIS A 191 14.38 -27.77 17.13
C HIS A 191 14.41 -29.29 16.97
N SER A 192 13.33 -29.95 17.35
CA SER A 192 13.34 -31.42 17.45
C SER A 192 13.54 -32.13 16.11
N MET A 193 13.24 -31.45 15.01
CA MET A 193 13.46 -32.05 13.70
C MET A 193 14.95 -32.15 13.34
N LEU A 194 15.80 -31.45 14.09
CA LEU A 194 17.23 -31.43 13.78
C LEU A 194 18.00 -32.64 14.30
N TYR A 195 17.38 -33.39 15.22
CA TYR A 195 18.06 -34.48 15.92
C TYR A 195 17.37 -35.80 15.64
N PRO A 196 18.11 -36.91 15.66
CA PRO A 196 17.55 -38.22 15.30
C PRO A 196 16.64 -38.80 16.37
N LEU A 197 15.68 -37.99 16.85
CA LEU A 197 14.67 -38.45 17.79
C LEU A 197 13.59 -39.21 17.03
N SER A 198 12.88 -40.09 17.71
CA SER A 198 11.75 -40.78 17.09
C SER A 198 10.60 -39.80 16.89
N HIS A 199 9.69 -40.12 15.98
CA HIS A 199 8.51 -39.28 15.78
C HIS A 199 7.67 -39.28 17.05
N GLY A 200 7.67 -40.40 17.75
CA GLY A 200 7.00 -40.51 19.03
C GLY A 200 7.56 -39.53 20.04
N PHE A 201 8.89 -39.41 20.08
CA PHE A 201 9.55 -38.48 20.99
C PHE A 201 9.28 -37.04 20.62
N ARG A 202 9.32 -36.74 19.32
CA ARG A 202 9.09 -35.37 18.86
C ARG A 202 7.68 -34.91 19.17
N LYS A 203 6.70 -35.77 18.98
CA LYS A 203 5.31 -35.43 19.31
C LYS A 203 5.16 -35.29 20.82
N ALA A 204 5.91 -36.11 21.56
CA ALA A 204 5.85 -36.10 23.02
C ALA A 204 6.44 -34.81 23.59
N ILE A 205 7.53 -34.33 23.00
CA ILE A 205 8.12 -33.06 23.39
C ILE A 205 7.10 -31.93 23.21
N ALA A 206 6.49 -31.90 22.04
CA ALA A 206 5.48 -30.88 21.74
C ALA A 206 4.30 -30.95 22.71
N GLU A 207 3.87 -32.16 23.02
CA GLU A 207 2.75 -32.37 23.93
CA GLU A 207 2.75 -32.37 23.93
C GLU A 207 3.04 -31.80 25.32
N ARG A 208 4.29 -31.94 25.78
CA ARG A 208 4.70 -31.42 27.07
C ARG A 208 4.53 -29.90 27.13
N HIS A 209 4.88 -29.22 26.04
CA HIS A 209 4.74 -27.79 25.97
C HIS A 209 3.28 -27.37 25.89
N GLY A 210 2.48 -28.17 25.18
CA GLY A 210 1.04 -27.95 25.11
C GLY A 210 0.39 -28.05 26.48
N ASN A 211 0.94 -28.92 27.33
CA ASN A 211 0.44 -29.07 28.68
C ASN A 211 0.85 -27.92 29.60
N LEU A 212 1.94 -27.25 29.25
CA LEU A 212 2.34 -26.04 29.98
C LEU A 212 1.28 -24.97 29.84
N CYS A 213 0.74 -24.82 28.64
CA CYS A 213 -0.31 -23.84 28.39
C CYS A 213 -1.57 -24.19 29.17
N LEU A 214 -1.92 -25.47 29.17
CA LEU A 214 -3.07 -25.95 29.92
C LEU A 214 -2.93 -25.65 31.42
N ASP A 215 -1.73 -25.88 31.95
CA ASP A 215 -1.48 -25.63 33.36
C ASP A 215 -1.58 -24.14 33.71
N LYS A 216 -1.26 -23.29 32.74
CA LYS A 216 -1.33 -21.85 32.95
C LYS A 216 -2.77 -21.33 32.96
N ILE A 217 -3.62 -21.89 32.09
CA ILE A 217 -4.99 -21.42 31.98
C ILE A 217 -5.93 -22.04 33.02
N ASN A 218 -5.58 -23.22 33.52
CA ASN A 218 -6.43 -23.90 34.50
C ASN A 218 -6.58 -23.11 35.80
N VAL A 219 -5.61 -22.24 36.07
CA VAL A 219 -5.64 -21.43 37.28
C VAL A 219 -6.59 -20.23 37.12
N LEU A 220 -7.02 -19.98 35.88
CA LEU A 220 -8.02 -18.94 35.63
C LEU A 220 -9.39 -19.45 36.01
N HIS A 221 -9.52 -20.78 36.09
CA HIS A 221 -10.77 -21.44 36.45
C HIS A 221 -11.95 -21.00 35.57
N LYS A 222 -11.66 -20.80 34.28
CA LYS A 222 -12.69 -20.40 33.34
C LYS A 222 -13.43 -21.62 32.81
N PRO A 223 -14.77 -21.54 32.74
CA PRO A 223 -15.59 -22.62 32.21
C PRO A 223 -15.39 -22.76 30.70
N PRO A 224 -15.79 -23.92 30.13
CA PRO A 224 -15.75 -24.07 28.68
C PRO A 224 -16.69 -23.10 28.00
N TYR A 225 -16.24 -22.50 26.90
CA TYR A 225 -17.03 -21.52 26.17
C TYR A 225 -18.21 -22.18 25.44
N GLU A 226 -19.28 -21.42 25.25
CA GLU A 226 -20.37 -21.84 24.39
C GLU A 226 -20.05 -21.48 22.95
N HIS A 227 -20.02 -22.49 22.09
CA HIS A 227 -19.64 -22.27 20.69
C HIS A 227 -20.88 -22.18 19.80
N PRO A 228 -20.80 -21.38 18.72
CA PRO A 228 -21.90 -21.25 17.77
C PRO A 228 -22.20 -22.57 17.07
N LYS A 229 -23.48 -22.87 16.85
CA LYS A 229 -23.89 -24.12 16.22
C LYS A 229 -24.20 -23.96 14.74
N ASP A 230 -24.22 -22.71 14.28
CA ASP A 230 -24.54 -22.42 12.88
C ASP A 230 -23.94 -21.09 12.43
N LEU A 231 -24.32 -20.66 11.23
CA LEU A 231 -23.82 -19.40 10.69
C LEU A 231 -24.92 -18.34 10.66
N LYS A 232 -26.00 -18.58 11.42
CA LYS A 232 -27.15 -17.68 11.41
C LYS A 232 -26.82 -16.29 11.96
N LEU A 233 -26.12 -16.25 13.09
CA LEU A 233 -25.78 -14.98 13.73
C LEU A 233 -24.73 -14.21 12.94
N SER A 234 -24.05 -14.90 12.03
CA SER A 234 -23.02 -14.27 11.21
C SER A 234 -23.47 -14.08 9.76
N ASP A 235 -24.78 -14.09 9.55
CA ASP A 235 -25.37 -13.83 8.23
C ASP A 235 -24.90 -14.83 7.16
N GLY A 236 -24.69 -16.08 7.58
CA GLY A 236 -24.29 -17.13 6.67
C GLY A 236 -22.79 -17.17 6.39
N ARG A 237 -22.05 -16.30 7.05
CA ARG A 237 -20.60 -16.23 6.84
C ARG A 237 -19.84 -17.02 7.91
N LEU A 238 -18.77 -17.69 7.49
CA LEU A 238 -17.89 -18.39 8.43
C LEU A 238 -16.88 -17.39 8.99
N ARG A 239 -16.85 -17.27 10.31
CA ARG A 239 -15.92 -16.35 10.96
C ARG A 239 -14.59 -17.03 11.24
N VAL A 240 -13.55 -16.59 10.56
CA VAL A 240 -12.22 -17.16 10.67
C VAL A 240 -11.26 -16.18 11.35
N GLY A 241 -10.65 -16.63 12.44
CA GLY A 241 -9.70 -15.80 13.16
C GLY A 241 -8.27 -16.27 12.96
N TYR A 242 -7.43 -15.38 12.43
CA TYR A 242 -6.01 -15.68 12.26
C TYR A 242 -5.20 -15.06 13.39
N VAL A 243 -4.56 -15.92 14.19
CA VAL A 243 -3.80 -15.48 15.35
C VAL A 243 -2.31 -15.57 15.07
N SER A 244 -1.61 -14.44 15.12
CA SER A 244 -0.19 -14.43 14.81
C SER A 244 0.56 -13.30 15.52
N SER A 245 1.78 -13.61 15.98
CA SER A 245 2.67 -12.60 16.52
C SER A 245 3.49 -11.97 15.40
N ASP A 246 3.22 -12.38 14.17
CA ASP A 246 4.07 -12.00 13.04
C ASP A 246 3.35 -11.22 11.92
N PHE A 247 2.33 -10.46 12.28
CA PHE A 247 1.74 -9.50 11.34
C PHE A 247 2.62 -8.25 11.32
N GLY A 248 3.55 -8.23 10.39
CA GLY A 248 4.57 -7.19 10.33
C GLY A 248 5.74 -7.71 9.53
N ASN A 249 6.93 -7.15 9.73
CA ASN A 249 8.09 -7.59 8.96
C ASN A 249 8.65 -8.91 9.51
N HIS A 250 8.19 -10.01 8.93
CA HIS A 250 8.55 -11.36 9.37
C HIS A 250 8.16 -12.29 8.24
N PRO A 251 8.88 -13.41 8.08
CA PRO A 251 8.58 -14.36 7.00
C PRO A 251 7.09 -14.73 6.87
N THR A 252 6.39 -14.84 7.99
CA THR A 252 4.97 -15.20 7.96
C THR A 252 4.15 -14.23 7.10
N SER A 253 4.32 -12.93 7.32
CA SER A 253 3.64 -11.95 6.48
C SER A 253 4.15 -11.95 5.05
N HIS A 254 5.44 -12.28 4.85
CA HIS A 254 5.99 -12.37 3.50
C HIS A 254 5.36 -13.50 2.72
N LEU A 255 4.78 -14.46 3.43
CA LEU A 255 4.10 -15.57 2.78
C LEU A 255 2.61 -15.31 2.55
N MET A 256 1.92 -14.78 3.56
CA MET A 256 0.46 -14.76 3.53
C MET A 256 -0.25 -13.41 3.62
N GLN A 257 0.48 -12.30 3.50
CA GLN A 257 -0.15 -10.98 3.72
C GLN A 257 -1.33 -10.69 2.78
N SER A 258 -1.36 -11.34 1.62
CA SER A 258 -2.42 -11.08 0.65
C SER A 258 -3.68 -11.89 0.93
N ILE A 259 -3.54 -12.94 1.74
CA ILE A 259 -4.65 -13.88 1.95
C ILE A 259 -5.90 -13.32 2.65
N PRO A 260 -5.74 -12.54 3.74
CA PRO A 260 -6.97 -11.99 4.34
C PRO A 260 -7.83 -11.17 3.37
N GLY A 261 -7.20 -10.36 2.53
CA GLY A 261 -7.93 -9.52 1.60
C GLY A 261 -8.53 -10.28 0.43
N MET A 262 -8.09 -11.51 0.24
CA MET A 262 -8.57 -12.34 -0.87
C MET A 262 -9.73 -13.23 -0.49
N HIS A 263 -10.08 -13.26 0.79
CA HIS A 263 -11.23 -14.03 1.24
C HIS A 263 -12.53 -13.49 0.66
N ASN A 264 -13.45 -14.38 0.34
CA ASN A 264 -14.75 -14.01 -0.21
C ASN A 264 -15.66 -13.48 0.89
N PRO A 265 -15.98 -12.17 0.86
CA PRO A 265 -16.77 -11.55 1.93
C PRO A 265 -18.22 -12.05 2.00
N ASP A 266 -18.72 -12.66 0.92
CA ASP A 266 -20.08 -13.17 0.92
C ASP A 266 -20.19 -14.42 1.81
N LYS A 267 -19.09 -15.12 1.98
CA LYS A 267 -19.09 -16.39 2.71
C LYS A 267 -18.15 -16.39 3.92
N PHE A 268 -17.24 -15.43 4.00
CA PHE A 268 -16.26 -15.41 5.08
C PHE A 268 -16.10 -14.03 5.71
N GLU A 269 -15.92 -14.02 7.01
CA GLU A 269 -15.63 -12.80 7.75
C GLU A 269 -14.30 -13.00 8.46
N VAL A 270 -13.29 -12.22 8.08
CA VAL A 270 -11.93 -12.45 8.56
C VAL A 270 -11.56 -11.56 9.73
N PHE A 271 -11.14 -12.19 10.81
CA PHE A 271 -10.64 -11.52 11.99
C PHE A 271 -9.16 -11.83 12.12
N CYS A 272 -8.32 -10.79 12.16
CA CYS A 272 -6.91 -11.00 12.44
C CYS A 272 -6.59 -10.55 13.85
N TYR A 273 -6.05 -11.47 14.65
CA TYR A 273 -5.67 -11.16 16.02
C TYR A 273 -4.16 -11.07 16.11
N ALA A 274 -3.66 -9.85 16.24
CA ALA A 274 -2.22 -9.63 16.31
C ALA A 274 -1.74 -9.80 17.76
N LEU A 275 -0.68 -10.59 17.93
CA LEU A 275 -0.09 -10.79 19.25
C LEU A 275 1.08 -9.84 19.47
N SER A 276 1.46 -9.13 18.42
CA SER A 276 2.57 -8.17 18.49
C SER A 276 2.06 -6.76 18.25
N PRO A 277 2.76 -5.76 18.80
CA PRO A 277 2.43 -4.37 18.48
C PRO A 277 2.75 -4.00 17.03
N ASP A 278 2.18 -2.90 16.56
CA ASP A 278 2.38 -2.41 15.20
C ASP A 278 3.84 -2.00 15.02
N ASP A 279 4.54 -2.64 14.09
CA ASP A 279 5.96 -2.35 13.85
C ASP A 279 6.19 -1.25 12.81
N GLY A 280 5.10 -0.66 12.32
CA GLY A 280 5.18 0.46 11.40
C GLY A 280 5.46 0.11 9.94
N THR A 281 5.50 -1.17 9.62
CA THR A 281 5.82 -1.60 8.26
C THR A 281 4.59 -1.78 7.40
N ASN A 282 4.78 -1.81 6.08
CA ASN A 282 3.67 -1.97 5.14
C ASN A 282 2.98 -3.32 5.25
N PHE A 283 3.71 -4.32 5.76
CA PHE A 283 3.13 -5.64 5.96
C PHE A 283 1.99 -5.55 6.97
N ARG A 284 2.23 -4.81 8.05
CA ARG A 284 1.20 -4.63 9.07
C ARG A 284 0.06 -3.77 8.52
N VAL A 285 0.42 -2.72 7.77
CA VAL A 285 -0.58 -1.84 7.15
C VAL A 285 -1.55 -2.62 6.27
N LYS A 286 -1.03 -3.52 5.46
CA LYS A 286 -1.84 -4.27 4.50
C LYS A 286 -2.86 -5.17 5.20
N VAL A 287 -2.39 -5.91 6.19
CA VAL A 287 -3.27 -6.83 6.91
C VAL A 287 -4.36 -6.05 7.67
N MET A 288 -3.97 -4.96 8.32
CA MET A 288 -4.93 -4.14 9.05
C MET A 288 -5.98 -3.52 8.11
N ALA A 289 -5.58 -3.22 6.88
CA ALA A 289 -6.48 -2.57 5.93
C ALA A 289 -7.40 -3.55 5.23
N GLU A 290 -6.96 -4.79 5.04
CA GLU A 290 -7.69 -5.73 4.20
C GLU A 290 -8.47 -6.80 4.98
N ALA A 291 -8.11 -7.03 6.23
CA ALA A 291 -8.91 -7.92 7.07
C ALA A 291 -10.24 -7.24 7.36
N ASN A 292 -11.30 -8.03 7.54
CA ASN A 292 -12.59 -7.46 7.91
C ASN A 292 -12.50 -6.82 9.29
N HIS A 293 -11.77 -7.45 10.18
CA HIS A 293 -11.55 -6.93 11.53
C HIS A 293 -10.12 -7.19 11.95
N PHE A 294 -9.49 -6.20 12.59
CA PHE A 294 -8.14 -6.37 13.10
C PHE A 294 -8.09 -6.00 14.57
N ILE A 295 -7.63 -6.94 15.39
CA ILE A 295 -7.62 -6.77 16.84
C ILE A 295 -6.19 -6.87 17.37
N ASP A 296 -5.76 -5.84 18.08
CA ASP A 296 -4.42 -5.84 18.66
C ASP A 296 -4.44 -6.46 20.04
N LEU A 297 -4.15 -7.76 20.11
CA LEU A 297 -4.17 -8.46 21.39
C LEU A 297 -2.92 -8.21 22.23
N SER A 298 -1.94 -7.51 21.65
CA SER A 298 -0.74 -7.16 22.41
C SER A 298 -1.09 -6.15 23.51
N GLN A 299 -2.21 -5.45 23.32
CA GLN A 299 -2.68 -4.49 24.31
C GLN A 299 -3.53 -5.17 25.39
N ILE A 300 -3.74 -6.47 25.22
CA ILE A 300 -4.52 -7.26 26.17
C ILE A 300 -3.68 -8.43 26.70
N PRO A 301 -2.84 -8.18 27.71
CA PRO A 301 -1.90 -9.17 28.26
C PRO A 301 -2.57 -10.40 28.86
N CYS A 302 -3.73 -10.22 29.47
CA CYS A 302 -4.44 -11.34 30.10
C CYS A 302 -4.99 -12.30 29.05
N ASN A 303 -4.54 -13.55 29.10
CA ASN A 303 -5.01 -14.56 28.15
C ASN A 303 -6.50 -14.88 28.34
N GLY A 304 -6.99 -14.70 29.57
CA GLY A 304 -8.39 -14.89 29.87
C GLY A 304 -9.25 -13.84 29.19
N LYS A 305 -8.83 -12.58 29.27
CA LYS A 305 -9.57 -11.48 28.68
C LYS A 305 -9.45 -11.47 27.14
N ALA A 306 -8.30 -11.90 26.65
CA ALA A 306 -8.09 -11.98 25.21
C ALA A 306 -8.94 -13.11 24.60
N ALA A 307 -8.99 -14.25 25.29
CA ALA A 307 -9.80 -15.37 24.84
C ALA A 307 -11.29 -15.00 24.87
N ASP A 308 -11.68 -14.24 25.88
CA ASP A 308 -13.04 -13.73 25.97
C ASP A 308 -13.38 -12.89 24.74
N ARG A 309 -12.43 -12.08 24.30
CA ARG A 309 -12.61 -11.22 23.13
C ARG A 309 -12.81 -12.03 21.85
N ILE A 310 -12.00 -13.07 21.69
CA ILE A 310 -12.11 -13.96 20.54
C ILE A 310 -13.48 -14.64 20.52
N HIS A 311 -13.91 -15.11 21.69
CA HIS A 311 -15.22 -15.75 21.82
C HIS A 311 -16.37 -14.79 21.57
N GLN A 312 -16.21 -13.53 22.00
CA GLN A 312 -17.22 -12.51 21.78
C GLN A 312 -17.41 -12.25 20.29
N ASP A 313 -16.32 -12.34 19.53
CA ASP A 313 -16.36 -12.12 18.09
C ASP A 313 -17.09 -13.25 17.34
N GLY A 314 -17.30 -14.37 18.02
CA GLY A 314 -18.06 -15.48 17.46
C GLY A 314 -17.29 -16.31 16.45
N ILE A 315 -15.97 -16.37 16.63
CA ILE A 315 -15.09 -17.11 15.72
C ILE A 315 -15.47 -18.59 15.62
N HIS A 316 -15.63 -19.06 14.38
CA HIS A 316 -15.92 -20.48 14.15
C HIS A 316 -14.64 -21.29 14.05
N ILE A 317 -13.68 -20.76 13.31
CA ILE A 317 -12.39 -21.44 13.14
C ILE A 317 -11.25 -20.51 13.54
N LEU A 318 -10.51 -20.89 14.57
CA LEU A 318 -9.37 -20.11 15.03
C LEU A 318 -8.09 -20.75 14.50
N VAL A 319 -7.24 -19.95 13.89
CA VAL A 319 -6.07 -20.46 13.19
C VAL A 319 -4.77 -20.09 13.90
N ASN A 320 -4.03 -21.12 14.34
CA ASN A 320 -2.77 -20.93 15.05
C ASN A 320 -1.59 -20.83 14.09
N MET A 321 -1.06 -19.63 13.93
CA MET A 321 0.02 -19.40 12.98
C MET A 321 1.39 -19.38 13.66
N ASN A 322 1.44 -19.63 14.96
CA ASN A 322 2.71 -19.59 15.68
C ASN A 322 3.27 -20.94 16.12
N GLY A 323 2.43 -21.79 16.69
CA GLY A 323 2.92 -22.97 17.36
C GLY A 323 3.86 -22.53 18.46
N TYR A 324 5.00 -23.22 18.58
CA TYR A 324 5.97 -22.88 19.62
C TYR A 324 7.07 -21.96 19.09
N THR A 325 6.66 -20.78 18.65
CA THR A 325 7.58 -19.78 18.15
C THR A 325 7.42 -18.48 18.93
N LYS A 326 8.43 -17.61 18.82
CA LYS A 326 8.47 -16.35 19.54
C LYS A 326 7.18 -15.54 19.42
N GLY A 327 6.66 -15.09 20.55
CA GLY A 327 5.46 -14.28 20.56
C GLY A 327 4.18 -15.07 20.69
N ALA A 328 4.27 -16.40 20.59
CA ALA A 328 3.10 -17.25 20.70
C ALA A 328 2.38 -17.08 22.03
N ARG A 329 1.06 -17.19 21.98
CA ARG A 329 0.25 -17.24 23.20
C ARG A 329 -0.74 -18.38 23.08
N ASN A 330 -0.23 -19.61 23.07
CA ASN A 330 -1.05 -20.79 22.86
C ASN A 330 -2.02 -21.06 24.00
N GLU A 331 -1.87 -20.34 25.11
CA GLU A 331 -2.86 -20.32 26.17
C GLU A 331 -4.24 -19.91 25.63
N LEU A 332 -4.24 -19.03 24.63
CA LEU A 332 -5.47 -18.61 23.97
C LEU A 332 -6.21 -19.81 23.38
N PHE A 333 -5.46 -20.70 22.74
CA PHE A 333 -6.04 -21.91 22.15
C PHE A 333 -6.38 -22.97 23.19
N ALA A 334 -5.59 -23.03 24.26
CA ALA A 334 -5.88 -23.96 25.35
C ALA A 334 -7.22 -23.63 26.02
N LEU A 335 -7.61 -22.37 25.96
CA LEU A 335 -8.89 -21.92 26.52
C LEU A 335 -10.06 -22.28 25.61
N ARG A 336 -9.75 -22.68 24.38
CA ARG A 336 -10.75 -23.09 23.38
C ARG A 336 -11.93 -22.13 23.20
N PRO A 337 -11.67 -20.89 22.74
CA PRO A 337 -12.76 -19.94 22.51
C PRO A 337 -13.51 -20.22 21.22
N ALA A 338 -12.95 -21.09 20.38
CA ALA A 338 -13.58 -21.45 19.11
C ALA A 338 -13.80 -22.95 19.02
N PRO A 339 -14.87 -23.37 18.33
CA PRO A 339 -15.22 -24.80 18.21
C PRO A 339 -14.25 -25.60 17.34
N ILE A 340 -13.54 -24.92 16.45
CA ILE A 340 -12.58 -25.56 15.58
C ILE A 340 -11.28 -24.76 15.60
N GLN A 341 -10.18 -25.43 15.92
CA GLN A 341 -8.89 -24.74 16.02
C GLN A 341 -7.82 -25.49 15.23
N ALA A 342 -7.16 -24.78 14.33
CA ALA A 342 -6.25 -25.41 13.38
C ALA A 342 -4.87 -24.75 13.33
N MET A 343 -3.83 -25.57 13.17
CA MET A 343 -2.48 -25.08 12.94
C MET A 343 -2.29 -24.79 11.47
N TRP A 344 -1.68 -23.66 11.14
CA TRP A 344 -1.45 -23.31 9.74
C TRP A 344 -0.19 -22.50 9.49
N LEU A 345 0.69 -23.07 8.67
CA LEU A 345 1.76 -22.35 7.96
C LEU A 345 3.00 -21.96 8.77
N GLY A 346 2.80 -21.26 9.88
CA GLY A 346 3.93 -20.75 10.64
C GLY A 346 4.79 -21.80 11.30
N TYR A 347 4.16 -22.84 11.85
CA TYR A 347 4.89 -23.84 12.63
C TYR A 347 5.07 -25.15 11.89
N PRO A 348 6.34 -25.49 11.55
CA PRO A 348 6.62 -26.70 10.77
C PRO A 348 6.70 -27.97 11.61
N GLY A 349 5.61 -28.30 12.30
CA GLY A 349 5.58 -29.50 13.11
C GLY A 349 4.25 -29.62 13.83
N THR A 350 4.09 -30.69 14.58
CA THR A 350 2.86 -30.91 15.33
C THR A 350 2.89 -30.13 16.63
N SER A 351 1.72 -29.71 17.11
CA SER A 351 1.61 -28.99 18.37
C SER A 351 1.64 -29.99 19.53
N GLY A 352 1.26 -31.23 19.23
CA GLY A 352 1.18 -32.25 20.26
C GLY A 352 0.05 -32.00 21.24
N ALA A 353 -0.76 -30.97 20.99
CA ALA A 353 -1.74 -30.51 21.96
C ALA A 353 -3.16 -30.93 21.60
N LEU A 354 -3.92 -31.33 22.61
CA LEU A 354 -5.29 -31.78 22.39
C LEU A 354 -6.25 -30.64 22.08
N PHE A 355 -5.83 -29.40 22.36
CA PHE A 355 -6.68 -28.24 22.06
C PHE A 355 -6.56 -27.76 20.61
N MET A 356 -5.65 -28.36 19.86
CA MET A 356 -5.58 -28.12 18.42
C MET A 356 -6.22 -29.27 17.66
N ASP A 357 -7.25 -28.97 16.89
CA ASP A 357 -8.03 -30.01 16.21
C ASP A 357 -7.40 -30.50 14.91
N TYR A 358 -6.91 -29.55 14.10
CA TYR A 358 -6.38 -29.87 12.78
C TYR A 358 -5.01 -29.27 12.57
N ILE A 359 -4.25 -29.87 11.65
CA ILE A 359 -3.08 -29.22 11.08
C ILE A 359 -3.29 -29.12 9.57
N ILE A 360 -3.16 -27.91 9.05
CA ILE A 360 -3.35 -27.69 7.62
C ILE A 360 -2.06 -28.04 6.90
N THR A 361 -2.11 -29.08 6.09
CA THR A 361 -0.93 -29.59 5.40
C THR A 361 -1.35 -30.12 4.02
N ASP A 362 -0.61 -31.07 3.48
CA ASP A 362 -0.97 -31.68 2.21
C ASP A 362 -0.44 -33.10 2.11
N GLN A 363 -0.85 -33.81 1.06
CA GLN A 363 -0.51 -35.23 0.91
C GLN A 363 0.98 -35.47 0.73
N GLU A 364 1.67 -34.53 0.08
CA GLU A 364 3.10 -34.67 -0.14
C GLU A 364 3.89 -34.38 1.13
N THR A 365 3.47 -33.36 1.86
CA THR A 365 4.15 -32.97 3.10
C THR A 365 3.89 -33.98 4.21
N SER A 366 2.64 -34.43 4.32
CA SER A 366 2.24 -35.29 5.42
C SER A 366 1.36 -36.43 4.94
N PRO A 367 1.95 -37.42 4.26
CA PRO A 367 1.17 -38.56 3.77
C PRO A 367 0.42 -39.28 4.90
N ALA A 368 -0.73 -39.85 4.59
CA ALA A 368 -1.59 -40.45 5.61
C ALA A 368 -0.89 -41.55 6.41
N GLU A 369 0.16 -42.12 5.82
CA GLU A 369 0.91 -43.20 6.45
C GLU A 369 1.59 -42.74 7.74
N VAL A 370 1.97 -41.47 7.80
CA VAL A 370 2.67 -40.93 8.95
C VAL A 370 1.78 -40.00 9.79
N ALA A 371 0.49 -40.29 9.82
CA ALA A 371 -0.44 -39.50 10.62
C ALA A 371 -0.12 -39.56 12.11
N GLU A 372 0.54 -40.63 12.54
CA GLU A 372 0.89 -40.79 13.95
C GLU A 372 1.99 -39.84 14.41
N GLN A 373 2.61 -39.14 13.48
CA GLN A 373 3.58 -38.10 13.82
C GLN A 373 2.87 -36.86 14.38
N TYR A 374 1.57 -36.76 14.11
CA TYR A 374 0.80 -35.59 14.47
C TYR A 374 -0.27 -35.92 15.50
N SER A 375 -0.48 -35.02 16.44
CA SER A 375 -1.57 -35.16 17.40
C SER A 375 -2.87 -34.68 16.76
N GLU A 376 -2.75 -33.73 15.84
CA GLU A 376 -3.89 -33.19 15.12
C GLU A 376 -4.35 -34.12 14.02
N LYS A 377 -5.60 -33.94 13.59
CA LYS A 377 -6.07 -34.60 12.38
C LYS A 377 -5.53 -33.85 11.18
N LEU A 378 -5.25 -34.57 10.10
CA LEU A 378 -4.70 -33.97 8.89
C LEU A 378 -5.79 -33.30 8.08
N ALA A 379 -5.52 -32.08 7.63
CA ALA A 379 -6.43 -31.37 6.74
C ALA A 379 -5.66 -30.94 5.50
N TYR A 380 -5.93 -31.61 4.39
CA TYR A 380 -5.13 -31.44 3.17
C TYR A 380 -5.60 -30.29 2.28
N MET A 381 -4.67 -29.41 1.95
CA MET A 381 -4.84 -28.52 0.81
C MET A 381 -4.55 -29.37 -0.43
N PRO A 382 -5.13 -29.01 -1.58
CA PRO A 382 -5.06 -29.90 -2.75
C PRO A 382 -3.68 -30.01 -3.40
N HIS A 383 -2.86 -28.97 -3.31
CA HIS A 383 -1.51 -29.03 -3.87
C HIS A 383 -0.44 -29.00 -2.78
N THR A 384 -0.03 -27.81 -2.37
CA THR A 384 0.82 -27.70 -1.18
C THR A 384 0.18 -26.74 -0.19
N PHE A 385 0.46 -26.94 1.09
CA PHE A 385 -0.02 -26.00 2.11
C PHE A 385 0.85 -24.76 2.09
N PHE A 386 2.02 -24.86 1.48
CA PHE A 386 2.90 -23.69 1.45
C PHE A 386 2.42 -22.66 0.43
N ILE A 387 2.72 -21.40 0.73
CA ILE A 387 2.32 -20.29 -0.12
C ILE A 387 3.36 -19.19 0.07
N GLY A 388 3.42 -18.26 -0.88
CA GLY A 388 4.33 -17.13 -0.78
C GLY A 388 3.72 -15.93 -1.47
N ASP A 389 4.06 -14.72 -1.01
CA ASP A 389 3.47 -13.52 -1.59
C ASP A 389 4.34 -12.94 -2.70
N HIS A 390 5.21 -13.77 -3.28
CA HIS A 390 6.20 -13.28 -4.22
C HIS A 390 5.63 -12.57 -5.45
N ALA A 391 4.48 -13.03 -5.93
CA ALA A 391 3.88 -12.44 -7.13
C ALA A 391 3.47 -10.99 -6.88
N ASN A 392 3.09 -10.70 -5.63
CA ASN A 392 2.72 -9.35 -5.22
C ASN A 392 3.92 -8.50 -4.78
N MET A 393 4.84 -9.11 -4.04
CA MET A 393 5.97 -8.38 -3.48
C MET A 393 7.07 -8.12 -4.50
N PHE A 394 7.33 -9.11 -5.36
CA PHE A 394 8.44 -9.01 -6.31
C PHE A 394 8.03 -9.21 -7.77
N PRO A 395 7.07 -8.40 -8.27
CA PRO A 395 6.62 -8.60 -9.65
C PRO A 395 7.67 -8.18 -10.67
N HIS A 396 8.67 -7.43 -10.23
CA HIS A 396 9.75 -7.04 -11.13
C HIS A 396 10.64 -8.22 -11.53
N LEU A 397 10.49 -9.35 -10.84
CA LEU A 397 11.26 -10.56 -11.14
C LEU A 397 10.48 -11.53 -12.02
N LYS A 398 9.27 -11.13 -12.43
CA LYS A 398 8.46 -11.94 -13.33
C LYS A 398 9.13 -12.09 -14.69
N LYS A 399 9.82 -11.04 -15.13
CA LYS A 399 10.56 -11.10 -16.37
C LYS A 399 12.00 -10.67 -16.12
N LYS A 400 12.89 -11.02 -17.06
CA LYS A 400 14.28 -10.60 -16.98
C LYS A 400 14.86 -10.36 -18.36
N ALA A 401 16.00 -9.67 -18.40
CA ALA A 401 16.81 -9.58 -19.60
C ALA A 401 18.25 -9.83 -19.20
N VAL A 402 19.10 -10.14 -20.16
CA VAL A 402 20.51 -10.34 -19.87
C VAL A 402 21.40 -9.52 -20.78
N ILE A 403 22.63 -9.29 -20.34
CA ILE A 403 23.64 -8.65 -21.14
C ILE A 403 24.68 -9.68 -21.55
N ASP A 404 24.85 -9.86 -22.85
CA ASP A 404 25.84 -10.80 -23.36
C ASP A 404 27.18 -10.09 -23.55
N PHE A 405 28.13 -10.34 -22.65
CA PHE A 405 29.45 -9.74 -22.75
C PHE A 405 30.45 -10.71 -23.37
N HIS A 410 29.07 -17.95 -25.46
CA HIS A 410 27.67 -18.13 -25.81
C HIS A 410 26.78 -17.18 -25.02
N ILE A 411 25.50 -17.52 -24.91
CA ILE A 411 24.56 -16.70 -24.15
C ILE A 411 24.15 -17.35 -22.84
N TYR A 412 24.44 -16.68 -21.73
CA TYR A 412 24.07 -17.16 -20.40
C TYR A 412 22.83 -16.42 -19.91
N ASP A 413 21.98 -17.08 -19.12
CA ASP A 413 20.78 -16.45 -18.58
C ASP A 413 21.00 -15.96 -17.15
N ASN A 414 22.21 -16.14 -16.62
CA ASN A 414 22.43 -15.87 -15.20
C ASN A 414 23.80 -15.30 -14.83
N ARG A 415 24.42 -14.58 -15.75
CA ARG A 415 25.70 -13.93 -15.49
C ARG A 415 25.53 -12.43 -15.23
N ILE A 416 24.78 -11.76 -16.11
CA ILE A 416 24.44 -10.36 -15.95
C ILE A 416 22.95 -10.22 -16.23
N VAL A 417 22.19 -9.83 -15.21
CA VAL A 417 20.74 -9.85 -15.29
C VAL A 417 20.11 -8.47 -15.01
N LEU A 418 19.09 -8.11 -15.78
CA LEU A 418 18.30 -6.90 -15.52
C LEU A 418 16.88 -7.29 -15.14
N ASN A 419 16.28 -6.53 -14.22
CA ASN A 419 14.87 -6.69 -13.87
C ASN A 419 14.27 -5.32 -13.63
N GLY A 420 13.03 -5.13 -14.04
CA GLY A 420 12.34 -3.90 -13.70
C GLY A 420 10.94 -3.85 -14.26
N ILE A 421 10.07 -3.13 -13.56
CA ILE A 421 8.71 -2.89 -14.02
C ILE A 421 8.74 -2.22 -15.39
N ASP A 422 9.73 -1.36 -15.60
CA ASP A 422 9.84 -0.63 -16.87
C ASP A 422 10.92 -1.20 -17.80
N LEU A 423 11.30 -2.44 -17.57
CA LEU A 423 12.35 -3.08 -18.38
C LEU A 423 12.03 -3.13 -19.89
N LYS A 424 10.76 -3.39 -20.23
CA LYS A 424 10.38 -3.48 -21.63
C LYS A 424 10.63 -2.18 -22.37
N ALA A 425 10.16 -1.07 -21.79
CA ALA A 425 10.37 0.26 -22.35
C ALA A 425 11.86 0.58 -22.55
N PHE A 426 12.68 0.23 -21.56
CA PHE A 426 14.12 0.43 -21.64
C PHE A 426 14.71 -0.33 -22.81
N LEU A 427 14.37 -1.61 -22.91
CA LEU A 427 14.82 -2.45 -24.01
C LEU A 427 14.38 -1.87 -25.36
N ASP A 428 13.17 -1.32 -25.41
CA ASP A 428 12.65 -0.75 -26.65
C ASP A 428 13.45 0.49 -27.07
N SER A 429 14.16 1.10 -26.14
CA SER A 429 14.95 2.28 -26.45
C SER A 429 16.29 1.90 -27.08
N LEU A 430 16.63 0.62 -26.99
CA LEU A 430 17.93 0.13 -27.44
C LEU A 430 17.86 -0.52 -28.81
N PRO A 431 18.93 -0.37 -29.61
CA PRO A 431 19.05 -1.09 -30.88
C PRO A 431 19.75 -2.44 -30.69
N ASP A 432 19.57 -3.33 -31.65
CA ASP A 432 20.27 -4.62 -31.68
C ASP A 432 19.94 -5.55 -30.52
N VAL A 433 18.82 -5.31 -29.84
CA VAL A 433 18.35 -6.22 -28.81
C VAL A 433 17.87 -7.53 -29.45
N LYS A 434 18.38 -8.65 -28.95
CA LYS A 434 18.07 -9.95 -29.50
C LYS A 434 17.09 -10.70 -28.59
N ILE A 435 16.15 -11.42 -29.20
CA ILE A 435 15.18 -12.20 -28.44
C ILE A 435 15.40 -13.69 -28.66
N VAL A 436 15.64 -14.43 -27.58
CA VAL A 436 15.84 -15.87 -27.66
C VAL A 436 14.78 -16.62 -26.87
N ASN A 455 10.79 -16.51 -23.61
CA ASN A 455 11.40 -15.39 -24.31
C ASN A 455 12.30 -14.55 -23.42
N MET A 456 13.61 -14.58 -23.71
CA MET A 456 14.58 -13.81 -22.96
C MET A 456 15.32 -12.82 -23.84
N PRO A 457 15.08 -11.52 -23.62
CA PRO A 457 15.77 -10.45 -24.35
C PRO A 457 17.26 -10.41 -24.00
N VAL A 458 18.10 -10.25 -25.02
CA VAL A 458 19.54 -10.17 -24.82
C VAL A 458 20.11 -8.88 -25.37
N ILE A 459 20.83 -8.15 -24.53
CA ILE A 459 21.51 -6.92 -24.95
C ILE A 459 22.95 -7.24 -25.35
N PRO A 460 23.32 -6.90 -26.58
CA PRO A 460 24.67 -7.18 -27.11
C PRO A 460 25.74 -6.33 -26.41
N MET A 461 26.99 -6.77 -26.51
CA MET A 461 28.09 -6.06 -25.87
C MET A 461 28.44 -4.77 -26.61
N ASN A 462 27.78 -3.68 -26.23
CA ASN A 462 28.04 -2.38 -26.83
C ASN A 462 28.34 -1.30 -25.81
N THR A 463 28.20 -0.04 -26.22
CA THR A 463 28.48 1.10 -25.36
C THR A 463 27.59 1.07 -24.11
N ILE A 464 26.33 0.71 -24.31
CA ILE A 464 25.37 0.60 -23.22
C ILE A 464 25.81 -0.46 -22.20
N ALA A 465 26.29 -1.59 -22.70
CA ALA A 465 26.67 -2.71 -21.84
C ALA A 465 27.93 -2.44 -21.01
N GLU A 466 28.85 -1.66 -21.59
CA GLU A 466 30.10 -1.33 -20.89
C GLU A 466 29.81 -0.40 -19.72
N ALA A 467 28.82 0.46 -19.90
CA ALA A 467 28.44 1.44 -18.88
C ALA A 467 27.91 0.76 -17.62
N VAL A 468 27.24 -0.37 -17.81
CA VAL A 468 26.69 -1.12 -16.69
C VAL A 468 27.79 -1.83 -15.89
N ILE A 469 28.73 -2.44 -16.61
CA ILE A 469 29.85 -3.12 -15.98
C ILE A 469 30.71 -2.13 -15.20
N GLU A 470 30.91 -0.96 -15.78
CA GLU A 470 31.71 0.09 -15.16
C GLU A 470 31.09 0.54 -13.84
N MET A 471 29.76 0.61 -13.80
CA MET A 471 29.05 1.00 -12.58
C MET A 471 29.32 0.00 -11.46
N ILE A 472 29.19 -1.28 -11.77
CA ILE A 472 29.39 -2.35 -10.78
C ILE A 472 30.81 -2.35 -10.24
N ASN A 473 31.79 -2.25 -11.14
CA ASN A 473 33.19 -2.29 -10.74
C ASN A 473 33.62 -1.10 -9.88
N ARG A 474 33.05 0.08 -10.17
CA ARG A 474 33.39 1.28 -9.43
C ARG A 474 32.57 1.38 -8.14
N GLY A 475 31.61 0.48 -7.98
CA GLY A 475 30.75 0.48 -6.82
C GLY A 475 29.75 1.62 -6.86
N GLN A 476 29.52 2.16 -8.05
CA GLN A 476 28.53 3.22 -8.23
C GLN A 476 27.13 2.72 -7.90
N ILE A 477 26.32 3.62 -7.35
CA ILE A 477 24.98 3.27 -6.90
C ILE A 477 23.98 3.14 -8.04
N GLN A 478 24.11 4.02 -9.04
CA GLN A 478 23.14 4.06 -10.12
C GLN A 478 23.67 4.90 -11.28
N ILE A 479 23.15 4.65 -12.47
CA ILE A 479 23.45 5.48 -13.63
C ILE A 479 22.16 5.74 -14.38
N THR A 480 22.25 6.52 -15.46
CA THR A 480 21.09 6.78 -16.30
C THR A 480 21.42 6.42 -17.73
N ILE A 481 20.54 5.63 -18.36
CA ILE A 481 20.70 5.31 -19.78
C ILE A 481 19.40 5.54 -20.53
N ASN A 482 19.44 6.42 -21.53
CA ASN A 482 18.25 6.82 -22.28
C ASN A 482 17.12 7.28 -21.37
N GLY A 483 17.48 7.95 -20.29
CA GLY A 483 16.49 8.52 -19.38
C GLY A 483 15.98 7.53 -18.36
N PHE A 484 16.40 6.28 -18.46
CA PHE A 484 15.95 5.24 -17.55
C PHE A 484 16.89 5.10 -16.36
N SER A 485 16.33 4.81 -15.18
CA SER A 485 17.09 4.63 -13.97
C SER A 485 17.64 3.22 -13.86
N ILE A 486 18.97 3.09 -13.89
CA ILE A 486 19.63 1.79 -13.81
C ILE A 486 20.39 1.66 -12.48
N SER A 487 19.91 0.79 -11.59
CA SER A 487 20.44 0.71 -10.22
C SER A 487 21.38 -0.47 -10.01
N ASN A 488 22.45 -0.26 -9.25
CA ASN A 488 23.31 -1.34 -8.78
C ASN A 488 22.56 -2.18 -7.75
N GLY A 489 22.37 -3.47 -8.05
CA GLY A 489 21.67 -4.36 -7.15
C GLY A 489 22.21 -4.48 -5.73
N LEU A 490 23.45 -4.06 -5.51
CA LEU A 490 24.06 -4.13 -4.18
C LEU A 490 23.74 -2.90 -3.34
N ALA A 491 23.04 -1.94 -3.94
CA ALA A 491 22.88 -0.64 -3.30
C ALA A 491 21.43 -0.26 -3.04
N THR A 492 20.54 -1.25 -2.99
CA THR A 492 19.12 -0.96 -2.88
C THR A 492 18.73 -0.19 -1.61
N THR A 493 19.42 -0.44 -0.49
CA THR A 493 19.07 0.26 0.74
C THR A 493 19.34 1.77 0.64
N GLN A 494 20.28 2.13 -0.22
CA GLN A 494 20.63 3.54 -0.43
C GLN A 494 19.69 4.24 -1.42
N ILE A 495 18.93 3.45 -2.18
CA ILE A 495 18.05 3.98 -3.20
C ILE A 495 16.62 4.04 -2.70
N ASN A 496 16.13 2.91 -2.19
CA ASN A 496 14.80 2.86 -1.59
C ASN A 496 14.76 1.73 -0.57
N ASN A 497 14.87 2.09 0.71
CA ASN A 497 14.95 1.09 1.76
CA ASN A 497 14.95 1.10 1.77
C ASN A 497 13.70 0.22 1.86
N LYS A 498 12.53 0.79 1.54
CA LYS A 498 11.29 0.01 1.57
C LYS A 498 11.25 -1.00 0.43
N ALA A 499 11.88 -0.66 -0.69
CA ALA A 499 12.01 -1.60 -1.79
C ALA A 499 12.95 -2.74 -1.39
N ALA A 500 14.01 -2.41 -0.67
CA ALA A 500 14.97 -3.40 -0.21
C ALA A 500 14.35 -4.45 0.71
N THR A 501 13.45 -4.02 1.58
CA THR A 501 12.84 -4.90 2.56
C THR A 501 11.63 -5.65 2.01
N GLY A 502 11.18 -5.26 0.81
CA GLY A 502 10.02 -5.88 0.22
C GLY A 502 8.71 -5.15 0.53
N GLU A 503 8.81 -4.05 1.26
CA GLU A 503 7.62 -3.25 1.61
C GLU A 503 7.03 -2.50 0.40
N GLU A 504 7.88 -2.20 -0.58
CA GLU A 504 7.48 -1.54 -1.81
C GLU A 504 8.09 -2.26 -3.00
N VAL A 505 7.44 -2.20 -4.15
CA VAL A 505 8.02 -2.71 -5.39
C VAL A 505 9.04 -1.69 -5.88
N PRO A 506 10.24 -2.15 -6.26
CA PRO A 506 11.26 -1.21 -6.79
C PRO A 506 10.72 -0.46 -8.00
N ARG A 507 11.12 0.80 -8.15
CA ARG A 507 10.63 1.61 -9.27
C ARG A 507 11.71 1.91 -10.29
N THR A 508 12.91 1.36 -10.06
CA THR A 508 14.00 1.47 -11.02
C THR A 508 14.32 0.11 -11.63
N ILE A 509 15.14 0.12 -12.66
CA ILE A 509 15.65 -1.11 -13.26
C ILE A 509 16.94 -1.51 -12.54
N ILE A 510 17.00 -2.76 -12.09
CA ILE A 510 18.10 -3.20 -11.23
C ILE A 510 19.02 -4.14 -11.98
N VAL A 511 20.32 -4.05 -11.72
CA VAL A 511 21.32 -4.93 -12.31
C VAL A 511 21.86 -5.89 -11.27
N THR A 512 21.91 -7.17 -11.64
CA THR A 512 22.42 -8.21 -10.77
C THR A 512 23.46 -9.01 -11.56
N THR A 513 24.65 -9.17 -10.99
CA THR A 513 25.72 -9.85 -11.72
C THR A 513 26.50 -10.80 -10.84
N ARG A 514 27.08 -11.84 -11.44
CA ARG A 514 27.92 -12.76 -10.69
C ARG A 514 29.14 -12.05 -10.08
N SER A 515 29.64 -11.04 -10.76
CA SER A 515 30.79 -10.28 -10.27
C SER A 515 30.48 -9.53 -8.96
N GLN A 516 29.21 -9.19 -8.74
CA GLN A 516 28.81 -8.55 -7.49
C GLN A 516 29.09 -9.44 -6.28
N TYR A 517 29.13 -10.75 -6.51
CA TYR A 517 29.26 -11.70 -5.41
C TYR A 517 30.49 -12.57 -5.47
N GLY A 518 31.35 -12.33 -6.47
CA GLY A 518 32.59 -13.08 -6.60
C GLY A 518 32.37 -14.48 -7.15
N LEU A 519 31.27 -14.63 -7.89
CA LEU A 519 30.92 -15.90 -8.52
C LEU A 519 31.60 -16.05 -9.88
N PRO A 520 32.08 -17.27 -10.20
CA PRO A 520 32.79 -17.46 -11.46
C PRO A 520 31.87 -17.31 -12.68
N GLU A 521 32.34 -16.58 -13.68
CA GLU A 521 31.59 -16.36 -14.92
C GLU A 521 31.53 -17.60 -15.80
N ASP A 522 32.36 -18.59 -15.52
CA ASP A 522 32.51 -19.73 -16.40
C ASP A 522 32.34 -21.07 -15.70
N ALA A 523 31.42 -21.13 -14.75
CA ALA A 523 31.20 -22.35 -13.98
C ALA A 523 29.78 -22.48 -13.46
N ILE A 524 29.42 -23.70 -13.05
CA ILE A 524 28.11 -24.00 -12.49
C ILE A 524 28.02 -23.53 -11.05
N VAL A 525 26.97 -22.78 -10.73
CA VAL A 525 26.78 -22.28 -9.37
C VAL A 525 25.65 -23.03 -8.67
N TYR A 526 26.01 -23.82 -7.65
CA TYR A 526 25.01 -24.45 -6.78
C TYR A 526 24.83 -23.57 -5.55
N CYS A 527 23.59 -23.25 -5.21
CA CYS A 527 23.36 -22.37 -4.06
C CYS A 527 22.54 -23.02 -2.95
N ASN A 528 22.67 -22.46 -1.74
CA ASN A 528 21.72 -22.74 -0.67
C ASN A 528 21.74 -21.53 0.26
N PHE A 529 20.61 -20.85 0.35
CA PHE A 529 20.55 -19.57 1.09
C PHE A 529 19.92 -19.70 2.48
N ASN A 530 19.93 -20.89 3.04
CA ASN A 530 19.37 -21.09 4.38
C ASN A 530 20.34 -20.72 5.49
N GLN A 531 19.80 -20.51 6.68
CA GLN A 531 20.62 -20.43 7.87
C GLN A 531 21.44 -21.71 7.95
N LEU A 532 22.70 -21.58 8.35
CA LEU A 532 23.64 -22.71 8.32
C LEU A 532 23.26 -23.85 9.25
N TYR A 533 22.37 -23.57 10.22
CA TYR A 533 21.97 -24.61 11.17
C TYR A 533 21.34 -25.83 10.51
N LYS A 534 20.80 -25.65 9.31
CA LYS A 534 20.11 -26.73 8.61
C LYS A 534 21.07 -27.73 7.97
N ILE A 535 22.36 -27.39 7.94
CA ILE A 535 23.36 -28.29 7.37
C ILE A 535 23.88 -29.25 8.44
N ASP A 536 24.10 -30.50 8.05
CA ASP A 536 24.71 -31.49 8.94
C ASP A 536 25.87 -32.17 8.19
N PRO A 537 26.68 -32.98 8.89
CA PRO A 537 27.81 -33.63 8.20
C PRO A 537 27.43 -34.42 6.94
N SER A 538 26.33 -35.17 7.01
CA SER A 538 25.90 -35.98 5.88
CA SER A 538 25.86 -35.98 5.88
C SER A 538 25.54 -35.11 4.68
N THR A 539 24.97 -33.94 4.94
CA THR A 539 24.59 -33.01 3.87
C THR A 539 25.81 -32.40 3.21
N LEU A 540 26.77 -31.92 4.00
CA LEU A 540 27.96 -31.31 3.42
C LEU A 540 28.76 -32.34 2.62
N GLN A 541 28.78 -33.58 3.08
CA GLN A 541 29.47 -34.65 2.35
C GLN A 541 28.79 -34.88 0.99
N MET A 542 27.47 -34.87 0.98
CA MET A 542 26.70 -34.99 -0.26
CA MET A 542 26.71 -35.01 -0.26
C MET A 542 27.08 -33.90 -1.25
N TRP A 543 27.13 -32.67 -0.76
CA TRP A 543 27.47 -31.51 -1.57
C TRP A 543 28.91 -31.60 -2.07
N ALA A 544 29.79 -32.12 -1.23
CA ALA A 544 31.18 -32.30 -1.61
C ALA A 544 31.30 -33.30 -2.74
N ASN A 545 30.49 -34.37 -2.69
CA ASN A 545 30.53 -35.40 -3.72
C ASN A 545 30.10 -34.83 -5.06
N ILE A 546 29.16 -33.89 -5.01
CA ILE A 546 28.63 -33.25 -6.20
C ILE A 546 29.67 -32.32 -6.82
N LEU A 547 30.27 -31.47 -5.99
CA LEU A 547 31.32 -30.56 -6.47
C LEU A 547 32.49 -31.31 -7.11
N LYS A 548 32.89 -32.40 -6.47
CA LYS A 548 33.97 -33.23 -7.00
C LYS A 548 33.66 -33.80 -8.38
N ARG A 549 32.39 -34.09 -8.63
CA ARG A 549 31.96 -34.67 -9.90
C ARG A 549 31.75 -33.64 -11.01
N VAL A 550 31.69 -32.37 -10.63
CA VAL A 550 31.44 -31.29 -11.58
C VAL A 550 32.56 -30.26 -11.45
N PRO A 551 33.66 -30.47 -12.21
CA PRO A 551 34.90 -29.68 -12.11
C PRO A 551 34.66 -28.19 -12.14
N ASN A 552 33.84 -27.75 -13.08
CA ASN A 552 33.56 -26.35 -13.21
C ASN A 552 32.34 -26.01 -12.36
N SER A 553 32.51 -26.00 -11.03
CA SER A 553 31.40 -25.67 -10.13
C SER A 553 31.80 -25.15 -8.75
N VAL A 554 30.95 -24.27 -8.22
CA VAL A 554 31.12 -23.78 -6.87
C VAL A 554 29.84 -23.94 -6.06
N LEU A 555 29.97 -23.93 -4.74
CA LEU A 555 28.83 -23.93 -3.85
C LEU A 555 28.71 -22.54 -3.25
N TRP A 556 27.50 -21.98 -3.26
CA TRP A 556 27.26 -20.61 -2.83
C TRP A 556 26.43 -20.64 -1.54
N LEU A 557 27.05 -20.21 -0.44
CA LEU A 557 26.39 -20.20 0.88
C LEU A 557 26.39 -18.80 1.49
N LEU A 558 25.67 -18.65 2.61
CA LEU A 558 25.58 -17.36 3.29
C LEU A 558 26.28 -17.37 4.64
N ARG A 559 26.77 -16.21 5.05
CA ARG A 559 27.28 -16.01 6.40
C ARG A 559 26.11 -15.86 7.37
N PHE A 560 25.54 -17.00 7.75
CA PHE A 560 24.25 -17.02 8.42
C PHE A 560 24.27 -17.99 9.59
N PRO A 561 25.06 -17.71 10.65
CA PRO A 561 25.91 -16.52 10.88
C PRO A 561 27.32 -16.69 10.33
N ALA A 562 28.06 -15.59 10.26
CA ALA A 562 29.44 -15.62 9.76
C ALA A 562 30.33 -16.60 10.52
N VAL A 563 30.13 -16.72 11.82
CA VAL A 563 30.98 -17.62 12.62
C VAL A 563 30.87 -19.09 12.20
N GLY A 564 29.90 -19.41 11.34
CA GLY A 564 29.77 -20.75 10.78
C GLY A 564 30.66 -20.98 9.58
N GLU A 565 31.08 -19.89 8.94
CA GLU A 565 31.92 -19.98 7.74
C GLU A 565 33.24 -20.77 7.93
N PRO A 566 34.03 -20.45 8.98
CA PRO A 566 35.27 -21.23 9.11
C PRO A 566 35.03 -22.71 9.43
N ASN A 567 33.91 -23.03 10.06
CA ASN A 567 33.61 -24.43 10.35
C ASN A 567 33.27 -25.20 9.08
N ILE A 568 32.42 -24.63 8.24
CA ILE A 568 32.10 -25.22 6.94
C ILE A 568 33.35 -25.38 6.10
N GLN A 569 34.19 -24.35 6.07
CA GLN A 569 35.40 -24.39 5.25
C GLN A 569 36.37 -25.47 5.73
N GLN A 570 36.48 -25.64 7.04
CA GLN A 570 37.39 -26.66 7.59
C GLN A 570 36.92 -28.06 7.21
N TYR A 571 35.63 -28.32 7.38
CA TYR A 571 35.07 -29.63 7.04
C TYR A 571 35.15 -29.89 5.54
N ALA A 572 34.92 -28.85 4.75
CA ALA A 572 35.04 -28.95 3.30
C ALA A 572 36.46 -29.33 2.89
N GLN A 573 37.44 -28.68 3.51
CA GLN A 573 38.85 -28.96 3.26
C GLN A 573 39.20 -30.40 3.65
N ASN A 574 38.61 -30.87 4.75
CA ASN A 574 38.80 -32.25 5.19
C ASN A 574 38.23 -33.22 4.17
N MET A 575 37.18 -32.80 3.47
CA MET A 575 36.53 -33.63 2.46
C MET A 575 37.25 -33.54 1.11
N GLY A 576 38.28 -32.71 1.03
CA GLY A 576 39.09 -32.62 -0.17
C GLY A 576 38.72 -31.48 -1.11
N LEU A 577 37.93 -30.52 -0.63
CA LEU A 577 37.55 -29.36 -1.42
C LEU A 577 38.37 -28.15 -1.05
N PRO A 578 39.12 -27.59 -2.01
CA PRO A 578 39.84 -26.33 -1.77
C PRO A 578 38.89 -25.17 -1.43
N GLN A 579 39.43 -24.15 -0.77
CA GLN A 579 38.63 -23.02 -0.30
C GLN A 579 37.86 -22.34 -1.42
N ASN A 580 38.41 -22.38 -2.63
CA ASN A 580 37.79 -21.69 -3.76
C ASN A 580 36.56 -22.37 -4.34
N ARG A 581 36.16 -23.51 -3.78
CA ARG A 581 35.00 -24.23 -4.29
C ARG A 581 33.74 -23.78 -3.57
N ILE A 582 33.91 -23.09 -2.44
CA ILE A 582 32.78 -22.58 -1.67
C ILE A 582 32.86 -21.06 -1.55
N ILE A 583 31.79 -20.39 -1.94
CA ILE A 583 31.75 -18.93 -1.93
C ILE A 583 30.68 -18.46 -0.94
N PHE A 584 31.08 -17.56 -0.03
CA PHE A 584 30.16 -17.02 0.96
C PHE A 584 29.77 -15.58 0.62
N SER A 585 28.51 -15.25 0.87
CA SER A 585 28.02 -13.89 0.75
C SER A 585 27.36 -13.52 2.07
N PRO A 586 27.30 -12.22 2.37
CA PRO A 586 26.55 -11.76 3.54
C PRO A 586 25.05 -11.98 3.34
N VAL A 587 24.32 -12.11 4.43
CA VAL A 587 22.86 -12.07 4.40
C VAL A 587 22.48 -10.73 3.78
N ALA A 588 21.42 -10.72 2.98
CA ALA A 588 21.06 -9.54 2.21
C ALA A 588 19.65 -9.07 2.59
N PRO A 589 19.33 -7.80 2.26
CA PRO A 589 17.93 -7.37 2.37
C PRO A 589 17.03 -8.29 1.55
N LYS A 590 15.76 -8.39 1.94
CA LYS A 590 14.82 -9.35 1.37
C LYS A 590 14.80 -9.37 -0.15
N GLU A 591 14.64 -8.20 -0.77
CA GLU A 591 14.54 -8.13 -2.23
C GLU A 591 15.82 -8.59 -2.92
N GLU A 592 16.97 -8.19 -2.39
CA GLU A 592 18.25 -8.58 -2.98
C GLU A 592 18.48 -10.09 -2.87
N HIS A 593 18.10 -10.64 -1.73
CA HIS A 593 18.15 -12.07 -1.49
C HIS A 593 17.35 -12.86 -2.55
N VAL A 594 16.11 -12.46 -2.80
CA VAL A 594 15.30 -13.14 -3.81
C VAL A 594 15.87 -12.89 -5.21
N ARG A 595 16.22 -11.64 -5.49
CA ARG A 595 16.74 -11.28 -6.81
C ARG A 595 18.05 -11.99 -7.18
N ARG A 596 18.97 -12.11 -6.23
CA ARG A 596 20.26 -12.73 -6.56
C ARG A 596 20.19 -14.23 -6.80
N GLY A 597 19.09 -14.87 -6.41
CA GLY A 597 18.88 -16.27 -6.73
C GLY A 597 18.94 -16.53 -8.23
N GLN A 598 18.65 -15.51 -9.03
CA GLN A 598 18.71 -15.62 -10.49
C GLN A 598 20.13 -15.94 -10.99
N LEU A 599 21.14 -15.66 -10.16
CA LEU A 599 22.53 -15.87 -10.56
C LEU A 599 22.97 -17.32 -10.45
N ALA A 600 22.25 -18.12 -9.66
CA ALA A 600 22.63 -19.53 -9.48
C ALA A 600 22.13 -20.38 -10.64
N ASP A 601 22.75 -21.54 -10.83
CA ASP A 601 22.23 -22.48 -11.80
C ASP A 601 21.20 -23.40 -11.15
N VAL A 602 21.52 -23.87 -9.94
CA VAL A 602 20.76 -24.90 -9.24
C VAL A 602 20.84 -24.63 -7.73
N CYS A 603 19.72 -24.83 -7.02
CA CYS A 603 19.74 -24.80 -5.56
C CYS A 603 19.79 -26.22 -5.00
N LEU A 604 20.68 -26.45 -4.05
CA LEU A 604 20.75 -27.75 -3.38
C LEU A 604 20.09 -27.65 -2.01
N ASP A 605 18.89 -28.22 -1.90
CA ASP A 605 18.12 -28.10 -0.66
C ASP A 605 18.70 -28.94 0.47
N THR A 606 18.51 -28.48 1.70
CA THR A 606 18.96 -29.17 2.90
C THR A 606 17.99 -30.26 3.34
N PRO A 607 18.41 -31.53 3.31
CA PRO A 607 17.51 -32.64 3.67
C PRO A 607 17.10 -32.71 5.14
N LEU A 608 17.97 -32.26 6.06
CA LEU A 608 17.68 -32.31 7.48
C LEU A 608 16.45 -31.48 7.81
N CYS A 609 16.47 -30.25 7.33
CA CYS A 609 15.34 -29.34 7.42
C CYS A 609 15.37 -28.53 6.14
N ASN A 610 14.34 -28.66 5.32
CA ASN A 610 14.32 -28.01 4.02
C ASN A 610 14.29 -26.49 4.16
N GLY A 611 14.59 -25.82 3.06
CA GLY A 611 14.21 -24.43 2.92
C GLY A 611 12.70 -24.39 2.80
N HIS A 612 12.06 -23.48 3.52
CA HIS A 612 10.61 -23.34 3.45
C HIS A 612 10.27 -22.03 2.75
N THR A 613 10.30 -20.94 3.50
CA THR A 613 10.24 -19.60 2.89
C THR A 613 11.35 -19.50 1.86
N THR A 614 12.53 -20.01 2.22
CA THR A 614 13.72 -19.95 1.39
CA THR A 614 13.67 -19.88 1.33
C THR A 614 13.54 -20.75 0.09
N GLY A 615 12.73 -21.81 0.17
CA GLY A 615 12.46 -22.62 -1.00
C GLY A 615 11.60 -21.83 -1.98
N MET A 616 10.57 -21.15 -1.47
CA MET A 616 9.75 -20.29 -2.29
C MET A 616 10.59 -19.17 -2.90
N ASP A 617 11.49 -18.62 -2.10
CA ASP A 617 12.37 -17.54 -2.55
C ASP A 617 13.17 -17.96 -3.78
N VAL A 618 13.78 -19.14 -3.70
CA VAL A 618 14.66 -19.59 -4.77
C VAL A 618 13.88 -19.95 -6.06
N LEU A 619 12.69 -20.52 -5.90
CA LEU A 619 11.87 -20.90 -7.05
C LEU A 619 11.31 -19.70 -7.79
N TRP A 620 11.02 -18.62 -7.05
CA TRP A 620 10.50 -17.42 -7.68
C TRP A 620 11.54 -16.80 -8.62
N ALA A 621 12.82 -17.06 -8.35
CA ALA A 621 13.89 -16.61 -9.22
C ALA A 621 14.08 -17.52 -10.45
N GLY A 622 13.35 -18.64 -10.48
CA GLY A 622 13.42 -19.55 -11.60
C GLY A 622 14.53 -20.58 -11.48
N THR A 623 15.05 -20.72 -10.27
CA THR A 623 16.16 -21.63 -10.01
CA THR A 623 16.15 -21.66 -10.05
C THR A 623 15.67 -23.01 -9.58
N PRO A 624 16.02 -24.06 -10.33
CA PRO A 624 15.64 -25.42 -9.95
C PRO A 624 16.25 -25.79 -8.60
N MET A 625 15.50 -26.55 -7.81
CA MET A 625 15.93 -26.93 -6.48
C MET A 625 15.88 -28.46 -6.35
N VAL A 626 17.01 -29.05 -6.00
CA VAL A 626 17.08 -30.48 -5.77
C VAL A 626 16.83 -30.80 -4.30
N THR A 627 15.88 -31.68 -4.03
CA THR A 627 15.55 -32.01 -2.65
C THR A 627 15.47 -33.52 -2.41
N MET A 628 15.66 -33.93 -1.16
CA MET A 628 15.49 -35.31 -0.74
C MET A 628 14.58 -35.32 0.48
N PRO A 629 13.27 -35.56 0.27
CA PRO A 629 12.31 -35.52 1.37
C PRO A 629 12.56 -36.62 2.41
N GLY A 630 12.42 -36.26 3.69
CA GLY A 630 12.60 -37.23 4.75
C GLY A 630 11.25 -37.68 5.28
N GLU A 631 11.14 -37.75 6.61
CA GLU A 631 9.90 -38.20 7.22
C GLU A 631 9.18 -37.09 7.98
N THR A 632 9.95 -36.20 8.61
CA THR A 632 9.38 -35.09 9.34
C THR A 632 8.78 -34.09 8.36
N LEU A 633 7.78 -33.34 8.81
CA LEU A 633 7.18 -32.28 8.02
C LEU A 633 8.25 -31.35 7.44
N ALA A 634 9.17 -30.92 8.32
CA ALA A 634 10.16 -29.91 7.94
C ALA A 634 11.11 -30.41 6.85
N SER A 635 11.26 -31.72 6.77
CA SER A 635 12.15 -32.32 5.78
C SER A 635 11.44 -32.64 4.48
N ARG A 636 10.15 -32.31 4.40
CA ARG A 636 9.35 -32.68 3.22
C ARG A 636 8.72 -31.50 2.47
N VAL A 637 8.88 -30.30 3.02
CA VAL A 637 8.23 -29.11 2.46
C VAL A 637 8.72 -28.77 1.04
N ALA A 638 10.02 -28.83 0.81
CA ALA A 638 10.58 -28.54 -0.51
C ALA A 638 10.01 -29.46 -1.60
N ALA A 639 9.92 -30.75 -1.30
CA ALA A 639 9.36 -31.70 -2.28
C ALA A 639 7.89 -31.41 -2.56
N SER A 640 7.16 -30.96 -1.54
CA SER A 640 5.77 -30.57 -1.74
C SER A 640 5.68 -29.36 -2.65
N GLN A 641 6.58 -28.40 -2.46
CA GLN A 641 6.65 -27.22 -3.31
C GLN A 641 6.91 -27.60 -4.77
N LEU A 642 7.87 -28.51 -4.97
CA LEU A 642 8.26 -28.92 -6.32
C LEU A 642 7.20 -29.77 -6.99
N THR A 643 6.44 -30.51 -6.21
CA THR A 643 5.35 -31.31 -6.75
C THR A 643 4.24 -30.40 -7.27
N CYS A 644 3.93 -29.36 -6.49
CA CYS A 644 2.94 -28.38 -6.91
C CYS A 644 3.45 -27.63 -8.13
N LEU A 645 4.74 -27.31 -8.12
CA LEU A 645 5.37 -26.61 -9.22
C LEU A 645 5.29 -27.43 -10.51
N GLY A 646 5.43 -28.75 -10.37
CA GLY A 646 5.36 -29.67 -11.50
C GLY A 646 6.72 -30.17 -11.92
N CYS A 647 7.65 -30.26 -10.97
CA CYS A 647 9.00 -30.72 -11.28
C CYS A 647 9.38 -31.96 -10.45
N LEU A 648 8.76 -33.09 -10.75
CA LEU A 648 8.98 -34.32 -9.98
C LEU A 648 10.40 -34.84 -10.15
N GLU A 649 11.03 -34.47 -11.25
CA GLU A 649 12.37 -34.96 -11.59
C GLU A 649 13.46 -34.36 -10.68
N LEU A 650 13.08 -33.40 -9.85
CA LEU A 650 14.02 -32.75 -8.93
C LEU A 650 13.94 -33.31 -7.52
N ILE A 651 13.09 -34.32 -7.34
CA ILE A 651 12.89 -34.95 -6.03
C ILE A 651 13.58 -36.31 -5.95
N ALA A 652 14.52 -36.44 -5.02
CA ALA A 652 15.33 -37.65 -4.89
C ALA A 652 14.84 -38.57 -3.78
N LYS A 653 14.89 -39.88 -4.03
CA LYS A 653 14.44 -40.86 -3.05
C LYS A 653 15.56 -41.29 -2.10
N ASN A 654 16.79 -40.96 -2.46
CA ASN A 654 17.95 -41.28 -1.65
C ASN A 654 19.14 -40.38 -1.99
N ARG A 655 20.20 -40.47 -1.19
CA ARG A 655 21.35 -39.59 -1.35
C ARG A 655 22.06 -39.78 -2.69
N GLN A 656 22.14 -41.03 -3.13
CA GLN A 656 22.73 -41.31 -4.44
C GLN A 656 21.96 -40.61 -5.56
N GLU A 657 20.63 -40.66 -5.51
CA GLU A 657 19.81 -39.99 -6.53
C GLU A 657 19.92 -38.48 -6.46
N TYR A 658 20.02 -37.93 -5.25
CA TYR A 658 20.19 -36.50 -5.05
C TYR A 658 21.48 -36.05 -5.74
N GLU A 659 22.55 -36.81 -5.53
CA GLU A 659 23.83 -36.51 -6.16
C GLU A 659 23.74 -36.60 -7.69
N ASP A 660 23.14 -37.68 -8.19
CA ASP A 660 23.02 -37.91 -9.63
C ASP A 660 22.21 -36.80 -10.32
N ILE A 661 21.16 -36.32 -9.68
CA ILE A 661 20.32 -35.26 -10.24
C ILE A 661 21.10 -33.95 -10.31
N ALA A 662 21.72 -33.59 -9.19
CA ALA A 662 22.53 -32.38 -9.12
C ALA A 662 23.66 -32.38 -10.15
N VAL A 663 24.31 -33.53 -10.30
CA VAL A 663 25.43 -33.63 -11.23
C VAL A 663 24.93 -33.57 -12.68
N LYS A 664 23.79 -34.21 -12.94
CA LYS A 664 23.18 -34.15 -14.26
C LYS A 664 22.89 -32.70 -14.66
N LEU A 665 22.25 -31.97 -13.77
CA LEU A 665 21.94 -30.55 -14.01
C LEU A 665 23.20 -29.72 -14.24
N GLY A 666 24.29 -30.06 -13.57
CA GLY A 666 25.52 -29.31 -13.70
C GLY A 666 26.41 -29.72 -14.87
N THR A 667 26.06 -30.80 -15.55
CA THR A 667 26.92 -31.30 -16.63
C THR A 667 26.20 -31.45 -17.96
N ASP A 668 24.89 -31.70 -17.90
CA ASP A 668 24.08 -31.83 -19.11
C ASP A 668 23.42 -30.46 -19.32
N LEU A 669 24.10 -29.59 -20.05
CA LEU A 669 23.67 -28.18 -20.13
C LEU A 669 22.35 -27.96 -20.85
N GLU A 670 22.01 -28.83 -21.80
CA GLU A 670 20.72 -28.75 -22.47
C GLU A 670 19.61 -29.15 -21.53
N TYR A 671 19.88 -30.13 -20.67
CA TYR A 671 18.92 -30.57 -19.68
C TYR A 671 18.71 -29.47 -18.64
N LEU A 672 19.80 -28.85 -18.22
CA LEU A 672 19.74 -27.69 -17.32
C LEU A 672 18.82 -26.61 -17.90
N LYS A 673 19.04 -26.27 -19.16
CA LYS A 673 18.23 -25.27 -19.84
C LYS A 673 16.75 -25.62 -19.82
N LYS A 674 16.45 -26.88 -20.09
CA LYS A 674 15.07 -27.38 -20.09
C LYS A 674 14.42 -27.18 -18.72
N VAL A 675 15.09 -27.70 -17.69
CA VAL A 675 14.59 -27.63 -16.33
C VAL A 675 14.45 -26.18 -15.84
N ARG A 676 15.45 -25.35 -16.09
CA ARG A 676 15.37 -23.94 -15.73
C ARG A 676 14.21 -23.26 -16.43
N GLY A 677 13.98 -23.61 -17.69
CA GLY A 677 12.87 -23.04 -18.45
C GLY A 677 11.53 -23.48 -17.87
N LYS A 678 11.49 -24.71 -17.38
CA LYS A 678 10.30 -25.28 -16.79
C LYS A 678 9.93 -24.56 -15.49
N VAL A 679 10.92 -24.38 -14.63
CA VAL A 679 10.71 -23.65 -13.37
C VAL A 679 10.29 -22.22 -13.64
N TRP A 680 10.96 -21.57 -14.59
CA TRP A 680 10.69 -20.17 -14.96
C TRP A 680 9.23 -19.97 -15.39
N LYS A 681 8.73 -20.91 -16.19
CA LYS A 681 7.34 -20.85 -16.67
C LYS A 681 6.35 -21.27 -15.59
N GLN A 682 6.64 -22.37 -14.91
CA GLN A 682 5.71 -22.97 -13.95
C GLN A 682 5.50 -22.17 -12.66
N ARG A 683 6.42 -21.29 -12.32
CA ARG A 683 6.20 -20.48 -11.12
C ARG A 683 4.99 -19.56 -11.35
N ILE A 684 4.65 -19.32 -12.61
CA ILE A 684 3.47 -18.56 -12.99
C ILE A 684 2.25 -19.44 -13.31
N SER A 685 2.45 -20.49 -14.11
CA SER A 685 1.32 -21.30 -14.56
C SER A 685 0.82 -22.35 -13.55
N SER A 686 1.67 -22.72 -12.59
CA SER A 686 1.29 -23.68 -11.56
C SER A 686 0.58 -22.95 -10.41
N PRO A 687 0.00 -23.70 -9.45
CA PRO A 687 -0.66 -22.96 -8.36
C PRO A 687 0.29 -22.44 -7.28
N LEU A 688 1.60 -22.72 -7.38
CA LEU A 688 2.52 -22.48 -6.26
C LEU A 688 2.49 -21.06 -5.69
N PHE A 689 2.48 -20.05 -6.56
CA PHE A 689 2.49 -18.66 -6.12
C PHE A 689 1.16 -17.96 -6.35
N ASN A 690 0.11 -18.72 -6.63
CA ASN A 690 -1.21 -18.16 -6.93
C ASN A 690 -2.02 -18.01 -5.64
N THR A 691 -1.93 -16.84 -5.03
CA THR A 691 -2.53 -16.60 -3.73
C THR A 691 -4.05 -16.57 -3.76
N LYS A 692 -4.64 -16.18 -4.89
CA LYS A 692 -6.08 -16.20 -5.02
C LYS A 692 -6.59 -17.65 -5.01
N GLN A 693 -5.97 -18.50 -5.82
CA GLN A 693 -6.35 -19.91 -5.85
C GLN A 693 -6.14 -20.55 -4.47
N TYR A 694 -5.03 -20.22 -3.83
CA TYR A 694 -4.74 -20.77 -2.51
C TYR A 694 -5.84 -20.41 -1.51
N THR A 695 -6.19 -19.13 -1.48
CA THR A 695 -7.23 -18.65 -0.58
C THR A 695 -8.55 -19.40 -0.83
N MET A 696 -8.90 -19.56 -2.10
CA MET A 696 -10.13 -20.25 -2.46
C MET A 696 -10.12 -21.73 -2.03
N GLU A 697 -8.96 -22.37 -2.13
CA GLU A 697 -8.84 -23.75 -1.67
C GLU A 697 -8.88 -23.83 -0.15
N LEU A 698 -8.27 -22.85 0.51
CA LEU A 698 -8.31 -22.73 1.95
C LEU A 698 -9.77 -22.60 2.41
N GLU A 699 -10.51 -21.77 1.68
CA GLU A 699 -11.92 -21.56 1.98
C GLU A 699 -12.74 -22.84 1.85
N ARG A 700 -12.44 -23.63 0.81
CA ARG A 700 -13.10 -24.92 0.60
C ARG A 700 -12.83 -25.85 1.77
N LEU A 701 -11.58 -25.86 2.24
CA LEU A 701 -11.19 -26.71 3.36
C LEU A 701 -11.87 -26.27 4.65
N TYR A 702 -11.93 -24.96 4.87
CA TYR A 702 -12.63 -24.39 6.02
C TYR A 702 -14.09 -24.87 6.08
N LEU A 703 -14.76 -24.84 4.95
CA LEU A 703 -16.17 -25.24 4.89
C LEU A 703 -16.33 -26.73 5.13
N GLN A 704 -15.33 -27.51 4.75
CA GLN A 704 -15.33 -28.94 5.03
C GLN A 704 -15.26 -29.17 6.54
N MET A 705 -14.36 -28.44 7.20
CA MET A 705 -14.22 -28.52 8.64
C MET A 705 -15.51 -28.16 9.35
N TRP A 706 -16.14 -27.07 8.90
CA TRP A 706 -17.33 -26.56 9.58
C TRP A 706 -18.52 -27.51 9.48
N GLU A 707 -18.84 -27.93 8.25
CA GLU A 707 -20.00 -28.79 8.03
C GLU A 707 -19.85 -30.13 8.73
N HIS A 708 -18.61 -30.53 8.97
CA HIS A 708 -18.31 -31.74 9.73
C HIS A 708 -18.69 -31.52 11.19
N TYR A 709 -18.21 -30.41 11.76
CA TYR A 709 -18.56 -30.03 13.13
C TYR A 709 -20.05 -29.76 13.27
N ALA A 710 -20.61 -29.04 12.31
CA ALA A 710 -22.02 -28.67 12.34
C ALA A 710 -22.93 -29.91 12.36
N ALA A 711 -22.45 -30.99 11.77
CA ALA A 711 -23.20 -32.25 11.73
C ALA A 711 -23.10 -32.99 13.06
N GLY A 712 -22.30 -32.44 13.98
CA GLY A 712 -22.16 -33.01 15.31
C GLY A 712 -21.02 -34.01 15.42
N ASN A 713 -20.09 -33.96 14.47
CA ASN A 713 -18.96 -34.88 14.47
C ASN A 713 -17.70 -34.27 15.08
N LYS A 714 -16.91 -35.12 15.74
CA LYS A 714 -15.59 -34.73 16.22
C LYS A 714 -14.62 -34.69 15.05
N PRO A 715 -13.56 -33.89 15.15
CA PRO A 715 -12.58 -33.76 14.05
C PRO A 715 -12.07 -35.09 13.54
N ASP A 716 -11.91 -35.18 12.22
CA ASP A 716 -11.36 -36.36 11.57
C ASP A 716 -10.56 -35.90 10.36
N HIS A 717 -9.74 -36.78 9.82
CA HIS A 717 -8.87 -36.44 8.69
C HIS A 717 -9.65 -35.94 7.47
N MET A 718 -9.23 -34.79 6.94
CA MET A 718 -9.81 -34.24 5.71
C MET A 718 -8.82 -34.40 4.58
N ILE A 719 -8.75 -35.61 4.02
CA ILE A 719 -7.68 -35.96 3.10
C ILE A 719 -8.16 -36.23 1.68
N LYS A 720 -9.32 -35.71 1.32
CA LYS A 720 -9.87 -35.91 -0.02
C LYS A 720 -10.74 -34.73 -0.44
N TYR B 1 20.27 -8.78 7.98
CA TYR B 1 21.44 -8.45 7.16
C TYR B 1 22.30 -7.41 7.88
N PRO B 2 23.62 -7.44 7.63
CA PRO B 2 24.50 -6.48 8.29
C PRO B 2 24.10 -5.04 7.96
N GLY B 3 23.76 -4.27 8.99
CA GLY B 3 23.34 -2.90 8.81
C GLY B 3 21.84 -2.74 8.98
N GLY B 4 21.14 -3.87 9.09
CA GLY B 4 19.70 -3.87 9.24
C GLY B 4 19.23 -5.08 10.01
N SER B 5 18.13 -5.67 9.58
CA SER B 5 17.61 -6.86 10.25
C SER B 5 16.96 -7.82 9.26
N THR B 6 17.17 -9.11 9.52
CA THR B 6 16.52 -10.15 8.76
C THR B 6 15.78 -11.05 9.74
N PRO B 7 14.47 -10.84 9.87
CA PRO B 7 13.66 -11.65 10.78
C PRO B 7 13.59 -13.09 10.29
N VAL B 8 13.57 -14.03 11.24
CA VAL B 8 13.51 -15.45 10.94
C VAL B 8 12.53 -16.11 11.89
N SER B 9 12.21 -17.37 11.64
CA SER B 9 11.40 -18.13 12.58
C SER B 9 12.24 -18.36 13.83
N SER B 10 11.68 -18.06 15.00
CA SER B 10 12.42 -18.21 16.26
C SER B 10 11.61 -19.03 17.25
N ALA B 11 12.29 -19.94 17.96
CA ALA B 11 11.64 -20.69 19.03
C ALA B 11 11.21 -19.73 20.14
N ASN B 12 10.10 -20.03 20.81
CA ASN B 12 9.73 -19.24 21.97
C ASN B 12 10.52 -19.62 23.21
N MET B 13 10.50 -18.76 24.22
CA MET B 13 11.27 -19.00 25.44
C MET B 13 10.66 -20.14 26.25
N MET B 14 11.51 -20.88 26.94
CA MET B 14 11.04 -21.95 27.82
C MET B 14 11.96 -22.06 29.04
N ALA C 28 -0.10 53.21 9.00
CA ALA C 28 -1.55 53.26 9.15
C ALA C 28 -2.00 52.64 10.46
N VAL C 29 -1.50 51.44 10.74
CA VAL C 29 -1.83 50.72 11.97
C VAL C 29 -1.38 51.50 13.19
N ARG C 30 -0.16 52.04 13.14
CA ARG C 30 0.40 52.81 14.25
C ARG C 30 -0.40 54.08 14.52
N LEU C 31 -0.94 54.68 13.45
CA LEU C 31 -1.73 55.90 13.57
C LEU C 31 -3.15 55.62 14.03
N TYR C 32 -3.67 54.45 13.66
CA TYR C 32 -4.99 54.03 14.09
C TYR C 32 -5.01 53.77 15.60
N ARG C 33 -3.97 53.11 16.08
CA ARG C 33 -3.86 52.78 17.51
C ARG C 33 -3.72 54.04 18.35
N LYS C 34 -3.06 55.05 17.79
CA LYS C 34 -2.88 56.32 18.49
C LYS C 34 -4.21 57.08 18.58
N ALA C 35 -5.06 56.90 17.57
CA ALA C 35 -6.39 57.49 17.59
C ALA C 35 -7.25 56.84 18.66
N LEU C 36 -7.03 55.54 18.86
CA LEU C 36 -7.74 54.79 19.90
C LEU C 36 -7.22 55.17 21.28
N GLU C 37 -5.93 55.49 21.35
CA GLU C 37 -5.31 55.91 22.60
C GLU C 37 -5.87 57.26 23.05
N VAL C 38 -6.17 58.11 22.08
CA VAL C 38 -6.77 59.41 22.35
C VAL C 38 -8.26 59.26 22.66
N PHE C 39 -8.97 58.55 21.80
CA PHE C 39 -10.41 58.32 21.97
C PHE C 39 -10.71 56.84 21.77
N PRO C 40 -10.80 56.09 22.88
CA PRO C 40 -11.05 54.64 22.88
C PRO C 40 -12.36 54.24 22.22
N GLU C 41 -13.39 55.08 22.33
CA GLU C 41 -14.70 54.74 21.78
C GLU C 41 -14.92 55.30 20.38
N PHE C 42 -13.97 54.99 19.49
CA PHE C 42 -14.04 55.46 18.11
C PHE C 42 -14.35 54.30 17.16
N ALA C 43 -15.62 54.20 16.77
CA ALA C 43 -16.09 53.07 15.96
C ALA C 43 -15.50 53.05 14.56
N ALA C 44 -15.27 54.22 13.99
CA ALA C 44 -14.71 54.31 12.65
C ALA C 44 -13.23 53.92 12.64
N ALA C 45 -12.51 54.30 13.69
CA ALA C 45 -11.10 53.95 13.82
C ALA C 45 -10.92 52.44 13.94
N HIS C 46 -11.74 51.81 14.77
CA HIS C 46 -11.69 50.36 14.95
C HIS C 46 -12.01 49.65 13.63
N SER C 47 -13.04 50.12 12.95
CA SER C 47 -13.48 49.51 11.69
C SER C 47 -12.43 49.66 10.59
N ASN C 48 -11.69 50.76 10.63
CA ASN C 48 -10.62 50.99 9.65
C ASN C 48 -9.38 50.17 9.94
N LEU C 49 -9.01 50.10 11.22
CA LEU C 49 -7.87 49.30 11.63
C LEU C 49 -8.15 47.82 11.39
N ALA C 50 -9.40 47.42 11.58
CA ALA C 50 -9.81 46.04 11.36
C ALA C 50 -9.69 45.65 9.88
N SER C 51 -10.18 46.52 9.01
CA SER C 51 -10.10 46.31 7.57
C SER C 51 -8.64 46.20 7.11
N VAL C 52 -7.78 46.99 7.74
CA VAL C 52 -6.35 46.95 7.43
C VAL C 52 -5.71 45.65 7.88
N LEU C 53 -6.00 45.24 9.11
CA LEU C 53 -5.47 44.01 9.66
C LEU C 53 -5.95 42.80 8.87
N GLN C 54 -7.18 42.88 8.35
CA GLN C 54 -7.75 41.81 7.55
C GLN C 54 -6.99 41.63 6.24
N GLN C 55 -6.61 42.75 5.64
CA GLN C 55 -5.86 42.73 4.39
C GLN C 55 -4.44 42.22 4.60
N GLN C 56 -3.93 42.37 5.82
CA GLN C 56 -2.59 41.88 6.15
C GLN C 56 -2.61 40.39 6.46
N GLY C 57 -3.81 39.82 6.57
CA GLY C 57 -3.94 38.42 6.90
C GLY C 57 -4.03 38.20 8.40
N LYS C 58 -3.93 39.30 9.15
CA LYS C 58 -4.08 39.24 10.60
C LYS C 58 -5.56 39.23 10.96
N LEU C 59 -6.19 38.08 10.77
CA LEU C 59 -7.64 37.96 10.91
C LEU C 59 -8.11 38.03 12.36
N GLN C 60 -7.36 37.38 13.27
CA GLN C 60 -7.73 37.37 14.68
C GLN C 60 -7.65 38.77 15.28
N GLU C 61 -6.67 39.54 14.84
CA GLU C 61 -6.50 40.89 15.35
C GLU C 61 -7.56 41.81 14.76
N ALA C 62 -7.90 41.60 13.49
CA ALA C 62 -8.95 42.37 12.83
C ALA C 62 -10.28 42.14 13.54
N LEU C 63 -10.52 40.89 13.92
CA LEU C 63 -11.75 40.50 14.60
C LEU C 63 -11.96 41.28 15.90
N MET C 64 -10.88 41.52 16.64
CA MET C 64 -10.96 42.32 17.87
C MET C 64 -11.58 43.69 17.60
N HIS C 65 -11.10 44.36 16.56
CA HIS C 65 -11.51 45.73 16.28
C HIS C 65 -12.92 45.83 15.68
N TYR C 66 -13.31 44.82 14.91
CA TYR C 66 -14.68 44.76 14.42
C TYR C 66 -15.65 44.65 15.60
N LYS C 67 -15.28 43.82 16.59
CA LYS C 67 -16.11 43.63 17.76
C LYS C 67 -16.25 44.91 18.57
N GLU C 68 -15.17 45.70 18.63
CA GLU C 68 -15.22 47.00 19.29
C GLU C 68 -16.17 47.93 18.55
N ALA C 69 -16.02 47.99 17.23
CA ALA C 69 -16.84 48.87 16.40
C ALA C 69 -18.34 48.62 16.57
N ILE C 70 -18.77 47.36 16.53
CA ILE C 70 -20.20 47.06 16.60
C ILE C 70 -20.82 47.35 17.97
N ARG C 71 -20.02 47.23 19.03
CA ARG C 71 -20.51 47.57 20.37
C ARG C 71 -20.74 49.06 20.50
N ILE C 72 -19.74 49.84 20.09
CA ILE C 72 -19.82 51.30 20.13
C ILE C 72 -20.97 51.80 19.25
N SER C 73 -21.13 51.21 18.08
CA SER C 73 -22.19 51.59 17.16
C SER C 73 -23.03 50.39 16.76
N PRO C 74 -24.19 50.19 17.41
CA PRO C 74 -25.07 49.05 17.15
C PRO C 74 -25.73 49.11 15.77
N THR C 75 -25.76 50.28 15.16
CA THR C 75 -26.36 50.41 13.84
C THR C 75 -25.29 50.33 12.74
N PHE C 76 -24.09 49.91 13.11
CA PHE C 76 -22.98 49.83 12.18
C PHE C 76 -23.10 48.58 11.32
N ALA C 77 -24.06 48.59 10.40
CA ALA C 77 -24.29 47.46 9.50
C ALA C 77 -23.04 47.08 8.71
N ASP C 78 -22.32 48.08 8.21
CA ASP C 78 -21.12 47.84 7.40
C ASP C 78 -20.05 47.07 8.18
N ALA C 79 -19.92 47.39 9.46
CA ALA C 79 -18.98 46.69 10.33
C ALA C 79 -19.35 45.23 10.52
N TYR C 80 -20.64 44.96 10.68
CA TYR C 80 -21.12 43.58 10.75
C TYR C 80 -20.80 42.81 9.46
N SER C 81 -21.06 43.44 8.33
CA SER C 81 -20.79 42.82 7.03
C SER C 81 -19.29 42.53 6.83
N ASN C 82 -18.45 43.52 7.11
CA ASN C 82 -17.01 43.33 6.96
C ASN C 82 -16.45 42.31 7.95
N MET C 83 -17.03 42.28 9.15
CA MET C 83 -16.67 41.28 10.14
C MET C 83 -17.02 39.89 9.62
N GLY C 84 -18.18 39.80 8.97
CA GLY C 84 -18.59 38.56 8.34
C GLY C 84 -17.57 38.09 7.30
N ASN C 85 -17.06 39.01 6.50
CA ASN C 85 -16.04 38.69 5.51
C ASN C 85 -14.79 38.10 6.17
N THR C 86 -14.43 38.65 7.33
CA THR C 86 -13.29 38.16 8.08
C THR C 86 -13.52 36.74 8.59
N LEU C 87 -14.69 36.50 9.19
CA LEU C 87 -15.04 35.17 9.68
C LEU C 87 -15.05 34.13 8.56
N LYS C 88 -15.58 34.51 7.40
CA LYS C 88 -15.57 33.64 6.24
C LYS C 88 -14.14 33.22 5.90
N GLU C 89 -13.22 34.18 5.91
CA GLU C 89 -11.83 33.90 5.59
C GLU C 89 -11.17 33.03 6.67
N MET C 90 -11.68 33.12 7.89
CA MET C 90 -11.21 32.28 8.99
C MET C 90 -11.90 30.91 8.98
N GLN C 91 -12.72 30.67 7.95
CA GLN C 91 -13.48 29.43 7.80
C GLN C 91 -14.54 29.22 8.89
N ASP C 92 -15.02 30.31 9.47
CA ASP C 92 -16.16 30.24 10.38
C ASP C 92 -17.40 30.64 9.58
N VAL C 93 -17.95 29.67 8.85
CA VAL C 93 -19.11 29.92 7.98
C VAL C 93 -20.35 30.34 8.77
N GLN C 94 -20.62 29.67 9.89
CA GLN C 94 -21.80 29.99 10.67
C GLN C 94 -21.72 31.40 11.26
N GLY C 95 -20.55 31.77 11.77
CA GLY C 95 -20.33 33.11 12.30
C GLY C 95 -20.45 34.19 11.23
N ALA C 96 -19.94 33.89 10.03
CA ALA C 96 -20.06 34.82 8.92
C ALA C 96 -21.51 35.04 8.55
N LEU C 97 -22.27 33.95 8.48
CA LEU C 97 -23.68 34.03 8.15
C LEU C 97 -24.44 34.83 9.20
N GLN C 98 -24.08 34.66 10.47
CA GLN C 98 -24.71 35.44 11.53
C GLN C 98 -24.45 36.93 11.36
N CYS C 99 -23.22 37.29 11.01
CA CYS C 99 -22.86 38.69 10.80
C CYS C 99 -23.59 39.31 9.63
N TYR C 100 -23.68 38.56 8.54
CA TYR C 100 -24.40 39.04 7.36
C TYR C 100 -25.88 39.19 7.66
N THR C 101 -26.42 38.23 8.41
CA THR C 101 -27.83 38.26 8.77
C THR C 101 -28.15 39.45 9.67
N ARG C 102 -27.24 39.77 10.59
CA ARG C 102 -27.44 40.94 11.45
C ARG C 102 -27.35 42.23 10.66
N ALA C 103 -26.42 42.28 9.71
CA ALA C 103 -26.27 43.44 8.84
C ALA C 103 -27.55 43.75 8.06
N ILE C 104 -28.19 42.71 7.55
CA ILE C 104 -29.45 42.85 6.81
C ILE C 104 -30.61 43.24 7.73
N GLN C 105 -30.63 42.71 8.95
CA GLN C 105 -31.65 43.08 9.93
C GLN C 105 -31.54 44.56 10.29
N ILE C 106 -30.31 45.02 10.48
CA ILE C 106 -30.05 46.42 10.79
C ILE C 106 -30.43 47.34 9.61
N ASN C 107 -30.00 46.95 8.40
CA ASN C 107 -30.31 47.71 7.21
C ASN C 107 -30.78 46.80 6.07
N PRO C 108 -32.10 46.68 5.89
CA PRO C 108 -32.69 45.83 4.86
C PRO C 108 -32.32 46.23 3.43
N ALA C 109 -31.83 47.44 3.24
CA ALA C 109 -31.48 47.91 1.90
C ALA C 109 -29.98 47.80 1.62
N PHE C 110 -29.25 47.16 2.55
CA PHE C 110 -27.81 46.99 2.43
C PHE C 110 -27.51 45.91 1.39
N ALA C 111 -27.29 46.32 0.15
CA ALA C 111 -27.10 45.41 -0.98
C ALA C 111 -25.88 44.48 -0.82
N ASP C 112 -24.77 45.04 -0.35
CA ASP C 112 -23.54 44.25 -0.17
C ASP C 112 -23.73 43.06 0.77
N ALA C 113 -24.51 43.26 1.84
CA ALA C 113 -24.73 42.21 2.82
C ALA C 113 -25.55 41.07 2.23
N HIS C 114 -26.53 41.41 1.39
CA HIS C 114 -27.33 40.40 0.71
C HIS C 114 -26.46 39.58 -0.23
N SER C 115 -25.56 40.27 -0.93
CA SER C 115 -24.65 39.63 -1.87
C SER C 115 -23.66 38.75 -1.11
N ASN C 116 -23.21 39.24 0.05
CA ASN C 116 -22.29 38.45 0.86
C ASN C 116 -22.98 37.20 1.40
N LEU C 117 -24.24 37.36 1.80
CA LEU C 117 -25.03 36.22 2.28
C LEU C 117 -25.25 35.19 1.17
N ALA C 118 -25.53 35.68 -0.04
CA ALA C 118 -25.69 34.81 -1.19
C ALA C 118 -24.45 33.96 -1.43
N SER C 119 -23.28 34.55 -1.25
CA SER C 119 -22.02 33.85 -1.49
C SER C 119 -21.77 32.71 -0.50
N ILE C 120 -22.27 32.85 0.72
CA ILE C 120 -22.21 31.77 1.70
C ILE C 120 -23.10 30.63 1.25
N HIS C 121 -24.31 30.97 0.81
CA HIS C 121 -25.23 29.97 0.28
C HIS C 121 -24.62 29.26 -0.92
N LYS C 122 -24.00 30.06 -1.80
CA LYS C 122 -23.39 29.52 -3.01
C LYS C 122 -22.26 28.55 -2.67
N ASP C 123 -21.36 28.98 -1.78
CA ASP C 123 -20.23 28.15 -1.38
C ASP C 123 -20.67 26.90 -0.64
N SER C 124 -21.84 26.98 -0.01
CA SER C 124 -22.40 25.87 0.76
C SER C 124 -23.20 24.92 -0.12
N GLY C 125 -23.32 25.23 -1.41
CA GLY C 125 -24.02 24.38 -2.35
C GLY C 125 -25.51 24.60 -2.43
N ASN C 126 -26.00 25.65 -1.81
CA ASN C 126 -27.43 25.99 -1.86
C ASN C 126 -27.68 27.06 -2.91
N ILE C 127 -27.66 26.64 -4.17
CA ILE C 127 -27.78 27.57 -5.29
C ILE C 127 -29.11 28.36 -5.34
N PRO C 128 -30.26 27.67 -5.20
CA PRO C 128 -31.52 28.43 -5.25
C PRO C 128 -31.59 29.55 -4.21
N GLU C 129 -31.02 29.32 -3.04
CA GLU C 129 -31.03 30.34 -2.00
C GLU C 129 -30.01 31.43 -2.31
N ALA C 130 -28.89 31.05 -2.91
CA ALA C 130 -27.89 32.01 -3.35
C ALA C 130 -28.45 32.93 -4.43
N ILE C 131 -29.17 32.34 -5.37
CA ILE C 131 -29.81 33.10 -6.45
C ILE C 131 -30.80 34.13 -5.91
N ALA C 132 -31.64 33.69 -4.97
CA ALA C 132 -32.65 34.57 -4.38
C ALA C 132 -31.98 35.78 -3.72
N SER C 133 -30.94 35.54 -2.93
CA SER C 133 -30.23 36.62 -2.25
C SER C 133 -29.48 37.55 -3.22
N TYR C 134 -28.92 37.01 -4.30
CA TYR C 134 -28.25 37.82 -5.31
C TYR C 134 -29.24 38.74 -6.02
N ARG C 135 -30.44 38.22 -6.25
CA ARG C 135 -31.49 38.97 -6.93
C ARG C 135 -32.02 40.11 -6.07
N THR C 136 -32.05 39.89 -4.75
CA THR C 136 -32.42 40.95 -3.81
C THR C 136 -31.37 42.07 -3.85
N ALA C 137 -30.10 41.67 -3.85
CA ALA C 137 -29.00 42.62 -3.96
C ALA C 137 -29.11 43.49 -5.21
N LEU C 138 -29.44 42.85 -6.33
CA LEU C 138 -29.56 43.55 -7.61
C LEU C 138 -30.81 44.40 -7.73
N LYS C 139 -31.84 44.05 -6.97
CA LYS C 139 -33.06 44.87 -6.93
C LYS C 139 -32.77 46.15 -6.16
N LEU C 140 -31.93 46.03 -5.13
CA LEU C 140 -31.55 47.17 -4.31
C LEU C 140 -30.53 48.04 -5.04
N LYS C 141 -29.58 47.39 -5.71
CA LYS C 141 -28.52 48.09 -6.42
C LYS C 141 -28.33 47.45 -7.80
N PRO C 142 -29.01 47.98 -8.82
CA PRO C 142 -28.97 47.45 -10.19
C PRO C 142 -27.56 47.42 -10.76
N ASP C 143 -26.74 48.38 -10.36
CA ASP C 143 -25.35 48.44 -10.80
C ASP C 143 -24.46 47.81 -9.75
N PHE C 144 -24.34 46.48 -9.81
CA PHE C 144 -23.62 45.73 -8.79
C PHE C 144 -22.89 44.54 -9.43
N PRO C 145 -21.67 44.78 -9.92
CA PRO C 145 -20.88 43.79 -10.65
C PRO C 145 -20.68 42.47 -9.89
N ASP C 146 -20.38 42.54 -8.60
CA ASP C 146 -20.13 41.32 -7.82
C ASP C 146 -21.36 40.42 -7.77
N ALA C 147 -22.52 41.01 -7.50
CA ALA C 147 -23.75 40.25 -7.44
C ALA C 147 -24.18 39.74 -8.82
N TYR C 148 -24.08 40.59 -9.84
CA TYR C 148 -24.49 40.17 -11.18
C TYR C 148 -23.66 39.00 -11.69
N CYS C 149 -22.34 39.09 -11.51
CA CYS C 149 -21.44 38.05 -12.02
C CYS C 149 -21.53 36.74 -11.25
N ASN C 150 -21.70 36.82 -9.93
CA ASN C 150 -21.86 35.62 -9.13
C ASN C 150 -23.21 34.96 -9.37
N LEU C 151 -24.24 35.77 -9.61
CA LEU C 151 -25.54 35.25 -10.02
C LEU C 151 -25.40 34.50 -11.34
N ALA C 152 -24.67 35.09 -12.27
CA ALA C 152 -24.46 34.47 -13.59
C ALA C 152 -23.82 33.10 -13.44
N HIS C 153 -22.86 32.97 -12.53
CA HIS C 153 -22.22 31.69 -12.34
C HIS C 153 -23.20 30.69 -11.71
N CYS C 154 -24.02 31.15 -10.77
CA CYS C 154 -25.11 30.34 -10.22
C CYS C 154 -26.03 29.81 -11.32
N LEU C 155 -26.42 30.70 -12.22
CA LEU C 155 -27.30 30.31 -13.31
C LEU C 155 -26.60 29.32 -14.23
N GLN C 156 -25.30 29.51 -14.43
CA GLN C 156 -24.51 28.58 -15.24
C GLN C 156 -24.50 27.19 -14.62
N ILE C 157 -24.31 27.14 -13.30
CA ILE C 157 -24.24 25.89 -12.56
C ILE C 157 -25.51 25.04 -12.71
N VAL C 158 -26.66 25.68 -12.68
CA VAL C 158 -27.93 24.94 -12.77
C VAL C 158 -28.55 24.95 -14.17
N CYS C 159 -27.81 25.44 -15.15
CA CYS C 159 -28.24 25.49 -16.55
C CYS C 159 -29.54 26.28 -16.73
N ASP C 160 -29.63 27.41 -16.03
CA ASP C 160 -30.68 28.38 -16.26
C ASP C 160 -30.17 29.30 -17.35
N TRP C 161 -30.77 29.24 -18.54
CA TRP C 161 -30.31 30.03 -19.67
C TRP C 161 -31.31 31.11 -20.05
N THR C 162 -32.07 31.59 -19.08
CA THR C 162 -33.02 32.68 -19.32
C THR C 162 -32.25 33.93 -19.73
N ASP C 163 -32.64 34.52 -20.86
CA ASP C 163 -31.99 35.73 -21.39
C ASP C 163 -30.49 35.56 -21.50
N TYR C 164 -30.07 34.37 -21.94
CA TYR C 164 -28.65 34.00 -21.91
C TYR C 164 -27.76 34.94 -22.72
N ASP C 165 -28.14 35.22 -23.97
CA ASP C 165 -27.33 36.05 -24.84
C ASP C 165 -27.13 37.45 -24.28
N GLU C 166 -28.19 38.03 -23.70
CA GLU C 166 -28.11 39.34 -23.08
C GLU C 166 -27.23 39.27 -21.83
N ARG C 167 -27.35 38.17 -21.10
CA ARG C 167 -26.57 37.96 -19.88
C ARG C 167 -25.07 37.95 -20.20
N MET C 168 -24.70 37.25 -21.27
CA MET C 168 -23.30 37.19 -21.69
C MET C 168 -22.76 38.56 -22.10
N LYS C 169 -23.57 39.30 -22.87
CA LYS C 169 -23.18 40.64 -23.31
C LYS C 169 -22.92 41.55 -22.11
N LYS C 170 -23.80 41.48 -21.11
CA LYS C 170 -23.65 42.31 -19.92
C LYS C 170 -22.42 41.91 -19.10
N LEU C 171 -22.15 40.62 -19.02
CA LEU C 171 -20.97 40.11 -18.32
C LEU C 171 -19.70 40.67 -18.93
N VAL C 172 -19.63 40.65 -20.26
CA VAL C 172 -18.48 41.18 -20.98
C VAL C 172 -18.34 42.68 -20.76
N SER C 173 -19.46 43.40 -20.83
CA SER C 173 -19.48 44.84 -20.60
CA SER C 173 -19.47 44.84 -20.61
C SER C 173 -18.99 45.19 -19.21
N ILE C 174 -19.44 44.42 -18.21
CA ILE C 174 -19.06 44.65 -16.83
C ILE C 174 -17.56 44.47 -16.61
N VAL C 175 -17.01 43.39 -17.16
CA VAL C 175 -15.58 43.11 -17.05
C VAL C 175 -14.75 44.21 -17.72
N ALA C 176 -15.19 44.64 -18.91
CA ALA C 176 -14.48 45.67 -19.66
C ALA C 176 -14.42 46.98 -18.88
N ASP C 177 -15.48 47.27 -18.13
CA ASP C 177 -15.54 48.49 -17.34
C ASP C 177 -14.67 48.37 -16.09
N GLN C 178 -14.74 47.22 -15.42
CA GLN C 178 -13.91 46.98 -14.24
C GLN C 178 -12.42 47.03 -14.56
N LEU C 179 -12.05 46.44 -15.70
CA LEU C 179 -10.67 46.47 -16.15
C LEU C 179 -10.22 47.89 -16.47
N GLU C 180 -11.06 48.63 -17.19
CA GLU C 180 -10.76 50.00 -17.58
C GLU C 180 -10.60 50.90 -16.36
N LYS C 181 -11.43 50.67 -15.35
CA LYS C 181 -11.39 51.49 -14.15
C LYS C 181 -10.44 50.93 -13.09
N ASN C 182 -9.57 50.02 -13.51
CA ASN C 182 -8.53 49.45 -12.66
C ASN C 182 -9.07 48.83 -11.37
N ARG C 183 -10.08 47.97 -11.51
CA ARG C 183 -10.66 47.29 -10.36
C ARG C 183 -10.65 45.78 -10.58
N LEU C 184 -10.67 45.03 -9.49
CA LEU C 184 -10.65 43.57 -9.58
C LEU C 184 -11.96 43.05 -10.16
N PRO C 185 -11.89 42.42 -11.35
CA PRO C 185 -13.09 41.95 -12.04
C PRO C 185 -13.92 40.98 -11.22
N SER C 186 -15.24 41.04 -11.40
CA SER C 186 -16.17 40.20 -10.65
C SER C 186 -16.30 38.79 -11.25
N VAL C 187 -15.68 38.59 -12.40
CA VAL C 187 -15.63 37.26 -12.98
C VAL C 187 -14.32 36.60 -12.53
N HIS C 188 -14.43 35.44 -11.89
CA HIS C 188 -13.25 34.72 -11.42
C HIS C 188 -12.50 34.15 -12.62
N PRO C 189 -11.15 34.23 -12.59
CA PRO C 189 -10.35 33.73 -13.72
C PRO C 189 -10.61 32.25 -14.03
N HIS C 190 -10.95 31.46 -13.02
CA HIS C 190 -11.24 30.04 -13.26
C HIS C 190 -12.57 29.83 -13.97
N HIS C 191 -13.37 30.89 -14.05
CA HIS C 191 -14.67 30.81 -14.72
C HIS C 191 -14.67 31.52 -16.06
N SER C 192 -13.58 32.19 -16.39
CA SER C 192 -13.58 33.11 -17.53
C SER C 192 -13.71 32.42 -18.89
N MET C 193 -13.38 31.14 -18.94
CA MET C 193 -13.51 30.39 -20.20
C MET C 193 -14.98 30.11 -20.54
N LEU C 194 -15.87 30.33 -19.58
CA LEU C 194 -17.29 30.02 -19.76
C LEU C 194 -18.05 31.12 -20.50
N TYR C 195 -17.48 32.32 -20.55
CA TYR C 195 -18.16 33.48 -21.13
C TYR C 195 -17.40 34.01 -22.33
N PRO C 196 -18.12 34.61 -23.31
CA PRO C 196 -17.47 35.07 -24.54
C PRO C 196 -16.61 36.31 -24.36
N LEU C 197 -15.67 36.25 -23.43
CA LEU C 197 -14.69 37.30 -23.23
C LEU C 197 -13.54 37.10 -24.22
N SER C 198 -12.86 38.18 -24.60
CA SER C 198 -11.70 38.06 -25.46
C SER C 198 -10.57 37.35 -24.72
N HIS C 199 -9.60 36.81 -25.45
CA HIS C 199 -8.46 36.16 -24.82
C HIS C 199 -7.64 37.19 -24.06
N GLY C 200 -7.62 38.42 -24.57
CA GLY C 200 -6.96 39.52 -23.90
C GLY C 200 -7.60 39.83 -22.56
N PHE C 201 -8.93 39.88 -22.54
CA PHE C 201 -9.67 40.13 -21.31
C PHE C 201 -9.47 39.01 -20.30
N ARG C 202 -9.48 37.77 -20.78
CA ARG C 202 -9.29 36.63 -19.91
C ARG C 202 -7.92 36.67 -19.24
N LYS C 203 -6.89 36.98 -20.03
CA LYS C 203 -5.54 37.09 -19.51
C LYS C 203 -5.42 38.26 -18.54
N ALA C 204 -6.13 39.34 -18.84
CA ALA C 204 -6.11 40.53 -17.98
C ALA C 204 -6.76 40.27 -16.63
N ILE C 205 -7.85 39.51 -16.61
CA ILE C 205 -8.49 39.11 -15.37
C ILE C 205 -7.51 38.33 -14.50
N ALA C 206 -6.87 37.33 -15.10
CA ALA C 206 -5.88 36.52 -14.40
C ALA C 206 -4.74 37.38 -13.88
N GLU C 207 -4.28 38.32 -14.69
CA GLU C 207 -3.20 39.22 -14.32
CA GLU C 207 -3.19 39.22 -14.32
C GLU C 207 -3.54 40.01 -13.06
N ARG C 208 -4.79 40.47 -12.97
CA ARG C 208 -5.25 41.23 -11.82
C ARG C 208 -5.13 40.41 -10.55
N HIS C 209 -5.44 39.12 -10.66
CA HIS C 209 -5.35 38.20 -9.51
C HIS C 209 -3.91 37.91 -9.14
N GLY C 210 -3.05 37.83 -10.15
CA GLY C 210 -1.63 37.65 -9.91
C GLY C 210 -1.05 38.85 -9.20
N ASN C 211 -1.53 40.03 -9.56
CA ASN C 211 -1.10 41.28 -8.93
C ASN C 211 -1.54 41.39 -7.47
N LEU C 212 -2.66 40.74 -7.15
CA LEU C 212 -3.13 40.71 -5.76
C LEU C 212 -2.10 40.01 -4.87
N CYS C 213 -1.52 38.93 -5.37
CA CYS C 213 -0.50 38.19 -4.65
C CYS C 213 0.75 39.05 -4.45
N LEU C 214 1.16 39.74 -5.51
CA LEU C 214 2.31 40.64 -5.45
C LEU C 214 2.11 41.74 -4.41
N ASP C 215 0.91 42.31 -4.37
CA ASP C 215 0.60 43.34 -3.39
C ASP C 215 0.67 42.80 -1.97
N LYS C 216 0.38 41.52 -1.80
CA LYS C 216 0.39 40.90 -0.47
C LYS C 216 1.80 40.61 0.02
N ILE C 217 2.71 40.28 -0.89
CA ILE C 217 4.08 39.95 -0.51
C ILE C 217 5.00 41.18 -0.44
N ASN C 218 4.64 42.24 -1.16
CA ASN C 218 5.46 43.45 -1.17
C ASN C 218 5.54 44.11 0.19
N VAL C 219 4.57 43.80 1.05
CA VAL C 219 4.56 44.35 2.40
C VAL C 219 5.49 43.58 3.33
N LEU C 220 5.96 42.42 2.87
CA LEU C 220 6.94 41.65 3.62
C LEU C 220 8.33 42.28 3.46
N HIS C 221 8.47 43.09 2.41
CA HIS C 221 9.73 43.78 2.10
C HIS C 221 10.91 42.82 2.01
N LYS C 222 10.65 41.62 1.49
CA LYS C 222 11.69 40.62 1.35
C LYS C 222 12.49 40.86 0.07
N PRO C 223 13.83 40.78 0.18
CA PRO C 223 14.70 40.95 -0.98
C PRO C 223 14.56 39.77 -1.94
N PRO C 224 14.96 39.95 -3.20
CA PRO C 224 14.96 38.83 -4.15
C PRO C 224 15.92 37.73 -3.68
N TYR C 225 15.52 36.48 -3.86
CA TYR C 225 16.32 35.35 -3.41
C TYR C 225 17.52 35.12 -4.32
N GLU C 226 18.62 34.64 -3.74
CA GLU C 226 19.75 34.17 -4.51
C GLU C 226 19.47 32.75 -5.00
N HIS C 227 19.44 32.57 -6.31
CA HIS C 227 19.13 31.28 -6.89
C HIS C 227 20.40 30.50 -7.25
N PRO C 228 20.32 29.15 -7.22
CA PRO C 228 21.45 28.34 -7.64
C PRO C 228 21.77 28.54 -9.12
N LYS C 229 23.05 28.49 -9.47
CA LYS C 229 23.50 28.69 -10.85
C LYS C 229 23.86 27.38 -11.52
N ASP C 230 23.91 26.29 -10.74
CA ASP C 230 24.27 24.99 -11.25
C ASP C 230 23.69 23.88 -10.40
N LEU C 231 24.07 22.64 -10.69
CA LEU C 231 23.55 21.49 -9.97
C LEU C 231 24.61 20.89 -9.04
N LYS C 232 25.69 21.63 -8.82
CA LYS C 232 26.82 21.15 -8.03
C LYS C 232 26.45 20.83 -6.57
N LEU C 233 25.69 21.72 -5.95
CA LEU C 233 25.31 21.54 -4.56
C LEU C 233 24.27 20.43 -4.38
N SER C 234 23.65 20.04 -5.49
CA SER C 234 22.64 18.99 -5.45
C SER C 234 23.12 17.70 -6.12
N ASP C 235 24.43 17.53 -6.17
CA ASP C 235 25.05 16.31 -6.69
C ASP C 235 24.63 16.01 -8.12
N GLY C 236 24.51 17.06 -8.93
CA GLY C 236 24.14 16.90 -10.32
C GLY C 236 22.66 16.62 -10.55
N ARG C 237 21.87 16.70 -9.49
CA ARG C 237 20.43 16.47 -9.59
C ARG C 237 19.66 17.78 -9.70
N LEU C 238 18.61 17.78 -10.51
CA LEU C 238 17.71 18.92 -10.59
C LEU C 238 16.66 18.80 -9.49
N ARG C 239 16.58 19.81 -8.64
CA ARG C 239 15.60 19.81 -7.56
C ARG C 239 14.27 20.40 -8.03
N VAL C 240 13.25 19.56 -8.07
CA VAL C 240 11.93 19.97 -8.54
C VAL C 240 10.95 19.99 -7.37
N GLY C 241 10.25 21.11 -7.22
CA GLY C 241 9.27 21.24 -6.16
C GLY C 241 7.86 21.32 -6.68
N TYR C 242 7.03 20.34 -6.30
CA TYR C 242 5.62 20.35 -6.66
C TYR C 242 4.78 20.94 -5.53
N VAL C 243 4.10 22.04 -5.80
CA VAL C 243 3.29 22.72 -4.79
C VAL C 243 1.81 22.52 -5.09
N SER C 244 1.08 21.95 -4.13
CA SER C 244 -0.34 21.69 -4.35
C SER C 244 -1.15 21.62 -3.06
N SER C 245 -2.36 22.16 -3.10
CA SER C 245 -3.30 21.99 -2.01
C SER C 245 -4.07 20.69 -2.17
N ASP C 246 -3.74 19.92 -3.20
CA ASP C 246 -4.56 18.77 -3.57
C ASP C 246 -3.82 17.43 -3.51
N PHE C 247 -2.86 17.30 -2.61
CA PHE C 247 -2.25 16.00 -2.33
C PHE C 247 -3.15 15.27 -1.34
N GLY C 248 -4.05 14.44 -1.86
CA GLY C 248 -5.09 13.82 -1.07
C GLY C 248 -6.22 13.42 -2.00
N ASN C 249 -7.42 13.24 -1.45
CA ASN C 249 -8.56 12.85 -2.29
C ASN C 249 -9.09 14.01 -3.11
N HIS C 250 -8.55 14.17 -4.31
CA HIS C 250 -8.87 15.27 -5.21
C HIS C 250 -8.44 14.86 -6.60
N PRO C 251 -9.15 15.33 -7.65
CA PRO C 251 -8.79 14.98 -9.03
C PRO C 251 -7.30 15.14 -9.34
N THR C 252 -6.65 16.15 -8.76
CA THR C 252 -5.22 16.35 -9.03
C THR C 252 -4.39 15.11 -8.70
N SER C 253 -4.58 14.56 -7.52
CA SER C 253 -3.86 13.33 -7.15
C SER C 253 -4.34 12.12 -7.97
N HIS C 254 -5.60 12.12 -8.37
CA HIS C 254 -6.13 11.04 -9.23
C HIS C 254 -5.43 11.05 -10.60
N LEU C 255 -4.84 12.19 -10.95
CA LEU C 255 -4.13 12.30 -12.22
C LEU C 255 -2.64 11.99 -12.08
N MET C 256 -2.00 12.51 -11.03
CA MET C 256 -0.55 12.51 -10.99
C MET C 256 0.13 11.85 -9.79
N GLN C 257 -0.61 11.11 -8.97
CA GLN C 257 -0.02 10.58 -7.73
C GLN C 257 1.17 9.63 -7.97
N SER C 258 1.25 9.02 -9.15
CA SER C 258 2.36 8.11 -9.45
C SER C 258 3.62 8.84 -9.91
N ILE C 259 3.46 10.09 -10.32
CA ILE C 259 4.57 10.82 -10.95
C ILE C 259 5.80 11.08 -10.06
N PRO C 260 5.59 11.56 -8.82
CA PRO C 260 6.77 11.75 -7.96
C PRO C 260 7.65 10.49 -7.80
N GLY C 261 7.02 9.34 -7.62
CA GLY C 261 7.74 8.09 -7.44
C GLY C 261 8.44 7.58 -8.69
N MET C 262 8.05 8.11 -9.84
CA MET C 262 8.60 7.66 -11.12
C MET C 262 9.77 8.51 -11.59
N HIS C 263 10.06 9.60 -10.88
CA HIS C 263 11.20 10.43 -11.24
C HIS C 263 12.51 9.66 -11.04
N ASN C 264 13.46 9.93 -11.94
CA ASN C 264 14.77 9.28 -11.90
C ASN C 264 15.66 9.92 -10.84
N PRO C 265 15.95 9.17 -9.75
CA PRO C 265 16.70 9.74 -8.63
C PRO C 265 18.15 10.07 -8.96
N ASP C 266 18.68 9.51 -10.05
CA ASP C 266 20.04 9.84 -10.46
C ASP C 266 20.16 11.27 -10.97
N LYS C 267 19.05 11.81 -11.49
CA LYS C 267 19.08 13.12 -12.12
C LYS C 267 18.10 14.11 -11.50
N PHE C 268 17.19 13.63 -10.67
CA PHE C 268 16.17 14.50 -10.08
C PHE C 268 15.98 14.24 -8.58
N GLU C 269 15.71 15.31 -7.86
CA GLU C 269 15.37 15.22 -6.44
C GLU C 269 14.01 15.89 -6.26
N VAL C 270 13.01 15.10 -5.86
CA VAL C 270 11.63 15.58 -5.84
C VAL C 270 11.20 16.03 -4.44
N PHE C 271 10.71 17.28 -4.38
CA PHE C 271 10.17 17.85 -3.15
C PHE C 271 8.69 18.12 -3.39
N CYS C 272 7.81 17.53 -2.57
CA CYS C 272 6.40 17.88 -2.65
C CYS C 272 6.01 18.78 -1.48
N TYR C 273 5.46 19.94 -1.82
CA TYR C 273 5.03 20.91 -0.81
C TYR C 273 3.51 20.93 -0.73
N ALA C 274 2.98 20.31 0.31
CA ALA C 274 1.54 20.23 0.51
C ALA C 274 1.01 21.51 1.15
N LEU C 275 -0.05 22.05 0.56
CA LEU C 275 -0.67 23.26 1.10
C LEU C 275 -1.89 22.89 1.94
N SER C 276 -2.25 21.61 1.95
CA SER C 276 -3.38 21.14 2.74
C SER C 276 -2.90 20.17 3.81
N PRO C 277 -3.63 20.07 4.92
CA PRO C 277 -3.31 19.05 5.93
C PRO C 277 -3.61 17.63 5.41
N ASP C 278 -3.00 16.64 6.04
CA ASP C 278 -3.17 15.24 5.68
C ASP C 278 -4.63 14.82 5.88
N ASP C 279 -5.28 14.38 4.80
CA ASP C 279 -6.71 14.02 4.87
C ASP C 279 -6.94 12.54 5.19
N GLY C 280 -5.86 11.80 5.43
CA GLY C 280 -5.93 10.41 5.84
C GLY C 280 -6.11 9.39 4.73
N THR C 281 -6.14 9.86 3.48
CA THR C 281 -6.39 8.97 2.35
C THR C 281 -5.09 8.38 1.78
N ASN C 282 -5.24 7.31 1.00
CA ASN C 282 -4.09 6.64 0.40
C ASN C 282 -3.38 7.48 -0.65
N PHE C 283 -4.08 8.46 -1.20
CA PHE C 283 -3.48 9.36 -2.17
C PHE C 283 -2.39 10.18 -1.50
N ARG C 284 -2.67 10.68 -0.31
CA ARG C 284 -1.70 11.43 0.46
C ARG C 284 -0.57 10.50 0.91
N VAL C 285 -0.93 9.31 1.37
CA VAL C 285 0.06 8.31 1.78
C VAL C 285 1.07 8.04 0.68
N LYS C 286 0.58 7.84 -0.54
CA LYS C 286 1.44 7.48 -1.67
C LYS C 286 2.45 8.56 -1.98
N VAL C 287 1.99 9.80 -2.06
CA VAL C 287 2.85 10.91 -2.41
C VAL C 287 3.90 11.16 -1.31
N MET C 288 3.47 11.09 -0.06
CA MET C 288 4.38 11.23 1.08
C MET C 288 5.45 10.13 1.10
N ALA C 289 5.07 8.94 0.68
CA ALA C 289 5.99 7.79 0.71
C ALA C 289 6.98 7.78 -0.46
N GLU C 290 6.58 8.32 -1.60
CA GLU C 290 7.35 8.16 -2.82
C GLU C 290 8.16 9.38 -3.24
N ALA C 291 7.75 10.56 -2.80
CA ALA C 291 8.55 11.75 -3.04
C ALA C 291 9.85 11.63 -2.25
N ASN C 292 10.91 12.26 -2.74
CA ASN C 292 12.17 12.25 -2.00
C ASN C 292 12.04 13.05 -0.70
N HIS C 293 11.22 14.10 -0.76
CA HIS C 293 10.95 14.93 0.41
C HIS C 293 9.50 15.38 0.37
N PHE C 294 8.84 15.33 1.53
CA PHE C 294 7.48 15.84 1.61
C PHE C 294 7.40 16.87 2.72
N ILE C 295 6.93 18.07 2.38
CA ILE C 295 6.90 19.19 3.31
C ILE C 295 5.47 19.68 3.49
N ASP C 296 4.99 19.69 4.73
CA ASP C 296 3.63 20.13 5.00
C ASP C 296 3.61 21.64 5.28
N LEU C 297 3.32 22.42 4.25
CA LEU C 297 3.32 23.88 4.38
C LEU C 297 2.03 24.40 5.00
N SER C 298 1.05 23.52 5.20
CA SER C 298 -0.18 23.91 5.87
C SER C 298 0.11 24.23 7.34
N GLN C 299 1.24 23.74 7.84
CA GLN C 299 1.67 24.04 9.20
C GLN C 299 2.49 25.32 9.26
N ILE C 300 2.70 25.92 8.09
CA ILE C 300 3.47 27.16 7.99
C ILE C 300 2.64 28.22 7.25
N PRO C 301 1.76 28.92 7.98
CA PRO C 301 0.82 29.88 7.40
C PRO C 301 1.51 31.09 6.75
N CYS C 302 2.63 31.52 7.31
CA CYS C 302 3.34 32.69 6.78
C CYS C 302 3.97 32.38 5.43
N ASN C 303 3.56 33.11 4.40
CA ASN C 303 4.11 32.89 3.06
C ASN C 303 5.59 33.25 2.95
N GLY C 304 6.04 34.17 3.79
CA GLY C 304 7.45 34.54 3.83
C GLY C 304 8.29 33.40 4.37
N LYS C 305 7.85 32.82 5.48
CA LYS C 305 8.57 31.71 6.09
C LYS C 305 8.49 30.45 5.23
N ALA C 306 7.35 30.25 4.57
CA ALA C 306 7.17 29.09 3.70
C ALA C 306 8.06 29.20 2.46
N ALA C 307 8.17 30.40 1.91
CA ALA C 307 9.02 30.63 0.74
C ALA C 307 10.50 30.48 1.09
N ASP C 308 10.87 30.93 2.29
CA ASP C 308 12.24 30.75 2.79
C ASP C 308 12.59 29.27 2.87
N ARG C 309 11.60 28.47 3.26
CA ARG C 309 11.75 27.03 3.35
C ARG C 309 12.00 26.42 1.97
N ILE C 310 11.24 26.89 0.97
CA ILE C 310 11.41 26.42 -0.39
C ILE C 310 12.79 26.79 -0.94
N HIS C 311 13.21 28.03 -0.68
CA HIS C 311 14.52 28.49 -1.11
C HIS C 311 15.66 27.74 -0.42
N GLN C 312 15.47 27.43 0.86
CA GLN C 312 16.46 26.70 1.63
C GLN C 312 16.69 25.30 1.04
N ASP C 313 15.61 24.70 0.53
CA ASP C 313 15.69 23.36 -0.07
C ASP C 313 16.45 23.37 -1.40
N GLY C 314 16.67 24.56 -1.96
CA GLY C 314 17.48 24.71 -3.15
C GLY C 314 16.76 24.38 -4.43
N ILE C 315 15.44 24.57 -4.43
CA ILE C 315 14.60 24.24 -5.59
C ILE C 315 15.03 24.98 -6.86
N HIS C 316 15.22 24.22 -7.94
CA HIS C 316 15.55 24.80 -9.24
C HIS C 316 14.29 25.13 -10.02
N ILE C 317 13.34 24.21 -10.01
CA ILE C 317 12.06 24.40 -10.70
C ILE C 317 10.90 24.19 -9.74
N LEU C 318 10.15 25.25 -9.49
CA LEU C 318 8.98 25.18 -8.61
C LEU C 318 7.72 25.12 -9.46
N VAL C 319 6.87 24.15 -9.18
CA VAL C 319 5.75 23.85 -10.05
C VAL C 319 4.41 24.19 -9.41
N ASN C 320 3.67 25.09 -10.06
CA ASN C 320 2.37 25.54 -9.56
C ASN C 320 1.24 24.66 -10.06
N MET C 321 0.68 23.84 -9.17
CA MET C 321 -0.35 22.90 -9.55
C MET C 321 -1.76 23.39 -9.23
N ASN C 322 -1.87 24.63 -8.76
CA ASN C 322 -3.17 25.19 -8.37
C ASN C 322 -3.70 26.31 -9.24
N GLY C 323 -2.85 27.27 -9.58
CA GLY C 323 -3.33 28.51 -10.16
C GLY C 323 -4.36 29.11 -9.23
N TYR C 324 -5.44 29.65 -9.79
CA TYR C 324 -6.47 30.29 -8.97
C TYR C 324 -7.56 29.29 -8.57
N THR C 325 -7.16 28.28 -7.81
CA THR C 325 -8.09 27.29 -7.28
C THR C 325 -7.97 27.19 -5.76
N LYS C 326 -8.96 26.54 -5.15
CA LYS C 326 -9.08 26.46 -3.70
C LYS C 326 -7.84 25.90 -3.02
N GLY C 327 -7.37 26.61 -2.01
CA GLY C 327 -6.20 26.19 -1.25
C GLY C 327 -4.90 26.78 -1.75
N ALA C 328 -4.95 27.44 -2.90
CA ALA C 328 -3.75 28.01 -3.51
C ALA C 328 -3.08 29.04 -2.60
N ARG C 329 -1.76 29.07 -2.65
CA ARG C 329 -0.98 30.12 -2.02
C ARG C 329 0.02 30.68 -3.03
N ASN C 330 -0.51 31.40 -4.02
CA ASN C 330 0.32 31.90 -5.11
C ASN C 330 1.29 32.99 -4.67
N GLU C 331 1.09 33.51 -3.47
CA GLU C 331 2.06 34.39 -2.84
C GLU C 331 3.43 33.74 -2.73
N LEU C 332 3.45 32.41 -2.63
CA LEU C 332 4.71 31.68 -2.60
C LEU C 332 5.48 31.89 -3.89
N PHE C 333 4.78 31.83 -5.02
CA PHE C 333 5.41 32.00 -6.31
C PHE C 333 5.74 33.47 -6.60
N ALA C 334 4.93 34.38 -6.06
CA ALA C 334 5.19 35.81 -6.21
C ALA C 334 6.51 36.20 -5.53
N LEU C 335 6.88 35.46 -4.49
CA LEU C 335 8.14 35.70 -3.79
C LEU C 335 9.35 35.16 -4.55
N ARG C 336 9.07 34.38 -5.58
CA ARG C 336 10.10 33.79 -6.46
C ARG C 336 11.28 33.12 -5.73
N PRO C 337 11.00 32.07 -4.94
CA PRO C 337 12.07 31.36 -4.23
C PRO C 337 12.90 30.45 -5.14
N ALA C 338 12.43 30.23 -6.38
CA ALA C 338 13.12 29.39 -7.34
C ALA C 338 13.36 30.16 -8.63
N PRO C 339 14.42 29.81 -9.38
CA PRO C 339 14.77 30.53 -10.61
C PRO C 339 13.84 30.24 -11.79
N ILE C 340 13.18 29.09 -11.77
CA ILE C 340 12.22 28.74 -12.81
C ILE C 340 10.92 28.31 -12.15
N GLN C 341 9.82 28.93 -12.54
CA GLN C 341 8.52 28.61 -11.97
C GLN C 341 7.51 28.33 -13.08
N ALA C 342 6.86 27.16 -13.01
CA ALA C 342 6.01 26.69 -14.10
C ALA C 342 4.62 26.28 -13.62
N MET C 343 3.62 26.60 -14.45
CA MET C 343 2.25 26.13 -14.22
C MET C 343 2.12 24.73 -14.79
N TRP C 344 1.48 23.83 -14.03
CA TRP C 344 1.32 22.46 -14.51
C TRP C 344 0.04 21.78 -14.05
N LEU C 345 -0.78 21.40 -15.04
CA LEU C 345 -1.85 20.41 -14.89
C LEU C 345 -3.11 20.88 -14.17
N GLY C 346 -2.96 21.36 -12.95
CA GLY C 346 -4.10 21.71 -12.12
C GLY C 346 -4.98 22.82 -12.68
N TYR C 347 -4.34 23.85 -13.22
CA TYR C 347 -5.07 25.04 -13.65
C TYR C 347 -5.21 25.16 -15.17
N PRO C 348 -6.45 25.05 -15.69
CA PRO C 348 -6.70 25.08 -17.14
C PRO C 348 -6.78 26.49 -17.71
N GLY C 349 -5.69 27.23 -17.63
CA GLY C 349 -5.67 28.58 -18.15
C GLY C 349 -4.41 29.30 -17.75
N THR C 350 -4.25 30.54 -18.22
CA THR C 350 -3.06 31.31 -17.90
C THR C 350 -3.16 31.93 -16.51
N SER C 351 -2.03 32.06 -15.85
CA SER C 351 -1.99 32.70 -14.54
C SER C 351 -2.00 34.21 -14.73
N GLY C 352 -1.61 34.66 -15.92
CA GLY C 352 -1.51 36.07 -16.22
C GLY C 352 -0.43 36.76 -15.41
N ALA C 353 0.36 35.99 -14.66
CA ALA C 353 1.28 36.55 -13.68
C ALA C 353 2.73 36.54 -14.15
N LEU C 354 3.43 37.65 -13.93
CA LEU C 354 4.82 37.77 -14.37
C LEU C 354 5.80 36.90 -13.57
N PHE C 355 5.36 36.43 -12.40
CA PHE C 355 6.23 35.57 -11.58
C PHE C 355 6.18 34.10 -11.99
N MET C 356 5.30 33.76 -12.93
CA MET C 356 5.29 32.42 -13.52
C MET C 356 5.98 32.47 -14.87
N ASP C 357 7.00 31.61 -15.06
CA ASP C 357 7.82 31.65 -16.27
C ASP C 357 7.25 30.83 -17.42
N TYR C 358 6.69 29.67 -17.09
CA TYR C 358 6.22 28.73 -18.09
C TYR C 358 4.85 28.18 -17.77
N ILE C 359 4.14 27.76 -18.81
CA ILE C 359 3.00 26.88 -18.63
C ILE C 359 3.28 25.59 -19.40
N ILE C 360 3.17 24.47 -18.70
CA ILE C 360 3.42 23.18 -19.33
C ILE C 360 2.15 22.73 -20.05
N THR C 361 2.25 22.62 -21.37
CA THR C 361 1.10 22.34 -22.20
C THR C 361 1.57 21.52 -23.41
N ASP C 362 0.87 21.62 -24.53
CA ASP C 362 1.30 20.90 -25.73
C ASP C 362 0.83 21.61 -26.98
N GLN C 363 1.29 21.14 -28.14
CA GLN C 363 1.01 21.79 -29.41
C GLN C 363 -0.47 21.75 -29.79
N GLU C 364 -1.16 20.69 -29.37
CA GLU C 364 -2.57 20.52 -29.69
C GLU C 364 -3.43 21.42 -28.79
N THR C 365 -3.08 21.47 -27.51
CA THR C 365 -3.81 22.26 -26.53
C THR C 365 -3.56 23.75 -26.74
N SER C 366 -2.30 24.11 -26.97
CA SER C 366 -1.90 25.51 -27.06
C SER C 366 -1.00 25.75 -28.25
N PRO C 367 -1.55 25.74 -29.47
CA PRO C 367 -0.72 25.97 -30.67
C PRO C 367 0.03 27.30 -30.57
N ALA C 368 1.19 27.37 -31.22
CA ALA C 368 2.05 28.55 -31.12
C ALA C 368 1.36 29.82 -31.61
N GLU C 369 0.34 29.64 -32.44
CA GLU C 369 -0.41 30.77 -33.01
C GLU C 369 -1.16 31.56 -31.94
N VAL C 370 -1.56 30.88 -30.86
CA VAL C 370 -2.32 31.54 -29.80
C VAL C 370 -1.50 31.77 -28.54
N ALA C 371 -0.20 31.98 -28.71
CA ALA C 371 0.68 32.24 -27.57
C ALA C 371 0.27 33.49 -26.78
N GLU C 372 -0.38 34.43 -27.44
CA GLU C 372 -0.78 35.68 -26.79
C GLU C 372 -1.93 35.50 -25.79
N GLN C 373 -2.53 34.32 -25.74
CA GLN C 373 -3.53 34.01 -24.73
C GLN C 373 -2.87 33.81 -23.37
N TYR C 374 -1.56 33.61 -23.39
CA TYR C 374 -0.82 33.24 -22.18
C TYR C 374 0.22 34.29 -21.82
N SER C 375 0.40 34.55 -20.53
CA SER C 375 1.47 35.43 -20.09
C SER C 375 2.77 34.63 -20.03
N GLU C 376 2.63 33.33 -19.78
CA GLU C 376 3.78 32.44 -19.68
C GLU C 376 4.31 32.06 -21.06
N LYS C 377 5.57 31.65 -21.11
CA LYS C 377 6.11 31.03 -22.31
C LYS C 377 5.58 29.61 -22.37
N LEU C 378 5.34 29.11 -23.58
CA LEU C 378 4.82 27.77 -23.75
C LEU C 378 5.93 26.73 -23.62
N ALA C 379 5.67 25.68 -22.84
CA ALA C 379 6.60 24.57 -22.71
C ALA C 379 5.88 23.28 -23.10
N TYR C 380 6.22 22.75 -24.26
CA TYR C 380 5.49 21.63 -24.84
C TYR C 380 5.94 20.25 -24.37
N MET C 381 4.99 19.49 -23.84
CA MET C 381 5.15 18.03 -23.73
C MET C 381 4.92 17.48 -25.14
N PRO C 382 5.57 16.35 -25.48
CA PRO C 382 5.55 15.88 -26.88
C PRO C 382 4.20 15.38 -27.39
N HIS C 383 3.36 14.87 -26.52
CA HIS C 383 2.04 14.40 -26.94
C HIS C 383 0.92 15.26 -26.34
N THR C 384 0.49 14.92 -25.13
CA THR C 384 -0.41 15.81 -24.39
C THR C 384 0.16 16.11 -23.01
N PHE C 385 -0.16 17.29 -22.48
CA PHE C 385 0.27 17.62 -21.12
C PHE C 385 -0.61 16.90 -20.12
N PHE C 386 -1.78 16.45 -20.57
CA PHE C 386 -2.68 15.77 -19.65
C PHE C 386 -2.19 14.35 -19.34
N ILE C 387 -2.53 13.88 -18.15
CA ILE C 387 -2.15 12.55 -17.69
C ILE C 387 -3.22 12.09 -16.71
N GLY C 388 -3.30 10.78 -16.49
CA GLY C 388 -4.20 10.22 -15.50
C GLY C 388 -3.58 8.99 -14.86
N ASP C 389 -3.98 8.67 -13.63
CA ASP C 389 -3.40 7.54 -12.93
C ASP C 389 -4.25 6.28 -13.09
N HIS C 390 -5.07 6.23 -14.14
CA HIS C 390 -6.05 5.16 -14.28
C HIS C 390 -5.45 3.76 -14.35
N ALA C 391 -4.27 3.63 -14.96
CA ALA C 391 -3.67 2.31 -15.14
C ALA C 391 -3.27 1.72 -13.79
N ASN C 392 -2.95 2.60 -12.85
CA ASN C 392 -2.62 2.21 -11.48
C ASN C 392 -3.85 2.11 -10.58
N MET C 393 -4.77 3.05 -10.71
CA MET C 393 -5.95 3.08 -9.85
C MET C 393 -7.02 2.08 -10.24
N PHE C 394 -7.27 1.90 -11.53
CA PHE C 394 -8.33 1.03 -12.01
C PHE C 394 -7.86 -0.09 -12.96
N PRO C 395 -6.90 -0.91 -12.53
CA PRO C 395 -6.37 -1.95 -13.44
C PRO C 395 -7.39 -3.05 -13.71
N HIS C 396 -8.44 -3.12 -12.88
CA HIS C 396 -9.49 -4.11 -13.09
C HIS C 396 -10.33 -3.79 -14.33
N LEU C 397 -10.14 -2.59 -14.88
CA LEU C 397 -10.86 -2.17 -16.09
C LEU C 397 -10.02 -2.34 -17.35
N LYS C 398 -8.82 -2.89 -17.22
CA LYS C 398 -7.96 -3.15 -18.36
C LYS C 398 -8.57 -4.22 -19.26
N LYS C 399 -9.29 -5.15 -18.66
CA LYS C 399 -9.98 -6.19 -19.41
C LYS C 399 -11.43 -6.28 -18.96
N LYS C 400 -12.28 -6.86 -19.81
CA LYS C 400 -13.68 -7.02 -19.47
C LYS C 400 -14.24 -8.29 -20.08
N ALA C 401 -15.38 -8.73 -19.58
CA ALA C 401 -16.14 -9.79 -20.23
C ALA C 401 -17.60 -9.36 -20.23
N VAL C 402 -18.40 -9.96 -21.11
CA VAL C 402 -19.80 -9.64 -21.13
C VAL C 402 -20.66 -10.89 -20.99
N ILE C 403 -21.90 -10.69 -20.57
CA ILE C 403 -22.87 -11.77 -20.53
C ILE C 403 -23.90 -11.54 -21.63
N ASP C 404 -24.05 -12.51 -22.52
CA ASP C 404 -25.03 -12.41 -23.58
C ASP C 404 -26.38 -12.97 -23.14
N PHE C 405 -27.35 -12.08 -22.92
CA PHE C 405 -28.69 -12.52 -22.52
C PHE C 405 -29.64 -12.51 -23.71
N HIS C 410 -28.02 -10.32 -30.84
CA HIS C 410 -26.60 -10.41 -31.14
C HIS C 410 -25.75 -10.26 -29.87
N ILE C 411 -24.49 -9.90 -30.04
CA ILE C 411 -23.59 -9.73 -28.90
C ILE C 411 -23.18 -8.27 -28.68
N TYR C 412 -23.48 -7.74 -27.50
CA TYR C 412 -23.15 -6.36 -27.16
C TYR C 412 -21.92 -6.33 -26.25
N ASP C 413 -21.12 -5.28 -26.36
CA ASP C 413 -19.94 -5.14 -25.50
C ASP C 413 -20.21 -4.22 -24.31
N ASN C 414 -21.44 -3.76 -24.17
CA ASN C 414 -21.72 -2.71 -23.19
C ASN C 414 -23.11 -2.76 -22.54
N ARG C 415 -23.73 -3.94 -22.53
CA ARG C 415 -25.04 -4.10 -21.90
C ARG C 415 -24.90 -4.70 -20.50
N ILE C 416 -24.20 -5.82 -20.41
CA ILE C 416 -23.87 -6.45 -19.14
C ILE C 416 -22.39 -6.74 -19.11
N VAL C 417 -21.68 -6.12 -18.17
CA VAL C 417 -20.23 -6.15 -18.18
C VAL C 417 -19.64 -6.65 -16.85
N LEU C 418 -18.59 -7.46 -16.96
CA LEU C 418 -17.85 -7.93 -15.79
CA LEU C 418 -17.86 -7.90 -15.77
C LEU C 418 -16.43 -7.39 -15.82
N ASN C 419 -15.88 -7.05 -14.66
CA ASN C 419 -14.50 -6.62 -14.54
C ASN C 419 -13.94 -7.17 -13.23
N GLY C 420 -12.67 -7.55 -13.24
CA GLY C 420 -12.03 -7.98 -12.01
C GLY C 420 -10.62 -8.46 -12.22
N ILE C 421 -9.79 -8.26 -11.21
CA ILE C 421 -8.42 -8.76 -11.21
C ILE C 421 -8.40 -10.27 -11.45
N ASP C 422 -9.38 -10.97 -10.89
CA ASP C 422 -9.44 -12.42 -11.01
C ASP C 422 -10.49 -12.90 -12.03
N LEU C 423 -10.83 -12.02 -12.97
CA LEU C 423 -11.85 -12.34 -13.97
C LEU C 423 -11.50 -13.54 -14.83
N LYS C 424 -10.24 -13.65 -15.22
CA LYS C 424 -9.81 -14.77 -16.06
C LYS C 424 -10.03 -16.12 -15.37
N ALA C 425 -9.62 -16.22 -14.11
CA ALA C 425 -9.84 -17.43 -13.33
C ALA C 425 -11.32 -17.80 -13.23
N PHE C 426 -12.16 -16.81 -12.97
CA PHE C 426 -13.61 -17.01 -12.93
C PHE C 426 -14.14 -17.56 -14.25
N LEU C 427 -13.73 -16.95 -15.35
CA LEU C 427 -14.13 -17.41 -16.67
C LEU C 427 -13.64 -18.83 -16.95
N ASP C 428 -12.46 -19.16 -16.45
CA ASP C 428 -11.93 -20.51 -16.64
C ASP C 428 -12.76 -21.56 -15.89
N SER C 429 -13.53 -21.12 -14.90
CA SER C 429 -14.33 -22.03 -14.10
C SER C 429 -15.66 -22.37 -14.80
N LEU C 430 -15.97 -21.61 -15.83
CA LEU C 430 -17.26 -21.74 -16.53
C LEU C 430 -17.14 -22.52 -17.84
N PRO C 431 -18.17 -23.30 -18.17
CA PRO C 431 -18.23 -23.96 -19.47
C PRO C 431 -18.88 -23.05 -20.52
N ASP C 432 -18.63 -23.35 -21.79
CA ASP C 432 -19.29 -22.67 -22.91
C ASP C 432 -18.96 -21.18 -23.04
N VAL C 433 -17.87 -20.74 -22.41
CA VAL C 433 -17.42 -19.35 -22.57
C VAL C 433 -16.88 -19.14 -23.97
N LYS C 434 -17.43 -18.15 -24.67
CA LYS C 434 -17.05 -17.87 -26.04
C LYS C 434 -16.05 -16.72 -26.09
N ILE C 435 -15.10 -16.79 -27.01
CA ILE C 435 -14.14 -15.70 -27.18
C ILE C 435 -14.38 -14.98 -28.51
N VAL C 436 -14.65 -13.69 -28.43
CA VAL C 436 -14.94 -12.90 -29.62
C VAL C 436 -13.74 -12.08 -30.07
N ASN C 455 -9.83 -9.20 -27.98
CA ASN C 455 -10.44 -10.41 -27.44
C ASN C 455 -11.36 -10.14 -26.26
N MET C 456 -12.65 -10.41 -26.47
CA MET C 456 -13.65 -10.21 -25.43
C MET C 456 -14.38 -11.52 -25.14
N PRO C 457 -14.22 -12.05 -23.92
CA PRO C 457 -14.93 -13.27 -23.52
C PRO C 457 -16.41 -13.02 -23.33
N VAL C 458 -17.23 -13.97 -23.79
CA VAL C 458 -18.67 -13.85 -23.70
C VAL C 458 -19.29 -15.04 -22.98
N ILE C 459 -20.02 -14.78 -21.90
CA ILE C 459 -20.71 -15.82 -21.15
C ILE C 459 -22.13 -15.98 -21.68
N PRO C 460 -22.50 -17.21 -22.08
CA PRO C 460 -23.82 -17.51 -22.63
C PRO C 460 -24.93 -17.41 -21.59
N MET C 461 -26.18 -17.32 -22.05
CA MET C 461 -27.32 -17.18 -21.16
C MET C 461 -27.68 -18.52 -20.51
N ASN C 462 -27.09 -18.78 -19.34
CA ASN C 462 -27.36 -20.01 -18.61
C ASN C 462 -27.69 -19.76 -17.15
N THR C 463 -27.59 -20.80 -16.33
CA THR C 463 -27.90 -20.70 -14.90
C THR C 463 -27.03 -19.65 -14.21
N ILE C 464 -25.75 -19.61 -14.59
CA ILE C 464 -24.82 -18.63 -14.04
C ILE C 464 -25.24 -17.20 -14.39
N ALA C 465 -25.68 -17.00 -15.63
CA ALA C 465 -26.08 -15.68 -16.11
C ALA C 465 -27.38 -15.18 -15.47
N GLU C 466 -28.25 -16.11 -15.11
CA GLU C 466 -29.54 -15.76 -14.51
C GLU C 466 -29.35 -15.29 -13.08
N ALA C 467 -28.40 -15.91 -12.38
CA ALA C 467 -28.11 -15.58 -10.99
C ALA C 467 -27.55 -14.16 -10.86
N VAL C 468 -26.82 -13.73 -11.88
CA VAL C 468 -26.26 -12.38 -11.90
C VAL C 468 -27.35 -11.33 -12.09
N ILE C 469 -28.26 -11.58 -13.03
CA ILE C 469 -29.37 -10.67 -13.30
C ILE C 469 -30.31 -10.59 -12.10
N GLU C 470 -30.53 -11.73 -11.45
CA GLU C 470 -31.38 -11.79 -10.27
C GLU C 470 -30.82 -10.93 -9.13
N MET C 471 -29.50 -10.92 -8.99
CA MET C 471 -28.85 -10.09 -7.98
C MET C 471 -29.16 -8.62 -8.20
N ILE C 472 -29.00 -8.17 -9.44
CA ILE C 472 -29.22 -6.78 -9.79
C ILE C 472 -30.66 -6.33 -9.54
N ASN C 473 -31.61 -7.14 -10.00
CA ASN C 473 -33.03 -6.81 -9.86
C ASN C 473 -33.51 -6.75 -8.41
N ARG C 474 -32.98 -7.63 -7.57
CA ARG C 474 -33.38 -7.69 -6.17
C ARG C 474 -32.61 -6.67 -5.34
N GLY C 475 -31.62 -6.03 -5.96
CA GLY C 475 -30.80 -5.06 -5.27
C GLY C 475 -29.88 -5.73 -4.27
N GLN C 476 -29.52 -6.98 -4.53
CA GLN C 476 -28.59 -7.71 -3.68
C GLN C 476 -27.18 -7.14 -3.85
N ILE C 477 -26.41 -7.17 -2.76
CA ILE C 477 -25.07 -6.58 -2.73
C ILE C 477 -24.04 -7.45 -3.45
N GLN C 478 -24.15 -8.75 -3.25
CA GLN C 478 -23.13 -9.67 -3.78
C GLN C 478 -23.62 -11.11 -3.77
N ILE C 479 -23.04 -11.92 -4.65
CA ILE C 479 -23.30 -13.36 -4.64
C ILE C 479 -21.98 -14.12 -4.80
N THR C 480 -22.04 -15.43 -4.69
CA THR C 480 -20.87 -16.26 -4.89
C THR C 480 -21.16 -17.25 -6.02
N ILE C 481 -20.23 -17.33 -6.97
CA ILE C 481 -20.33 -18.30 -8.06
C ILE C 481 -19.00 -19.03 -8.22
N ASN C 482 -19.03 -20.36 -8.07
CA ASN C 482 -17.84 -21.19 -8.12
C ASN C 482 -16.74 -20.70 -7.18
N GLY C 483 -17.15 -20.17 -6.03
CA GLY C 483 -16.22 -19.71 -5.02
C GLY C 483 -15.72 -18.30 -5.25
N PHE C 484 -16.11 -17.71 -6.38
CA PHE C 484 -15.70 -16.34 -6.71
C PHE C 484 -16.69 -15.30 -6.20
N SER C 485 -16.16 -14.16 -5.77
CA SER C 485 -16.99 -13.05 -5.29
C SER C 485 -17.53 -12.24 -6.46
N ILE C 486 -18.85 -12.20 -6.59
CA ILE C 486 -19.50 -11.43 -7.64
C ILE C 486 -20.30 -10.26 -7.04
N SER C 487 -19.83 -9.03 -7.24
CA SER C 487 -20.39 -7.87 -6.56
C SER C 487 -21.32 -7.04 -7.44
N ASN C 488 -22.38 -6.50 -6.83
CA ASN C 488 -23.23 -5.53 -7.51
C ASN C 488 -22.50 -4.21 -7.64
N GLY C 489 -22.30 -3.75 -8.88
CA GLY C 489 -21.62 -2.50 -9.14
C GLY C 489 -22.22 -1.26 -8.47
N LEU C 490 -23.48 -1.35 -8.05
CA LEU C 490 -24.15 -0.24 -7.35
C LEU C 490 -23.86 -0.22 -5.85
N ALA C 491 -23.18 -1.25 -5.36
CA ALA C 491 -23.04 -1.43 -3.92
C ALA C 491 -21.61 -1.40 -3.40
N THR C 492 -20.71 -0.76 -4.15
CA THR C 492 -19.29 -0.77 -3.79
C THR C 492 -18.97 -0.17 -2.42
N THR C 493 -19.72 0.84 -2.00
CA THR C 493 -19.43 1.48 -0.71
C THR C 493 -19.76 0.56 0.46
N GLN C 494 -20.64 -0.41 0.21
CA GLN C 494 -21.02 -1.39 1.23
C GLN C 494 -20.05 -2.57 1.28
N ILE C 495 -19.26 -2.73 0.23
CA ILE C 495 -18.34 -3.86 0.13
C ILE C 495 -16.93 -3.45 0.54
N ASN C 496 -16.43 -2.38 -0.08
CA ASN C 496 -15.13 -1.83 0.27
C ASN C 496 -15.10 -0.35 -0.08
N ASN C 497 -15.27 0.50 0.92
CA ASN C 497 -15.36 1.94 0.66
C ASN C 497 -14.08 2.53 0.05
N LYS C 498 -12.93 1.96 0.39
CA LYS C 498 -11.67 2.41 -0.19
C LYS C 498 -11.54 2.03 -1.67
N ALA C 499 -12.16 0.93 -2.05
CA ALA C 499 -12.20 0.55 -3.46
C ALA C 499 -13.14 1.50 -4.21
N ALA C 500 -14.21 1.91 -3.56
CA ALA C 500 -15.18 2.81 -4.20
C ALA C 500 -14.57 4.17 -4.51
N THR C 501 -13.69 4.66 -3.64
CA THR C 501 -13.09 5.97 -3.80
C THR C 501 -11.85 5.95 -4.69
N GLY C 502 -11.38 4.76 -5.03
CA GLY C 502 -10.18 4.63 -5.83
C GLY C 502 -8.90 4.52 -5.00
N GLU C 503 -9.04 4.48 -3.68
CA GLU C 503 -7.88 4.35 -2.79
C GLU C 503 -7.27 2.95 -2.81
N GLU C 504 -8.09 1.96 -3.14
CA GLU C 504 -7.65 0.57 -3.26
C GLU C 504 -8.22 -0.02 -4.54
N VAL C 505 -7.52 -0.98 -5.11
CA VAL C 505 -8.05 -1.71 -6.25
C VAL C 505 -9.06 -2.73 -5.71
N PRO C 506 -10.25 -2.80 -6.34
CA PRO C 506 -11.25 -3.79 -5.90
C PRO C 506 -10.69 -5.20 -5.95
N ARG C 507 -11.07 -6.03 -4.99
CA ARG C 507 -10.58 -7.41 -4.93
C ARG C 507 -11.66 -8.42 -5.27
N THR C 508 -12.82 -7.93 -5.71
CA THR C 508 -13.89 -8.80 -6.16
C THR C 508 -14.18 -8.55 -7.64
N ILE C 509 -14.95 -9.46 -8.24
CA ILE C 509 -15.44 -9.27 -9.60
C ILE C 509 -16.72 -8.47 -9.54
N ILE C 510 -16.79 -7.40 -10.35
CA ILE C 510 -17.89 -6.47 -10.28
C ILE C 510 -18.75 -6.55 -11.54
N VAL C 511 -20.08 -6.46 -11.36
CA VAL C 511 -21.03 -6.49 -12.47
C VAL C 511 -21.58 -5.10 -12.73
N THR C 512 -21.60 -4.70 -13.99
CA THR C 512 -22.10 -3.39 -14.38
C THR C 512 -23.07 -3.57 -15.53
N THR C 513 -24.28 -3.04 -15.40
CA THR C 513 -25.31 -3.27 -16.40
C THR C 513 -26.10 -2.02 -16.73
N ARG C 514 -26.67 -1.96 -17.92
CA ARG C 514 -27.53 -0.83 -18.30
C ARG C 514 -28.77 -0.75 -17.40
N SER C 515 -29.26 -1.91 -16.97
CA SER C 515 -30.44 -1.95 -16.11
C SER C 515 -30.22 -1.27 -14.76
N GLN C 516 -28.97 -1.25 -14.29
CA GLN C 516 -28.63 -0.55 -13.04
C GLN C 516 -28.97 0.93 -13.11
N TYR C 517 -28.93 1.50 -14.32
CA TYR C 517 -29.05 2.95 -14.49
C TYR C 517 -30.26 3.35 -15.32
N GLY C 518 -31.05 2.37 -15.75
CA GLY C 518 -32.25 2.65 -16.50
C GLY C 518 -31.98 2.97 -17.96
N LEU C 519 -30.84 2.52 -18.46
CA LEU C 519 -30.47 2.73 -19.85
C LEU C 519 -31.10 1.66 -20.75
N PRO C 520 -31.50 2.04 -21.96
CA PRO C 520 -32.18 1.08 -22.85
C PRO C 520 -31.24 -0.01 -23.33
N GLU C 521 -31.74 -1.24 -23.37
CA GLU C 521 -30.97 -2.40 -23.83
C GLU C 521 -30.86 -2.45 -25.35
N ASP C 522 -31.66 -1.65 -26.03
CA ASP C 522 -31.76 -1.75 -27.48
C ASP C 522 -31.60 -0.40 -28.17
N ALA C 523 -30.68 0.42 -27.67
CA ALA C 523 -30.47 1.75 -28.24
C ALA C 523 -29.05 2.28 -27.99
N ILE C 524 -28.69 3.31 -28.76
CA ILE C 524 -27.39 3.95 -28.65
C ILE C 524 -27.37 4.87 -27.43
N VAL C 525 -26.32 4.78 -26.62
CA VAL C 525 -26.16 5.62 -25.44
C VAL C 525 -25.04 6.63 -25.64
N TYR C 526 -25.41 7.91 -25.77
CA TYR C 526 -24.43 9.00 -25.74
C TYR C 526 -24.34 9.49 -24.30
N CYS C 527 -23.13 9.64 -23.79
CA CYS C 527 -22.96 10.12 -22.41
C CYS C 527 -22.17 11.40 -22.31
N ASN C 528 -22.34 12.08 -21.18
CA ASN C 528 -21.42 13.13 -20.76
C ASN C 528 -21.51 13.21 -19.25
N PHE C 529 -20.39 12.95 -18.58
CA PHE C 529 -20.40 12.88 -17.12
C PHE C 529 -19.82 14.11 -16.42
N ASN C 530 -19.79 15.24 -17.11
CA ASN C 530 -19.30 16.47 -16.50
C ASN C 530 -20.33 17.17 -15.62
N GLN C 531 -19.84 18.02 -14.73
CA GLN C 531 -20.72 18.96 -14.05
C GLN C 531 -21.49 19.72 -15.12
N LEU C 532 -22.76 19.99 -14.85
CA LEU C 532 -23.66 20.55 -15.84
C LEU C 532 -23.30 21.97 -16.26
N TYR C 533 -22.45 22.64 -15.47
CA TYR C 533 -22.08 24.02 -15.78
C TYR C 533 -21.38 24.16 -17.15
N LYS C 534 -20.79 23.07 -17.63
CA LYS C 534 -20.07 23.11 -18.90
C LYS C 534 -20.97 23.09 -20.12
N ILE C 535 -22.27 22.86 -19.91
CA ILE C 535 -23.22 22.87 -21.01
C ILE C 535 -23.77 24.27 -21.23
N ASP C 536 -23.95 24.65 -22.50
CA ASP C 536 -24.56 25.92 -22.85
C ASP C 536 -25.69 25.66 -23.86
N PRO C 537 -26.51 26.67 -24.18
CA PRO C 537 -27.61 26.42 -25.13
C PRO C 537 -27.18 25.83 -26.49
N SER C 538 -26.07 26.31 -27.02
CA SER C 538 -25.58 25.84 -28.31
CA SER C 538 -25.56 25.85 -28.31
C SER C 538 -25.17 24.37 -28.25
N THR C 539 -24.63 23.95 -27.12
CA THR C 539 -24.22 22.57 -26.95
C THR C 539 -25.42 21.65 -26.83
N LEU C 540 -26.42 22.05 -26.04
CA LEU C 540 -27.60 21.21 -25.90
C LEU C 540 -28.34 21.10 -27.23
N GLN C 541 -28.35 22.18 -28.00
CA GLN C 541 -28.99 22.17 -29.32
C GLN C 541 -28.28 21.19 -30.25
N MET C 542 -26.94 21.18 -30.20
CA MET C 542 -26.15 20.24 -30.97
CA MET C 542 -26.15 20.24 -30.98
C MET C 542 -26.49 18.80 -30.61
N TRP C 543 -26.59 18.54 -29.31
CA TRP C 543 -26.92 17.21 -28.82
C TRP C 543 -28.33 16.81 -29.22
N ALA C 544 -29.24 17.78 -29.20
CA ALA C 544 -30.62 17.53 -29.63
C ALA C 544 -30.66 17.14 -31.09
N ASN C 545 -29.85 17.82 -31.91
CA ASN C 545 -29.79 17.54 -33.35
C ASN C 545 -29.31 16.13 -33.60
N ILE C 546 -28.39 15.66 -32.77
CA ILE C 546 -27.86 14.31 -32.87
C ILE C 546 -28.91 13.28 -32.50
N LEU C 547 -29.56 13.49 -31.35
CA LEU C 547 -30.60 12.58 -30.89
C LEU C 547 -31.74 12.43 -31.89
N LYS C 548 -32.16 13.55 -32.49
CA LYS C 548 -33.22 13.55 -33.49
C LYS C 548 -32.86 12.71 -34.71
N ARG C 549 -31.57 12.70 -35.05
CA ARG C 549 -31.09 11.98 -36.23
C ARG C 549 -30.87 10.49 -35.98
N VAL C 550 -30.83 10.10 -34.71
CA VAL C 550 -30.56 8.71 -34.35
C VAL C 550 -31.69 8.20 -33.46
N PRO C 551 -32.77 7.72 -34.10
CA PRO C 551 -34.03 7.30 -33.46
C PRO C 551 -33.79 6.48 -32.21
N ASN C 552 -32.96 5.46 -32.34
CA ASN C 552 -32.69 4.59 -31.22
C ASN C 552 -31.52 5.14 -30.43
N SER C 553 -31.75 6.24 -29.70
CA SER C 553 -30.68 6.80 -28.85
C SER C 553 -31.15 7.64 -27.66
N VAL C 554 -30.32 7.64 -26.63
CA VAL C 554 -30.55 8.48 -25.47
C VAL C 554 -29.27 9.25 -25.11
N LEU C 555 -29.45 10.31 -24.33
CA LEU C 555 -28.32 11.06 -23.80
C LEU C 555 -28.28 10.78 -22.31
N TRP C 556 -27.10 10.44 -21.80
CA TRP C 556 -26.92 10.05 -20.41
C TRP C 556 -26.15 11.16 -19.69
N LEU C 557 -26.82 11.83 -18.74
CA LEU C 557 -26.22 12.93 -17.99
C LEU C 557 -26.28 12.67 -16.49
N LEU C 558 -25.60 13.51 -15.71
CA LEU C 558 -25.56 13.34 -14.26
C LEU C 558 -26.30 14.45 -13.52
N ARG C 559 -26.84 14.13 -12.35
CA ARG C 559 -27.41 15.15 -11.47
C ARG C 559 -26.28 15.90 -10.76
N PHE C 560 -25.71 16.87 -11.46
CA PHE C 560 -24.44 17.46 -11.06
C PHE C 560 -24.47 18.98 -11.26
N PRO C 561 -25.33 19.70 -10.51
CA PRO C 561 -26.20 19.24 -9.42
C PRO C 561 -27.59 18.83 -9.90
N ALA C 562 -28.32 18.11 -9.05
CA ALA C 562 -29.69 17.68 -9.36
C ALA C 562 -30.60 18.82 -9.80
N VAL C 563 -30.44 19.99 -9.18
CA VAL C 563 -31.31 21.13 -9.51
C VAL C 563 -31.16 21.62 -10.95
N GLY C 564 -30.14 21.12 -11.65
CA GLY C 564 -29.97 21.44 -13.06
C GLY C 564 -30.79 20.54 -13.97
N GLU C 565 -31.18 19.38 -13.45
CA GLU C 565 -31.97 18.42 -14.24
C GLU C 565 -33.28 18.98 -14.82
N PRO C 566 -34.11 19.65 -14.00
CA PRO C 566 -35.35 20.16 -14.61
C PRO C 566 -35.12 21.26 -15.66
N ASN C 567 -34.04 22.03 -15.53
CA ASN C 567 -33.72 23.05 -16.53
C ASN C 567 -33.32 22.43 -17.86
N ILE C 568 -32.44 21.44 -17.80
CA ILE C 568 -32.04 20.71 -19.00
C ILE C 568 -33.24 20.06 -19.68
N GLN C 569 -34.09 19.41 -18.88
CA GLN C 569 -35.27 18.75 -19.43
C GLN C 569 -36.25 19.73 -20.08
N GLN C 570 -36.41 20.91 -19.49
CA GLN C 570 -37.30 21.92 -20.06
C GLN C 570 -36.79 22.39 -21.43
N TYR C 571 -35.50 22.72 -21.48
CA TYR C 571 -34.90 23.18 -22.73
C TYR C 571 -34.90 22.09 -23.80
N ALA C 572 -34.69 20.85 -23.35
CA ALA C 572 -34.75 19.70 -24.25
C ALA C 572 -36.14 19.55 -24.84
N GLN C 573 -37.16 19.64 -23.99
CA GLN C 573 -38.55 19.58 -24.42
C GLN C 573 -38.87 20.72 -25.38
N ASN C 574 -38.29 21.88 -25.15
CA ASN C 574 -38.46 23.02 -26.04
C ASN C 574 -37.83 22.74 -27.41
N MET C 575 -36.80 21.90 -27.42
CA MET C 575 -36.10 21.56 -28.66
C MET C 575 -36.77 20.39 -29.39
N GLY C 576 -37.80 19.82 -28.79
CA GLY C 576 -38.57 18.76 -29.43
C GLY C 576 -38.23 17.36 -28.95
N LEU C 577 -37.44 17.27 -27.89
CA LEU C 577 -37.06 15.97 -27.32
C LEU C 577 -37.94 15.60 -26.13
N PRO C 578 -38.63 14.45 -26.22
CA PRO C 578 -39.40 13.96 -25.07
C PRO C 578 -38.50 13.61 -23.89
N GLN C 579 -39.09 13.59 -22.70
CA GLN C 579 -38.34 13.37 -21.46
C GLN C 579 -37.54 12.07 -21.48
N ASN C 580 -38.06 11.07 -22.19
CA ASN C 580 -37.41 9.77 -22.23
C ASN C 580 -36.14 9.71 -23.09
N ARG C 581 -35.78 10.82 -23.71
CA ARG C 581 -34.58 10.84 -24.55
C ARG C 581 -33.34 11.18 -23.72
N ILE C 582 -33.55 11.73 -22.54
CA ILE C 582 -32.44 12.05 -21.64
C ILE C 582 -32.57 11.31 -20.31
N ILE C 583 -31.53 10.57 -19.94
CA ILE C 583 -31.55 9.80 -18.70
C ILE C 583 -30.53 10.38 -17.73
N PHE C 584 -30.97 10.66 -16.50
CA PHE C 584 -30.08 11.20 -15.47
C PHE C 584 -29.71 10.13 -14.44
N SER C 585 -28.46 10.18 -13.98
CA SER C 585 -28.00 9.32 -12.91
C SER C 585 -27.41 10.18 -11.80
N PRO C 586 -27.39 9.66 -10.57
CA PRO C 586 -26.68 10.37 -9.50
C PRO C 586 -25.19 10.35 -9.77
N VAL C 587 -24.49 11.36 -9.24
CA VAL C 587 -23.03 11.33 -9.15
C VAL C 587 -22.65 10.07 -8.37
N ALA C 588 -21.60 9.39 -8.80
CA ALA C 588 -21.22 8.12 -8.20
C ALA C 588 -19.85 8.22 -7.53
N PRO C 589 -19.53 7.27 -6.63
CA PRO C 589 -18.15 7.15 -6.16
C PRO C 589 -17.21 6.99 -7.35
N LYS C 590 -15.96 7.42 -7.18
CA LYS C 590 -14.96 7.48 -8.25
C LYS C 590 -14.85 6.22 -9.12
N GLU C 591 -14.71 5.05 -8.49
CA GLU C 591 -14.56 3.79 -9.21
C GLU C 591 -15.80 3.44 -10.02
N GLU C 592 -16.97 3.65 -9.43
CA GLU C 592 -18.22 3.36 -10.13
C GLU C 592 -18.41 4.28 -11.33
N HIS C 593 -18.05 5.55 -11.16
CA HIS C 593 -18.09 6.53 -12.24
C HIS C 593 -17.25 6.14 -13.45
N VAL C 594 -16.01 5.71 -13.21
CA VAL C 594 -15.15 5.27 -14.31
C VAL C 594 -15.68 3.97 -14.91
N ARG C 595 -16.00 3.01 -14.04
CA ARG C 595 -16.50 1.71 -14.49
C ARG C 595 -17.78 1.78 -15.33
N ARG C 596 -18.71 2.66 -14.96
CA ARG C 596 -19.99 2.70 -15.68
C ARG C 596 -19.89 3.34 -17.06
N GLY C 597 -18.78 4.02 -17.33
CA GLY C 597 -18.56 4.57 -18.65
C GLY C 597 -18.51 3.48 -19.70
N GLN C 598 -18.22 2.25 -19.28
CA GLN C 598 -18.22 1.11 -20.19
C GLN C 598 -19.59 0.83 -20.82
N LEU C 599 -20.65 1.33 -20.21
CA LEU C 599 -22.03 1.07 -20.67
C LEU C 599 -22.45 1.98 -21.82
N ALA C 600 -21.74 3.09 -22.02
CA ALA C 600 -22.08 4.01 -23.10
C ALA C 600 -21.49 3.56 -24.43
N ASP C 601 -22.08 4.02 -25.51
CA ASP C 601 -21.50 3.78 -26.83
C ASP C 601 -20.49 4.87 -27.17
N VAL C 602 -20.86 6.12 -26.87
CA VAL C 602 -20.10 7.30 -27.30
C VAL C 602 -20.22 8.39 -26.25
N CYS C 603 -19.14 9.14 -26.01
CA CYS C 603 -19.19 10.33 -25.16
C CYS C 603 -19.23 11.58 -26.03
N LEU C 604 -20.19 12.47 -25.75
CA LEU C 604 -20.26 13.74 -26.46
C LEU C 604 -19.64 14.84 -25.60
N ASP C 605 -18.44 15.26 -25.95
CA ASP C 605 -17.70 16.22 -25.13
C ASP C 605 -18.29 17.63 -25.21
N THR C 606 -18.19 18.36 -24.11
CA THR C 606 -18.69 19.74 -24.03
C THR C 606 -17.69 20.74 -24.64
N PRO C 607 -18.08 21.40 -25.75
CA PRO C 607 -17.18 22.32 -26.46
C PRO C 607 -16.81 23.58 -25.66
N LEU C 608 -17.72 24.09 -24.83
CA LEU C 608 -17.47 25.31 -24.06
C LEU C 608 -16.26 25.14 -23.14
N CYS C 609 -16.28 24.05 -22.40
CA CYS C 609 -15.19 23.68 -21.52
C CYS C 609 -15.20 22.16 -21.54
N ASN C 610 -14.14 21.55 -22.06
CA ASN C 610 -14.12 20.11 -22.24
C ASN C 610 -14.11 19.36 -20.93
N GLY C 611 -14.39 18.07 -21.01
CA GLY C 611 -14.03 17.16 -19.94
C GLY C 611 -12.52 17.08 -19.91
N HIS C 612 -11.93 17.16 -18.70
CA HIS C 612 -10.49 17.06 -18.58
C HIS C 612 -10.16 15.75 -17.87
N THR C 613 -10.27 15.75 -16.54
CA THR C 613 -10.21 14.52 -15.76
C THR C 613 -11.29 13.58 -16.28
N THR C 614 -12.46 14.14 -16.52
CA THR C 614 -13.63 13.41 -17.00
CA THR C 614 -13.58 13.32 -16.95
C THR C 614 -13.38 12.78 -18.38
N GLY C 615 -12.55 13.47 -19.17
CA GLY C 615 -12.21 12.97 -20.49
C GLY C 615 -11.31 11.74 -20.37
N MET C 616 -10.31 11.83 -19.49
CA MET C 616 -9.47 10.66 -19.20
C MET C 616 -10.31 9.51 -18.67
N ASP C 617 -11.27 9.82 -17.80
CA ASP C 617 -12.14 8.81 -17.20
C ASP C 617 -12.89 8.01 -18.26
N VAL C 618 -13.48 8.71 -19.22
CA VAL C 618 -14.30 8.05 -20.22
C VAL C 618 -13.47 7.21 -21.19
N LEU C 619 -12.27 7.68 -21.53
CA LEU C 619 -11.40 6.96 -22.45
C LEU C 619 -10.81 5.69 -21.84
N TRP C 620 -10.63 5.69 -20.51
CA TRP C 620 -10.11 4.50 -19.85
C TRP C 620 -11.11 3.36 -19.90
N ALA C 621 -12.39 3.70 -20.02
CA ALA C 621 -13.45 2.69 -20.16
C ALA C 621 -13.60 2.22 -21.60
N GLY C 622 -12.85 2.83 -22.51
CA GLY C 622 -12.85 2.41 -23.91
C GLY C 622 -13.93 3.11 -24.72
N THR C 623 -14.47 4.19 -24.18
CA THR C 623 -15.56 4.91 -24.83
C THR C 623 -15.04 6.04 -25.72
N PRO C 624 -15.31 5.96 -27.03
CA PRO C 624 -14.93 7.05 -27.92
C PRO C 624 -15.58 8.36 -27.50
N MET C 625 -14.84 9.45 -27.62
CA MET C 625 -15.32 10.77 -27.24
C MET C 625 -15.26 11.69 -28.45
N VAL C 626 -16.38 12.31 -28.79
CA VAL C 626 -16.43 13.28 -29.88
C VAL C 626 -16.23 14.68 -29.32
N THR C 627 -15.27 15.42 -29.87
CA THR C 627 -14.99 16.76 -29.37
C THR C 627 -14.88 17.80 -30.49
N MET C 628 -15.13 19.05 -30.14
CA MET C 628 -14.93 20.17 -31.03
C MET C 628 -14.05 21.20 -30.33
N PRO C 629 -12.74 21.18 -30.61
CA PRO C 629 -11.80 22.07 -29.93
C PRO C 629 -12.07 23.54 -30.25
N GLY C 630 -12.04 24.38 -29.21
CA GLY C 630 -12.25 25.80 -29.38
C GLY C 630 -10.94 26.54 -29.46
N GLU C 631 -10.85 27.69 -28.79
CA GLU C 631 -9.61 28.46 -28.78
C GLU C 631 -8.94 28.47 -27.42
N THR C 632 -9.75 28.51 -26.35
CA THR C 632 -9.20 28.51 -25.00
C THR C 632 -8.61 27.14 -24.69
N LEU C 633 -7.65 27.13 -23.76
CA LEU C 633 -7.05 25.89 -23.29
C LEU C 633 -8.12 24.89 -22.86
N ALA C 634 -9.05 25.35 -22.04
CA ALA C 634 -10.07 24.47 -21.46
C ALA C 634 -10.97 23.83 -22.53
N SER C 635 -11.06 24.47 -23.69
CA SER C 635 -11.90 23.96 -24.77
C SER C 635 -11.13 23.09 -25.75
N ARG C 636 -9.86 22.84 -25.47
CA ARG C 636 -9.01 22.08 -26.41
C ARG C 636 -8.37 20.84 -25.81
N VAL C 637 -8.58 20.62 -24.51
CA VAL C 637 -7.93 19.50 -23.81
C VAL C 637 -8.36 18.15 -24.36
N ALA C 638 -9.66 17.97 -24.58
CA ALA C 638 -10.19 16.70 -25.10
C ALA C 638 -9.56 16.32 -26.45
N ALA C 639 -9.40 17.29 -27.34
CA ALA C 639 -8.80 17.01 -28.65
C ALA C 639 -7.34 16.65 -28.49
N SER C 640 -6.68 17.23 -27.50
CA SER C 640 -5.29 16.89 -27.22
C SER C 640 -5.19 15.44 -26.76
N GLN C 641 -6.14 15.03 -25.92
CA GLN C 641 -6.17 13.66 -25.43
C GLN C 641 -6.38 12.68 -26.57
N LEU C 642 -7.33 12.98 -27.44
CA LEU C 642 -7.65 12.11 -28.57
C LEU C 642 -6.53 12.05 -29.60
N THR C 643 -5.82 13.16 -29.78
CA THR C 643 -4.68 13.18 -30.69
C THR C 643 -3.55 12.28 -30.17
N CYS C 644 -3.33 12.30 -28.86
CA CYS C 644 -2.34 11.43 -28.25
C CYS C 644 -2.79 9.98 -28.33
N LEU C 645 -4.07 9.76 -28.06
CA LEU C 645 -4.66 8.43 -28.14
C LEU C 645 -4.53 7.85 -29.55
N GLY C 646 -4.64 8.73 -30.55
CA GLY C 646 -4.52 8.33 -31.94
C GLY C 646 -5.86 8.24 -32.64
N CYS C 647 -6.81 9.06 -32.21
CA CYS C 647 -8.15 9.05 -32.81
C CYS C 647 -8.53 10.39 -33.40
N LEU C 648 -7.87 10.79 -34.49
CA LEU C 648 -8.10 12.09 -35.10
C LEU C 648 -9.50 12.19 -35.70
N GLU C 649 -10.09 11.05 -36.02
CA GLU C 649 -11.40 11.00 -36.66
C GLU C 649 -12.54 11.42 -35.73
N LEU C 650 -12.22 11.61 -34.45
CA LEU C 650 -13.21 11.99 -33.45
C LEU C 650 -13.16 13.48 -33.13
N ILE C 651 -12.30 14.21 -33.83
CA ILE C 651 -12.12 15.64 -33.59
C ILE C 651 -12.78 16.47 -34.69
N ALA C 652 -13.75 17.29 -34.31
CA ALA C 652 -14.56 18.06 -35.25
C ALA C 652 -14.08 19.50 -35.42
N LYS C 653 -14.09 19.99 -36.66
CA LYS C 653 -13.65 21.35 -36.95
C LYS C 653 -14.77 22.38 -36.78
N ASN C 654 -16.01 21.91 -36.80
CA ASN C 654 -17.18 22.76 -36.64
C ASN C 654 -18.37 21.97 -36.11
N ARG C 655 -19.48 22.65 -35.85
CA ARG C 655 -20.64 22.00 -35.25
C ARG C 655 -21.28 20.94 -36.17
N GLN C 656 -21.31 21.22 -37.46
CA GLN C 656 -21.88 20.27 -38.40
C GLN C 656 -21.08 18.98 -38.42
N GLU C 657 -19.77 19.07 -38.33
CA GLU C 657 -18.92 17.87 -38.31
C GLU C 657 -19.08 17.10 -37.00
N TYR C 658 -19.25 17.82 -35.89
CA TYR C 658 -19.46 17.19 -34.58
C TYR C 658 -20.74 16.36 -34.64
N GLU C 659 -21.79 16.94 -35.19
CA GLU C 659 -23.05 16.24 -35.34
C GLU C 659 -22.88 15.03 -36.27
N ASP C 660 -22.22 15.26 -37.41
CA ASP C 660 -22.03 14.20 -38.40
C ASP C 660 -21.23 13.01 -37.85
N ILE C 661 -20.24 13.30 -37.03
CA ILE C 661 -19.43 12.25 -36.43
C ILE C 661 -20.24 11.43 -35.42
N ALA C 662 -20.90 12.14 -34.52
CA ALA C 662 -21.75 11.49 -33.51
C ALA C 662 -22.82 10.61 -34.15
N VAL C 663 -23.45 11.12 -35.19
CA VAL C 663 -24.51 10.38 -35.86
C VAL C 663 -23.95 9.16 -36.59
N LYS C 664 -22.79 9.33 -37.22
CA LYS C 664 -22.12 8.20 -37.88
C LYS C 664 -21.83 7.08 -36.88
N LEU C 665 -21.28 7.46 -35.73
CA LEU C 665 -21.00 6.47 -34.68
C LEU C 665 -22.27 5.78 -34.18
N GLY C 666 -23.38 6.51 -34.15
CA GLY C 666 -24.61 5.94 -33.62
C GLY C 666 -25.43 5.17 -34.64
N THR C 667 -25.05 5.24 -35.92
CA THR C 667 -25.84 4.59 -36.97
C THR C 667 -25.04 3.59 -37.80
N ASP C 668 -23.75 3.85 -37.97
CA ASP C 668 -22.89 2.93 -38.71
C ASP C 668 -22.26 1.99 -37.68
N LEU C 669 -22.94 0.88 -37.41
CA LEU C 669 -22.56 0.03 -36.26
C LEU C 669 -21.22 -0.68 -36.43
N GLU C 670 -20.83 -0.98 -37.67
CA GLU C 670 -19.51 -1.55 -37.92
C GLU C 670 -18.41 -0.52 -37.66
N TYR C 671 -18.69 0.74 -38.00
CA TYR C 671 -17.74 1.82 -37.77
C TYR C 671 -17.59 2.03 -36.28
N LEU C 672 -18.71 2.03 -35.56
CA LEU C 672 -18.72 2.14 -34.10
C LEU C 672 -17.84 1.06 -33.46
N LYS C 673 -17.98 -0.18 -33.94
CA LYS C 673 -17.18 -1.28 -33.42
C LYS C 673 -15.69 -1.04 -33.66
N LYS C 674 -15.35 -0.56 -34.85
CA LYS C 674 -13.98 -0.26 -35.22
C LYS C 674 -13.39 0.79 -34.29
N VAL C 675 -14.10 1.91 -34.15
CA VAL C 675 -13.64 3.01 -33.31
C VAL C 675 -13.57 2.62 -31.83
N ARG C 676 -14.58 1.93 -31.31
CA ARG C 676 -14.53 1.45 -29.94
C ARG C 676 -13.36 0.51 -29.70
N GLY C 677 -13.08 -0.36 -30.68
CA GLY C 677 -11.96 -1.27 -30.58
C GLY C 677 -10.64 -0.52 -30.56
N LYS C 678 -10.58 0.54 -31.36
CA LYS C 678 -9.40 1.38 -31.45
C LYS C 678 -9.11 2.08 -30.13
N VAL C 679 -10.13 2.67 -29.53
CA VAL C 679 -9.98 3.31 -28.22
C VAL C 679 -9.57 2.29 -27.16
N TRP C 680 -10.22 1.14 -27.16
CA TRP C 680 -9.94 0.07 -26.19
C TRP C 680 -8.47 -0.38 -26.23
N LYS C 681 -7.92 -0.53 -27.43
CA LYS C 681 -6.52 -0.93 -27.59
C LYS C 681 -5.57 0.23 -27.30
N GLN C 682 -5.88 1.40 -27.86
CA GLN C 682 -4.98 2.56 -27.77
C GLN C 682 -4.81 3.16 -26.38
N ARG C 683 -5.77 2.93 -25.48
CA ARG C 683 -5.60 3.47 -24.13
C ARG C 683 -4.40 2.81 -23.45
N ILE C 684 -4.00 1.65 -23.96
CA ILE C 684 -2.83 0.92 -23.46
C ILE C 684 -1.59 1.16 -24.32
N SER C 685 -1.76 1.12 -25.64
CA SER C 685 -0.61 1.18 -26.55
C SER C 685 -0.12 2.61 -26.84
N SER C 686 -0.99 3.60 -26.66
CA SER C 686 -0.62 5.01 -26.85
C SER C 686 0.05 5.53 -25.58
N PRO C 687 0.62 6.75 -25.63
CA PRO C 687 1.21 7.30 -24.41
C PRO C 687 0.20 7.86 -23.39
N LEU C 688 -1.08 7.89 -23.73
CA LEU C 688 -2.06 8.66 -22.94
C LEU C 688 -2.06 8.37 -21.43
N PHE C 689 -2.06 7.08 -21.07
CA PHE C 689 -2.12 6.68 -19.67
C PHE C 689 -0.79 6.10 -19.18
N ASN C 690 0.28 6.32 -19.93
CA ASN C 690 1.60 5.79 -19.60
C ASN C 690 2.36 6.76 -18.71
N THR C 691 2.20 6.60 -17.40
CA THR C 691 2.77 7.56 -16.45
C THR C 691 4.29 7.56 -16.39
N LYS C 692 4.91 6.41 -16.65
CA LYS C 692 6.37 6.36 -16.73
C LYS C 692 6.88 7.16 -17.93
N GLN C 693 6.28 6.94 -19.10
CA GLN C 693 6.65 7.72 -20.28
C GLN C 693 6.43 9.22 -20.04
N TYR C 694 5.30 9.55 -19.43
CA TYR C 694 4.98 10.95 -19.16
C TYR C 694 6.05 11.57 -18.26
N THR C 695 6.40 10.87 -17.18
CA THR C 695 7.40 11.39 -16.25
C THR C 695 8.74 11.62 -16.95
N MET C 696 9.12 10.69 -17.81
CA MET C 696 10.38 10.82 -18.54
C MET C 696 10.40 12.01 -19.50
N GLU C 697 9.25 12.30 -20.12
CA GLU C 697 9.17 13.44 -21.03
C GLU C 697 9.15 14.75 -20.25
N LEU C 698 8.46 14.74 -19.11
CA LEU C 698 8.47 15.87 -18.19
C LEU C 698 9.90 16.16 -17.73
N GLU C 699 10.66 15.11 -17.46
CA GLU C 699 12.05 15.25 -17.06
C GLU C 699 12.90 15.86 -18.17
N ARG C 700 12.62 15.46 -19.41
CA ARG C 700 13.31 16.02 -20.56
C ARG C 700 13.02 17.50 -20.68
N LEU C 701 11.76 17.87 -20.44
CA LEU C 701 11.33 19.26 -20.55
C LEU C 701 11.99 20.11 -19.46
N TYR C 702 12.04 19.57 -18.24
CA TYR C 702 12.68 20.24 -17.11
C TYR C 702 14.14 20.58 -17.39
N LEU C 703 14.87 19.62 -17.95
CA LEU C 703 16.27 19.82 -18.27
C LEU C 703 16.46 20.85 -19.37
N GLN C 704 15.49 20.93 -20.29
CA GLN C 704 15.51 21.96 -21.32
C GLN C 704 15.37 23.34 -20.69
N MET C 705 14.41 23.47 -19.77
CA MET C 705 14.20 24.71 -19.06
C MET C 705 15.46 25.09 -18.31
N TRP C 706 16.07 24.12 -17.64
CA TRP C 706 17.25 24.40 -16.81
C TRP C 706 18.46 24.86 -17.61
N GLU C 707 18.80 24.12 -18.67
CA GLU C 707 19.99 24.43 -19.45
C GLU C 707 19.84 25.78 -20.15
N HIS C 708 18.61 26.16 -20.44
CA HIS C 708 18.32 27.47 -20.99
C HIS C 708 18.63 28.56 -19.96
N TYR C 709 18.17 28.34 -18.74
CA TYR C 709 18.43 29.27 -17.64
C TYR C 709 19.90 29.32 -17.28
N ALA C 710 20.52 28.14 -17.20
CA ALA C 710 21.93 28.03 -16.81
C ALA C 710 22.85 28.73 -17.79
N ALA C 711 22.43 28.82 -19.05
CA ALA C 711 23.20 29.50 -20.07
C ALA C 711 23.02 31.02 -20.01
N GLY C 712 22.24 31.47 -19.04
CA GLY C 712 22.05 32.89 -18.80
C GLY C 712 20.92 33.51 -19.60
N ASN C 713 20.01 32.68 -20.08
CA ASN C 713 18.89 33.16 -20.89
C ASN C 713 17.59 33.29 -20.09
N LYS C 714 16.83 34.33 -20.40
CA LYS C 714 15.49 34.48 -19.84
C LYS C 714 14.58 33.47 -20.52
N PRO C 715 13.47 33.10 -19.86
CA PRO C 715 12.55 32.10 -20.41
C PRO C 715 12.09 32.41 -21.85
N ASP C 716 12.03 31.38 -22.67
CA ASP C 716 11.50 31.49 -24.03
C ASP C 716 10.68 30.23 -24.30
N HIS C 717 9.88 30.24 -25.36
CA HIS C 717 9.08 29.08 -25.72
C HIS C 717 9.93 27.83 -25.91
N MET C 718 9.45 26.71 -25.38
CA MET C 718 10.10 25.41 -25.56
C MET C 718 9.18 24.53 -26.39
N ILE C 719 9.13 24.76 -27.69
CA ILE C 719 8.11 24.17 -28.55
C ILE C 719 8.66 23.16 -29.56
N LYS C 720 9.81 22.58 -29.27
CA LYS C 720 10.39 21.58 -30.17
C LYS C 720 11.19 20.53 -29.39
N TYR D 1 -20.64 12.49 -4.22
CA TYR D 1 -21.79 11.62 -4.47
C TYR D 1 -22.71 11.62 -3.27
N PRO D 2 -24.02 11.42 -3.51
CA PRO D 2 -24.97 11.41 -2.40
C PRO D 2 -24.64 10.33 -1.37
N GLY D 3 -24.34 10.77 -0.14
CA GLY D 3 -23.95 9.85 0.92
C GLY D 3 -22.46 9.92 1.17
N GLY D 4 -21.75 10.69 0.35
CA GLY D 4 -20.32 10.83 0.46
C GLY D 4 -19.86 12.18 -0.09
N SER D 5 -18.70 12.18 -0.73
CA SER D 5 -18.20 13.40 -1.33
C SER D 5 -17.47 13.13 -2.65
N THR D 6 -17.66 14.04 -3.59
CA THR D 6 -16.95 14.00 -4.85
C THR D 6 -16.21 15.32 -5.04
N PRO D 7 -14.91 15.32 -4.75
CA PRO D 7 -14.10 16.53 -4.88
C PRO D 7 -13.95 16.94 -6.33
N VAL D 8 -13.99 18.25 -6.58
CA VAL D 8 -13.89 18.80 -7.92
C VAL D 8 -12.94 19.98 -7.89
N SER D 9 -12.53 20.46 -9.06
CA SER D 9 -11.74 21.67 -9.13
C SER D 9 -12.64 22.81 -8.67
N SER D 10 -12.13 23.68 -7.80
CA SER D 10 -12.91 24.77 -7.23
C SER D 10 -12.11 26.07 -7.32
N ALA D 11 -12.79 27.17 -7.66
CA ALA D 11 -12.13 28.47 -7.69
C ALA D 11 -11.77 28.87 -6.26
N ASN D 12 -10.69 29.60 -6.08
CA ASN D 12 -10.38 30.11 -4.75
C ASN D 12 -11.22 31.34 -4.41
N MET D 13 -11.27 31.70 -3.14
CA MET D 13 -12.09 32.83 -2.71
C MET D 13 -11.48 34.16 -3.16
N MET D 14 -12.33 35.12 -3.48
CA MET D 14 -11.87 36.45 -3.83
C MET D 14 -12.81 37.52 -3.29
N1 12V E . 16.45 -13.96 3.91
C2 12V E . 16.80 -12.63 3.55
O2 12V E . 15.98 -11.72 3.68
N3 12V E . 18.08 -12.40 3.05
C4 12V E . 18.89 -13.45 2.94
O4 12V E . 20.13 -13.22 2.45
C5 12V E . 18.61 -14.80 3.30
C6 12V E . 17.35 -15.01 3.81
PA 12V E . 13.91 -18.89 8.20
PB 12V E . 12.63 -20.93 6.57
C1' 12V E . 10.60 -20.62 8.29
O1' 12V E . 10.91 -20.77 7.03
O1A 12V E . 13.05 -18.91 9.41
C1B 12V E . 15.12 -14.20 4.50
O1B 12V E . 13.34 -21.77 7.60
C2' 12V E . 9.81 -21.79 8.91
N2' 12V E . 10.61 -23.00 8.96
O2' 12V E . 13.48 -14.69 2.75
O2A 12V E . 15.37 -19.26 8.07
C2B 12V E . 14.23 -15.25 3.81
O2B 12V E . 12.51 -21.21 5.12
C3' 12V E . 8.51 -22.00 8.09
O3' 12V E . 7.88 -23.16 8.57
O3A 12V E . 13.16 -19.49 6.91
C3B 12V E . 13.30 -15.62 5.02
O3B 12V E . 12.30 -14.64 5.09
C4' 12V E . 7.47 -20.85 8.23
O4' 12V E . 6.34 -21.28 7.49
C4B 12V E . 14.24 -15.48 6.25
O4B 12V E . 15.33 -14.65 5.82
C5' 12V E . 7.96 -19.57 7.59
S5' 12V E . 9.51 -19.05 8.41
C5B 12V E . 14.81 -16.83 6.75
O5B 12V E . 13.95 -17.25 7.71
C6' 12V E . 7.09 -18.32 7.90
O6' 12V E . 6.96 -18.07 9.27
C7' 12V E . 11.49 -23.21 9.99
O7' 12V E . 11.63 -22.39 10.90
C8' 12V E . 12.32 -24.50 9.97
S SO4 F . 3.26 -7.48 34.95
O1 SO4 F . 2.94 -7.09 36.33
O2 SO4 F . 2.59 -8.74 34.64
O3 SO4 F . 2.82 -6.45 34.03
O4 SO4 F . 4.71 -7.67 34.82
S SO4 G . 8.46 -15.62 23.86
O1 SO4 G . 8.45 -16.17 25.21
O2 SO4 G . 7.15 -15.82 23.25
O3 SO4 G . 8.79 -14.20 23.91
O4 SO4 G . 9.48 -16.29 23.07
N1 12V H . -16.58 12.09 -10.74
C2 12V H . -16.94 11.07 -9.83
O2 12V H . -16.14 10.69 -8.98
N3 12V H . -18.21 10.50 -9.96
C4 12V H . -19.00 10.97 -10.92
O4 12V H . -20.21 10.41 -11.04
C5 12V H . -18.70 12.01 -11.84
C6 12V H . -17.45 12.57 -11.71
PA 12V H . -14.05 18.44 -12.32
PB 12V H . -12.68 18.27 -14.86
C1' 12V H . -10.75 19.56 -13.59
O1' 12V H . -11.00 18.60 -14.44
O1A 12V H . -13.24 19.43 -11.58
C1B 12V H . -15.27 12.73 -10.56
O1B 12V H . -13.42 19.57 -14.99
C2' 12V H . -9.95 20.73 -14.20
N2' 12V H . -10.73 21.42 -15.22
O2' 12V H . -13.53 11.58 -11.86
O2A 12V H . -15.50 18.54 -12.77
C2B 12V H . -14.32 12.77 -11.76
O2B 12V H . -12.54 17.24 -15.92
C3' 12V H . -8.63 20.20 -14.77
O3' 12V H . -8.00 21.27 -15.43
O3A 12V H . -13.22 17.73 -13.49
C3B 12V H . -13.44 14.01 -11.37
O3B 12V H . -12.47 13.53 -10.47
C4' 12V H . -7.62 19.74 -13.70
O4' 12V H . -6.45 19.43 -14.40
C4B 12V H . -14.44 14.92 -10.60
O4B 12V H . -15.53 14.08 -10.21
C5' 12V H . -8.09 18.46 -13.00
S5' 12V H . -9.70 18.80 -12.19
C5B 12V H . -14.99 16.07 -11.46
O5B 12V H . -14.14 17.10 -11.24
C6' 12V H . -7.28 18.04 -11.75
O6' 12V H . -7.23 19.06 -10.79
C7' 12V H . -11.64 22.39 -14.87
O7' 12V H . -11.81 22.70 -13.70
C8' 12V H . -12.41 23.04 -15.99
S SO4 I . -9.37 29.61 -0.62
O1 SO4 I . -9.35 31.01 -0.17
O2 SO4 I . -9.68 28.74 0.50
O3 SO4 I . -10.39 29.45 -1.64
O4 SO4 I . -8.06 29.28 -1.17
#